data_6A90
#
_entry.id   6A90
#
_cell.length_a   1
_cell.length_b   1
_cell.length_c   1
_cell.angle_alpha   90.00
_cell.angle_beta   90.00
_cell.angle_gamma   90.00
#
_symmetry.space_group_name_H-M   'P 1'
#
loop_
_entity.id
_entity.type
_entity.pdbx_description
1 polymer 'Sodium channel protein PaFPC1'
2 polymer Mu-diguetoxin-Dc1a
3 branched 2-acetamido-2-deoxy-beta-D-glucopyranose-(1-4)-2-acetamido-2-deoxy-beta-D-glucopyranose
4 non-polymer 2-acetamido-2-deoxy-beta-D-glucopyranose
5 non-polymer 'SODIUM ION'
#
loop_
_entity_poly.entity_id
_entity_poly.type
_entity_poly.pdbx_seq_one_letter_code
_entity_poly.pdbx_strand_id
1 'polypeptide(L)'
;MASWSHPQFEKGGGARGGSGGGSWSHPQFEKGFDYKDDDDKGTMADNSPLIREERQRLFRPYTRAMLTAPSAQPAKENGK
TEENKDNSRDKGRGANKDRDGSAHPDQALEQGSRLPARMRNIFPAELASTPLEDFDPFYKNKKTFVVVTKAGDIFRFSGE
KSLWMLDPFTPIRRVAISTMVQPIFSYFIMITILIHCIFMIMPATQTTYILELVFLSIYTIEVVVKVLARGFILHPFAYL
RDPWNWLDFLVTLIGYITLVVDLGHLYALRAFRVLRSWRTVTIVPGWRTIVDALSLSITSLKDLVLLLLFSLFVFAVLGL
QIYMGVLTQKCVKHFPADGSWGNFTDERWFNYTSNSSHWYIPDDWIEYPLCGNSSGAGMCPPGYTCLQGYGGNPNYGYTS
FDTFGWAFLSVFRLVTLDYWEDLYQLALRSAGPWHILFFIIVVFYGTFCFLNFILAVVVMSYTHMVKRADEEKAAERELK
KEKKAASVANNTANGQEQTTIEMNGDEAVVIDNNDQAARQQSDPETPAPSVTQRLTDFLCVWDCCVPWQKLQGAIGAVVL
SPFFELFIAVIIVLNITFMALDHHDMNIEFERILRTGNYIFTSIYIVEAVLKIIALSPKFYFKDSWNVFDFIIVVFAILE
LGLEGVQGLSVFRSFRLLRVFRLAKFWPTLNNFMSVMTKSYGAFVNVMYVMFLLLFIFAIIGMQLFGMNYIDNMERFPDG
DLPRWNFTDFLHSFMIVFRALCGEWIESMWDCMLVGDWSCIPFFVAVFFVGNLVILNLLIALLLNNYGSFCTSPTSDEED
SKDEDALAQIVRIFKRFKPNLNAVKLSPMKPDSEDIVESQEIQGNNIADAEDVLAGEFPPDCCCNAFYKCFPSRPARDSS
VQRMWSNIRRVCFLLAKNKYFQKFVTAVLVITSVLLALEDIYLPQRPVLVNITLYVDYVLTAFFVIEMIIMLFAVGFKKY
FTSKWYWLDFIVVVAYLLNFVLMCAGIEALQTLRLLRVFRLFRPLSKVNGMQVVTSTLVEAVPHIFNVILVGIFFWLVFA
IMGVQLFAGKFYKCVDENSTVLSHEITMDRNDCLHENYTWENSPMNFDHVGNAYLSLLQVATFKGWLQIMNDAIDSREVH
KQPIRETNIYMYLYFIFFIVFGSFFILKLFVCILIDIFRQQRRKAEGLSATDSRTQLIYRRAVMRTMSAKPVKRIPKPTC
HPQSLMYDISVNRKFEYTMMILIILNVAVMAIDHYGQSMEFSEVLDYLNLIFIIIFFVECVIKVSGLRHHYFKDPWNIID
FLYVVLAIAGLMLSDVIEKYFISPTLLRILRILRVGRLLRYFQSARGMRLLLLALRKALRTLFNVSFLLFVIMFVYAVFG
MEFFMHIRDAGAIDDVYNFKTFGQSIILLFQLATSAGWDGVYFAIANEEDCRAPDHELGYPGNCGSRALGIAYLVSYLII
TCLVVINMYAAVILDYVLEVYEDSKEGLTDDDYDMFFEVWQQFDPEATQYIRYDQLSELLEALQPPLQVQKPNKYKILSM
NIPICKDDHIFYKDVLEALVKDVFSRRGSPVEAGDVQAPNVDEAEYKPVSSTLQRQREEYCVRLIQNAWRKHKQQN
;
A
2 'polypeptide(L)' SAKDGDVEGPAGCKKYDVECDSGECCQKQYLWYKWRPLDCRCLKSGFFSSKCVCRDV B
#
loop_
_chem_comp.id
_chem_comp.type
_chem_comp.name
_chem_comp.formula
NA non-polymer 'SODIUM ION' 'Na 1'
NAG D-saccharide, beta linking 2-acetamido-2-deoxy-beta-D-glucopyranose 'C8 H15 N O6'
#
# COMPACT_ATOMS: atom_id res chain seq x y z
N ASP A 90 -16.67 21.41 28.35
CA ASP A 90 -17.17 22.75 28.66
C ASP A 90 -18.68 22.85 28.41
N LYS A 91 -19.14 22.23 27.32
CA LYS A 91 -20.56 22.29 26.96
C LYS A 91 -21.33 21.04 27.40
N GLY A 92 -20.74 19.86 27.23
CA GLY A 92 -21.43 18.63 27.57
C GLY A 92 -21.57 18.41 29.07
N ARG A 93 -20.52 18.78 29.82
CA ARG A 93 -20.62 18.82 31.27
C ARG A 93 -21.30 20.09 31.76
N GLY A 94 -21.54 21.05 30.87
CA GLY A 94 -22.41 22.17 31.21
C GLY A 94 -23.86 21.76 31.26
N ALA A 95 -24.22 20.71 30.54
CA ALA A 95 -25.54 20.09 30.64
C ALA A 95 -25.49 18.81 31.48
N ASN A 96 -24.47 18.65 32.32
CA ASN A 96 -24.37 17.45 33.15
C ASN A 96 -25.40 17.50 34.26
N LYS A 97 -25.20 18.38 35.23
CA LYS A 97 -26.19 18.56 36.28
C LYS A 97 -27.31 19.51 35.88
N ASP A 98 -27.25 20.09 34.68
CA ASP A 98 -28.26 21.05 34.29
C ASP A 98 -29.57 20.37 33.93
N ARG A 99 -29.53 19.42 33.00
CA ARG A 99 -30.75 18.68 32.66
C ARG A 99 -31.03 17.60 33.71
N ASP A 100 -29.98 17.11 34.39
CA ASP A 100 -30.17 16.17 35.50
C ASP A 100 -30.62 16.86 36.78
N GLY A 101 -30.60 18.19 36.82
CA GLY A 101 -31.23 18.91 37.90
C GLY A 101 -32.60 19.43 37.52
N SER A 102 -32.70 20.02 36.33
CA SER A 102 -33.92 20.71 35.91
C SER A 102 -34.83 19.84 35.05
N ALA A 103 -34.28 19.19 34.01
CA ALA A 103 -35.15 18.43 33.10
C ALA A 103 -35.58 17.11 33.73
N HIS A 104 -34.63 16.20 33.98
CA HIS A 104 -34.96 14.92 34.59
C HIS A 104 -33.71 14.27 35.19
N PRO A 105 -33.72 13.98 36.48
CA PRO A 105 -32.59 13.30 37.11
C PRO A 105 -32.59 11.82 36.76
N ASP A 106 -31.55 11.12 37.21
CA ASP A 106 -31.47 9.70 36.95
C ASP A 106 -32.45 8.94 37.83
N GLN A 107 -32.62 7.66 37.50
CA GLN A 107 -33.35 6.74 38.35
C GLN A 107 -32.43 5.72 39.02
N ALA A 108 -31.13 5.76 38.74
CA ALA A 108 -30.13 4.88 39.35
C ALA A 108 -28.74 5.45 39.08
N LEU A 109 -27.72 4.61 39.30
CA LEU A 109 -26.31 4.85 39.04
C LEU A 109 -25.58 3.53 39.26
N GLU A 110 -24.45 3.35 38.55
CA GLU A 110 -23.69 2.11 38.62
C GLU A 110 -22.24 2.37 38.25
N GLN A 111 -21.33 2.25 39.22
CA GLN A 111 -19.90 2.37 38.96
C GLN A 111 -19.17 1.60 40.05
N GLY A 112 -18.70 0.41 39.73
CA GLY A 112 -18.04 -0.43 40.72
C GLY A 112 -19.00 -0.97 41.77
N SER A 113 -19.88 -1.88 41.35
CA SER A 113 -20.85 -2.58 42.19
C SER A 113 -21.79 -1.60 42.91
N ARG A 114 -22.43 -0.74 42.12
CA ARG A 114 -23.37 0.25 42.64
C ARG A 114 -24.75 -0.09 42.11
N LEU A 115 -25.62 -0.59 42.99
CA LEU A 115 -26.89 -1.13 42.53
C LEU A 115 -28.06 -0.39 43.16
N PRO A 116 -27.98 0.93 43.28
CA PRO A 116 -29.09 1.70 43.85
C PRO A 116 -30.17 1.92 42.81
N ALA A 117 -31.24 2.60 43.24
CA ALA A 117 -32.32 2.98 42.35
C ALA A 117 -32.92 4.29 42.89
N ARG A 118 -32.46 5.41 42.36
CA ARG A 118 -32.92 6.71 42.81
C ARG A 118 -34.18 7.10 42.04
N MET A 119 -34.58 8.37 42.12
CA MET A 119 -35.66 8.86 41.29
C MET A 119 -35.35 10.29 40.87
N ARG A 120 -36.34 10.96 40.29
CA ARG A 120 -36.19 12.34 39.82
C ARG A 120 -36.72 13.33 40.84
N ASN A 121 -36.49 13.03 42.13
CA ASN A 121 -36.75 13.92 43.27
C ASN A 121 -38.22 14.27 43.42
N ILE A 122 -39.11 13.35 43.05
CA ILE A 122 -40.55 13.53 43.27
C ILE A 122 -41.03 12.48 44.24
N PHE A 123 -40.40 11.31 44.19
CA PHE A 123 -40.58 10.28 45.21
C PHE A 123 -39.26 9.55 45.36
N PRO A 124 -38.17 10.29 45.58
CA PRO A 124 -36.84 9.68 45.57
C PRO A 124 -36.58 8.88 46.83
N ALA A 125 -35.51 8.07 46.78
CA ALA A 125 -35.16 7.25 47.94
C ALA A 125 -33.64 7.19 48.07
N GLU A 126 -33.09 8.13 48.85
CA GLU A 126 -31.75 8.05 49.46
C GLU A 126 -30.63 7.88 48.44
N LEU A 127 -30.48 8.90 47.59
CA LEU A 127 -29.44 8.80 46.58
C LEU A 127 -28.08 9.19 47.15
N ALA A 128 -27.91 10.47 47.47
CA ALA A 128 -26.67 11.06 47.93
C ALA A 128 -26.94 12.52 48.29
N SER A 129 -26.04 13.08 49.10
CA SER A 129 -25.96 14.51 49.35
C SER A 129 -24.50 14.93 49.32
N THR A 130 -23.69 14.16 48.60
CA THR A 130 -22.24 14.16 48.51
C THR A 130 -21.62 14.12 49.91
N PRO A 131 -22.21 13.36 50.84
CA PRO A 131 -21.55 13.15 52.14
C PRO A 131 -20.74 11.86 52.13
N LEU A 132 -20.91 11.09 51.07
CA LEU A 132 -20.24 9.80 50.81
C LEU A 132 -20.44 8.82 51.97
N GLU A 133 -21.70 8.72 52.39
CA GLU A 133 -22.08 7.98 53.58
C GLU A 133 -22.38 6.52 53.21
N ASP A 134 -22.35 5.66 54.23
CA ASP A 134 -22.56 4.23 54.02
C ASP A 134 -23.41 3.64 55.14
N PHE A 135 -24.37 4.40 55.64
CA PHE A 135 -25.08 4.02 56.87
C PHE A 135 -26.26 3.08 56.63
N ASP A 136 -27.30 3.56 55.93
CA ASP A 136 -28.61 2.92 55.97
C ASP A 136 -28.70 1.61 55.21
N PRO A 137 -28.61 1.63 53.87
CA PRO A 137 -28.83 0.41 53.08
C PRO A 137 -27.54 -0.34 52.77
N PHE A 138 -27.66 -1.40 51.95
CA PHE A 138 -26.50 -2.14 51.49
C PHE A 138 -25.94 -1.59 50.17
N TYR A 139 -26.80 -1.29 49.21
CA TYR A 139 -26.35 -0.65 47.98
C TYR A 139 -26.00 0.81 48.20
N LYS A 140 -26.58 1.44 49.22
CA LYS A 140 -26.13 2.76 49.63
C LYS A 140 -24.84 2.69 50.44
N ASN A 141 -24.54 1.54 51.03
CA ASN A 141 -23.25 1.39 51.71
C ASN A 141 -22.11 1.30 50.70
N LYS A 142 -22.29 0.52 49.64
CA LYS A 142 -21.30 0.44 48.58
C LYS A 142 -21.34 1.67 47.67
N LYS A 143 -22.37 2.52 47.81
CA LYS A 143 -22.39 3.78 47.07
C LYS A 143 -21.30 4.73 47.56
N THR A 144 -20.90 4.60 48.83
CA THR A 144 -19.71 5.31 49.30
C THR A 144 -18.46 4.77 48.64
N PHE A 145 -18.41 3.46 48.41
CA PHE A 145 -17.31 2.87 47.66
C PHE A 145 -17.38 3.24 46.18
N VAL A 146 -18.59 3.44 45.67
CA VAL A 146 -18.74 3.99 44.32
C VAL A 146 -18.35 5.46 44.30
N VAL A 147 -18.57 6.17 45.41
CA VAL A 147 -18.15 7.56 45.50
C VAL A 147 -16.67 7.67 45.86
N VAL A 148 -16.12 6.67 46.55
CA VAL A 148 -14.66 6.63 46.73
C VAL A 148 -14.00 6.27 45.41
N THR A 149 -14.68 5.48 44.58
CA THR A 149 -14.27 5.29 43.20
C THR A 149 -14.50 6.54 42.37
N LYS A 150 -15.36 7.46 42.82
CA LYS A 150 -15.53 8.76 42.20
C LYS A 150 -14.54 9.79 42.71
N ALA A 151 -13.60 9.37 43.56
CA ALA A 151 -12.53 10.25 44.03
C ALA A 151 -11.22 10.05 43.28
N GLY A 152 -11.02 8.90 42.63
CA GLY A 152 -9.85 8.71 41.79
C GLY A 152 -10.22 8.50 40.33
N ASP A 153 -11.41 7.94 40.10
CA ASP A 153 -11.96 7.64 38.78
C ASP A 153 -13.35 8.25 38.66
N ILE A 154 -13.43 9.57 38.87
CA ILE A 154 -14.65 10.38 38.96
C ILE A 154 -15.67 10.12 37.86
N PHE A 155 -15.25 10.27 36.60
CA PHE A 155 -16.13 10.08 35.45
C PHE A 155 -15.47 9.10 34.48
N ARG A 156 -15.68 7.80 34.71
CA ARG A 156 -15.36 6.79 33.70
C ARG A 156 -16.40 5.69 33.55
N PHE A 157 -17.24 5.42 34.55
CA PHE A 157 -18.01 4.18 34.55
C PHE A 157 -19.45 4.32 35.00
N SER A 158 -19.91 5.53 35.34
CA SER A 158 -21.25 5.70 35.90
C SER A 158 -22.32 5.49 34.83
N GLY A 159 -23.33 4.70 35.17
CA GLY A 159 -24.38 4.37 34.23
C GLY A 159 -25.59 5.28 34.37
N GLU A 160 -25.69 6.25 33.47
CA GLU A 160 -26.69 7.31 33.57
C GLU A 160 -28.05 6.73 33.23
N LYS A 161 -28.94 6.70 34.22
CA LYS A 161 -30.24 6.07 33.99
C LYS A 161 -31.14 6.99 33.19
N SER A 162 -32.36 6.53 32.99
CA SER A 162 -33.27 7.23 32.11
C SER A 162 -33.93 8.38 32.84
N LEU A 163 -34.71 9.15 32.07
CA LEU A 163 -35.70 10.04 32.65
C LEU A 163 -36.80 9.21 33.29
N TRP A 164 -37.59 9.86 34.14
CA TRP A 164 -38.67 9.12 34.78
C TRP A 164 -39.78 8.85 33.77
N MET A 165 -40.49 9.90 33.35
CA MET A 165 -41.36 9.92 32.17
C MET A 165 -42.43 8.82 32.07
N LEU A 166 -42.64 8.04 33.13
CA LEU A 166 -43.60 6.96 33.13
C LEU A 166 -44.37 6.83 34.44
N ASP A 167 -44.05 7.65 35.44
CA ASP A 167 -44.56 7.63 36.81
C ASP A 167 -44.36 6.26 37.43
N PRO A 168 -43.22 5.62 37.19
CA PRO A 168 -42.94 4.31 37.79
C PRO A 168 -42.26 4.40 39.16
N PHE A 169 -43.09 4.68 40.17
CA PHE A 169 -42.64 4.73 41.56
C PHE A 169 -42.59 3.30 42.08
N THR A 170 -41.48 2.63 41.77
CA THR A 170 -41.24 1.22 42.08
C THR A 170 -42.37 0.20 41.82
N PRO A 171 -42.84 0.06 40.54
CA PRO A 171 -43.59 -1.15 40.19
C PRO A 171 -42.65 -2.26 39.77
N ILE A 172 -43.17 -3.24 39.04
CA ILE A 172 -42.37 -4.29 38.39
C ILE A 172 -41.26 -3.73 37.46
N ARG A 173 -41.36 -2.46 37.03
CA ARG A 173 -40.25 -1.79 36.33
C ARG A 173 -38.99 -1.67 37.19
N ARG A 174 -39.11 -1.74 38.53
CA ARG A 174 -37.94 -1.76 39.40
C ARG A 174 -37.18 -3.07 39.27
N VAL A 175 -37.88 -4.16 38.94
CA VAL A 175 -37.21 -5.44 38.71
C VAL A 175 -36.36 -5.38 37.45
N ALA A 176 -36.85 -4.69 36.42
CA ALA A 176 -36.10 -4.60 35.18
C ALA A 176 -34.94 -3.62 35.27
N ILE A 177 -35.03 -2.57 36.10
CA ILE A 177 -33.92 -1.64 36.22
C ILE A 177 -32.82 -2.22 37.10
N SER A 178 -33.12 -3.23 37.91
CA SER A 178 -32.09 -3.95 38.64
C SER A 178 -31.54 -5.14 37.86
N THR A 179 -32.34 -5.70 36.95
CA THR A 179 -31.85 -6.78 36.10
C THR A 179 -30.90 -6.25 35.03
N MET A 180 -31.17 -5.04 34.53
CA MET A 180 -30.44 -4.47 33.41
C MET A 180 -29.00 -4.11 33.80
N VAL A 181 -28.78 -3.67 35.04
CA VAL A 181 -27.48 -3.16 35.44
C VAL A 181 -26.59 -4.22 36.04
N GLN A 182 -27.03 -5.47 36.08
CA GLN A 182 -26.20 -6.54 36.64
C GLN A 182 -25.02 -6.82 35.73
N PRO A 183 -23.85 -7.10 36.31
CA PRO A 183 -22.69 -7.46 35.49
C PRO A 183 -22.79 -8.85 34.89
N ILE A 184 -23.72 -9.68 35.35
CA ILE A 184 -23.92 -11.00 34.77
C ILE A 184 -24.98 -10.98 33.66
N PHE A 185 -25.76 -9.91 33.56
CA PHE A 185 -26.69 -9.80 32.45
C PHE A 185 -25.96 -9.50 31.15
N SER A 186 -25.02 -8.58 31.18
CA SER A 186 -24.23 -8.29 29.99
C SER A 186 -23.05 -9.23 29.83
N TYR A 187 -22.83 -10.14 30.78
CA TYR A 187 -21.97 -11.28 30.49
C TYR A 187 -22.74 -12.41 29.84
N PHE A 188 -24.05 -12.48 30.07
CA PHE A 188 -24.82 -13.59 29.54
C PHE A 188 -25.18 -13.38 28.09
N ILE A 189 -25.57 -12.15 27.71
CA ILE A 189 -25.93 -11.88 26.33
C ILE A 189 -24.68 -11.91 25.47
N MET A 190 -23.53 -11.59 26.05
CA MET A 190 -22.28 -11.65 25.32
C MET A 190 -21.85 -13.08 25.05
N ILE A 191 -22.19 -14.02 25.94
CA ILE A 191 -21.83 -15.42 25.69
C ILE A 191 -22.72 -16.04 24.63
N THR A 192 -24.01 -15.70 24.60
CA THR A 192 -24.89 -16.24 23.57
C THR A 192 -24.54 -15.73 22.18
N ILE A 193 -23.96 -14.54 22.10
CA ILE A 193 -23.47 -14.05 20.81
C ILE A 193 -22.27 -14.87 20.36
N LEU A 194 -21.34 -15.17 21.27
CA LEU A 194 -20.18 -15.98 20.92
C LEU A 194 -20.55 -17.43 20.61
N ILE A 195 -21.64 -17.95 21.18
CA ILE A 195 -22.06 -19.30 20.81
C ILE A 195 -22.78 -19.29 19.47
N HIS A 196 -23.58 -18.26 19.19
CA HIS A 196 -24.29 -18.15 17.94
C HIS A 196 -23.37 -17.84 16.77
N CYS A 197 -22.17 -17.33 17.03
CA CYS A 197 -21.18 -17.23 15.97
C CYS A 197 -20.59 -18.58 15.60
N ILE A 198 -20.49 -19.49 16.56
CA ILE A 198 -19.94 -20.81 16.30
C ILE A 198 -20.86 -21.59 15.39
N PHE A 199 -22.16 -21.50 15.61
CA PHE A 199 -23.12 -22.21 14.79
C PHE A 199 -23.39 -21.52 13.44
N MET A 200 -22.59 -20.53 13.06
CA MET A 200 -22.59 -19.97 11.73
C MET A 200 -21.43 -20.47 10.88
N ILE A 201 -20.33 -20.90 11.48
CA ILE A 201 -19.27 -21.47 10.68
C ILE A 201 -19.52 -22.95 10.39
N MET A 202 -20.27 -23.65 11.26
CA MET A 202 -20.67 -25.01 10.97
C MET A 202 -21.76 -25.04 9.91
N PRO A 203 -21.79 -26.07 9.07
CA PRO A 203 -22.83 -26.16 8.05
C PRO A 203 -24.20 -26.39 8.65
N ALA A 204 -25.22 -25.95 7.92
CA ALA A 204 -26.59 -25.97 8.42
C ALA A 204 -27.12 -27.39 8.45
N THR A 205 -27.83 -27.72 9.53
CA THR A 205 -28.41 -29.05 9.70
C THR A 205 -29.80 -28.90 10.29
N GLN A 206 -30.36 -30.01 10.79
CA GLN A 206 -31.69 -29.99 11.38
C GLN A 206 -31.69 -29.25 12.72
N THR A 207 -30.63 -29.39 13.50
CA THR A 207 -30.55 -28.70 14.77
C THR A 207 -30.10 -27.26 14.64
N THR A 208 -29.69 -26.83 13.45
CA THR A 208 -29.36 -25.43 13.24
C THR A 208 -30.62 -24.56 13.26
N TYR A 209 -31.72 -25.08 12.72
CA TYR A 209 -32.97 -24.32 12.77
C TYR A 209 -33.55 -24.27 14.18
N ILE A 210 -33.29 -25.29 15.01
CA ILE A 210 -33.91 -25.29 16.33
C ILE A 210 -33.17 -24.40 17.31
N LEU A 211 -31.91 -24.03 17.04
CA LEU A 211 -31.24 -23.07 17.89
C LEU A 211 -31.55 -21.64 17.51
N GLU A 212 -31.92 -21.37 16.25
CA GLU A 212 -32.37 -20.05 15.86
C GLU A 212 -33.68 -19.68 16.54
N LEU A 213 -34.50 -20.68 16.91
CA LEU A 213 -35.64 -20.43 17.76
C LEU A 213 -35.22 -20.02 19.16
N VAL A 214 -34.10 -20.54 19.64
CA VAL A 214 -33.68 -20.28 21.02
C VAL A 214 -32.98 -18.94 21.12
N PHE A 215 -32.07 -18.64 20.19
CA PHE A 215 -31.31 -17.40 20.27
C PHE A 215 -32.17 -16.17 20.03
N LEU A 216 -33.17 -16.26 19.15
CA LEU A 216 -34.09 -15.15 18.96
C LEU A 216 -34.98 -14.96 20.18
N SER A 217 -35.18 -16.00 21.00
CA SER A 217 -35.92 -15.83 22.24
C SER A 217 -35.09 -15.12 23.29
N ILE A 218 -33.79 -15.39 23.36
CA ILE A 218 -32.94 -14.76 24.36
C ILE A 218 -32.65 -13.31 24.00
N TYR A 219 -32.55 -13.00 22.71
CA TYR A 219 -32.31 -11.63 22.28
C TYR A 219 -33.56 -10.78 22.36
N THR A 220 -34.73 -11.39 22.55
CA THR A 220 -35.95 -10.61 22.61
C THR A 220 -36.46 -10.43 24.04
N ILE A 221 -35.99 -11.24 24.99
CA ILE A 221 -36.16 -10.88 26.38
C ILE A 221 -35.29 -9.68 26.70
N GLU A 222 -34.10 -9.66 26.12
CA GLU A 222 -33.13 -8.59 26.30
C GLU A 222 -33.58 -7.28 25.67
N VAL A 223 -34.46 -7.30 24.67
CA VAL A 223 -35.02 -6.06 24.15
C VAL A 223 -36.28 -5.65 24.89
N VAL A 224 -36.89 -6.56 25.64
CA VAL A 224 -38.06 -6.22 26.45
C VAL A 224 -37.64 -5.66 27.81
N VAL A 225 -36.56 -6.20 28.39
CA VAL A 225 -36.06 -5.71 29.68
C VAL A 225 -35.61 -4.26 29.56
N LYS A 226 -34.79 -3.94 28.57
CA LYS A 226 -34.26 -2.59 28.44
C LYS A 226 -35.29 -1.57 27.98
N VAL A 227 -36.48 -1.99 27.57
CA VAL A 227 -37.57 -1.07 27.27
C VAL A 227 -38.62 -1.10 28.39
N LEU A 228 -38.71 -2.19 29.15
CA LEU A 228 -39.39 -2.12 30.45
C LEU A 228 -38.50 -1.62 31.56
N ALA A 229 -37.34 -1.04 31.25
CA ALA A 229 -36.53 -0.34 32.23
C ALA A 229 -36.17 1.06 31.76
N ARG A 230 -36.54 1.43 30.54
CA ARG A 230 -36.30 2.75 29.99
C ARG A 230 -37.54 3.12 29.19
N GLY A 231 -37.38 4.13 28.35
CA GLY A 231 -38.40 4.42 27.38
C GLY A 231 -38.10 3.74 26.06
N PHE A 232 -38.83 4.15 25.03
CA PHE A 232 -38.50 3.64 23.71
C PHE A 232 -37.61 4.65 22.99
N ILE A 233 -38.17 5.78 22.58
CA ILE A 233 -37.40 6.87 22.00
C ILE A 233 -38.03 8.17 22.50
N LEU A 234 -39.13 8.04 23.26
CA LEU A 234 -40.05 9.15 23.48
C LEU A 234 -39.47 10.25 24.36
N HIS A 235 -38.68 9.88 25.36
CA HIS A 235 -38.02 10.86 26.21
C HIS A 235 -36.51 10.76 25.98
N PRO A 236 -35.68 11.70 26.46
CA PRO A 236 -34.23 11.47 26.39
C PRO A 236 -33.80 10.35 27.32
N PHE A 237 -32.62 9.80 27.00
CA PHE A 237 -32.02 8.64 27.69
C PHE A 237 -32.95 7.42 27.62
N ALA A 238 -33.58 7.24 26.46
CA ALA A 238 -34.44 6.10 26.22
C ALA A 238 -33.63 4.98 25.56
N TYR A 239 -34.31 3.94 25.08
CA TYR A 239 -33.61 2.79 24.52
C TYR A 239 -33.04 3.10 23.14
N LEU A 240 -33.87 3.59 22.23
CA LEU A 240 -33.39 3.89 20.87
C LEU A 240 -32.65 5.20 20.76
N ARG A 241 -32.12 5.74 21.85
CA ARG A 241 -31.29 6.93 21.80
C ARG A 241 -29.81 6.62 21.73
N ASP A 242 -29.41 5.35 21.98
CA ASP A 242 -28.02 4.89 22.01
C ASP A 242 -27.71 4.11 20.75
N PRO A 243 -26.56 4.32 20.12
CA PRO A 243 -26.31 3.69 18.81
C PRO A 243 -26.04 2.20 18.87
N TRP A 244 -25.68 1.64 20.02
CA TRP A 244 -25.57 0.19 20.11
C TRP A 244 -26.92 -0.47 20.17
N ASN A 245 -27.95 0.25 20.60
CA ASN A 245 -29.28 -0.33 20.69
C ASN A 245 -30.04 -0.25 19.38
N TRP A 246 -29.58 0.56 18.43
CA TRP A 246 -30.13 0.48 17.08
C TRP A 246 -29.64 -0.75 16.33
N LEU A 247 -28.50 -1.30 16.73
CA LEU A 247 -28.03 -2.55 16.15
C LEU A 247 -28.91 -3.70 16.60
N ASP A 248 -28.92 -3.99 17.90
CA ASP A 248 -29.58 -5.17 18.45
C ASP A 248 -31.09 -5.05 18.46
N PHE A 249 -31.67 -4.00 17.89
CA PHE A 249 -33.10 -3.90 17.66
C PHE A 249 -33.48 -4.25 16.22
N LEU A 250 -32.81 -3.66 15.23
CA LEU A 250 -33.10 -3.98 13.84
C LEU A 250 -32.73 -5.40 13.49
N VAL A 251 -31.64 -5.91 14.08
CA VAL A 251 -31.23 -7.28 13.77
C VAL A 251 -32.20 -8.26 14.40
N THR A 252 -32.84 -7.89 15.51
CA THR A 252 -33.93 -8.70 16.05
C THR A 252 -35.18 -8.60 15.18
N LEU A 253 -35.45 -7.43 14.62
CA LEU A 253 -36.62 -7.30 13.75
C LEU A 253 -36.44 -8.03 12.42
N ILE A 254 -35.20 -8.13 11.94
CA ILE A 254 -34.93 -8.90 10.74
C ILE A 254 -35.11 -10.39 11.01
N GLY A 255 -34.68 -10.84 12.18
CA GLY A 255 -34.88 -12.24 12.56
C GLY A 255 -36.33 -12.60 12.80
N TYR A 256 -37.19 -11.63 13.08
CA TYR A 256 -38.62 -11.90 13.14
C TYR A 256 -39.21 -12.14 11.77
N ILE A 257 -38.84 -11.30 10.79
CA ILE A 257 -39.40 -11.38 9.45
C ILE A 257 -38.94 -12.66 8.75
N THR A 258 -37.75 -13.15 9.08
CA THR A 258 -37.27 -14.37 8.47
C THR A 258 -37.86 -15.62 9.12
N LEU A 259 -37.71 -15.76 10.45
CA LEU A 259 -38.08 -16.97 11.16
C LEU A 259 -39.58 -17.28 11.12
N VAL A 260 -40.36 -16.44 11.75
CA VAL A 260 -41.80 -16.47 11.57
C VAL A 260 -42.11 -15.89 10.20
N VAL A 261 -43.06 -16.50 9.49
CA VAL A 261 -43.24 -16.23 8.06
C VAL A 261 -43.80 -14.83 7.88
N ASP A 262 -42.94 -13.92 7.42
CA ASP A 262 -43.34 -12.56 7.11
C ASP A 262 -42.70 -12.21 5.77
N LEU A 263 -43.56 -11.90 4.80
CA LEU A 263 -43.28 -11.40 3.46
C LEU A 263 -42.64 -12.45 2.54
N GLY A 264 -42.15 -13.56 3.07
CA GLY A 264 -41.90 -14.75 2.30
C GLY A 264 -40.71 -14.77 1.34
N HIS A 265 -40.35 -13.62 0.78
CA HIS A 265 -39.68 -13.59 -0.51
C HIS A 265 -38.27 -13.01 -0.50
N LEU A 266 -37.87 -12.26 0.53
CA LEU A 266 -36.61 -11.52 0.42
C LEU A 266 -35.39 -12.42 0.55
N TYR A 267 -35.15 -12.99 1.75
CA TYR A 267 -34.13 -13.99 2.07
C TYR A 267 -32.69 -13.45 1.98
N ALA A 268 -32.50 -12.23 1.52
CA ALA A 268 -31.18 -11.61 1.52
C ALA A 268 -30.90 -10.87 2.81
N LEU A 269 -31.92 -10.55 3.58
CA LEU A 269 -31.73 -9.90 4.87
C LEU A 269 -31.18 -10.86 5.91
N ARG A 270 -31.37 -12.16 5.72
CA ARG A 270 -30.89 -13.15 6.67
C ARG A 270 -29.38 -13.17 6.76
N ALA A 271 -28.69 -12.74 5.70
CA ALA A 271 -27.24 -12.61 5.71
C ALA A 271 -26.77 -11.54 6.68
N PHE A 272 -27.60 -10.55 6.98
CA PHE A 272 -27.26 -9.41 7.80
C PHE A 272 -27.46 -9.65 9.29
N ARG A 273 -27.79 -10.87 9.68
CA ARG A 273 -28.00 -11.24 11.08
C ARG A 273 -26.69 -11.34 11.85
N VAL A 274 -25.55 -11.31 11.16
CA VAL A 274 -24.22 -11.43 11.77
C VAL A 274 -23.78 -10.13 12.39
N LEU A 275 -24.44 -9.01 12.05
CA LEU A 275 -24.03 -7.71 12.53
C LEU A 275 -24.22 -7.54 14.03
N ARG A 276 -24.95 -8.45 14.68
CA ARG A 276 -25.04 -8.42 16.13
C ARG A 276 -23.70 -8.71 16.77
N SER A 277 -22.84 -9.46 16.10
CA SER A 277 -21.53 -9.72 16.66
C SER A 277 -20.55 -8.59 16.43
N TRP A 278 -20.98 -7.38 16.13
CA TRP A 278 -20.07 -6.25 16.24
C TRP A 278 -19.89 -5.81 17.67
N ARG A 279 -20.85 -6.07 18.54
CA ARG A 279 -20.71 -5.65 19.93
C ARG A 279 -19.83 -6.56 20.76
N THR A 280 -19.11 -7.48 20.15
CA THR A 280 -18.10 -8.25 20.86
C THR A 280 -16.74 -7.57 20.83
N VAL A 281 -16.64 -6.39 20.22
CA VAL A 281 -15.42 -5.60 20.30
C VAL A 281 -15.24 -5.08 21.72
N THR A 282 -16.33 -4.86 22.43
CA THR A 282 -16.32 -4.34 23.79
C THR A 282 -15.89 -5.37 24.83
N ILE A 283 -15.20 -6.43 24.43
CA ILE A 283 -14.76 -7.44 25.38
C ILE A 283 -13.25 -7.41 25.60
N VAL A 284 -12.50 -6.73 24.74
CA VAL A 284 -11.04 -6.72 24.78
C VAL A 284 -10.57 -5.37 25.32
N PRO A 285 -9.70 -5.34 26.35
CA PRO A 285 -9.43 -4.08 27.07
C PRO A 285 -8.71 -3.06 26.22
N GLY A 286 -9.22 -1.83 26.23
CA GLY A 286 -8.68 -0.78 25.40
C GLY A 286 -9.39 -0.64 24.08
N TRP A 287 -10.65 -1.05 24.00
CA TRP A 287 -11.33 -1.11 22.72
C TRP A 287 -11.77 0.25 22.22
N ARG A 288 -11.97 1.22 23.10
CA ARG A 288 -12.55 2.49 22.70
C ARG A 288 -11.57 3.34 21.92
N THR A 289 -10.29 3.06 21.99
CA THR A 289 -9.33 3.88 21.28
C THR A 289 -9.31 3.51 19.80
N ILE A 290 -9.47 2.23 19.49
CA ILE A 290 -9.48 1.78 18.11
C ILE A 290 -10.85 1.98 17.47
N VAL A 291 -11.93 1.83 18.22
CA VAL A 291 -13.27 2.06 17.66
C VAL A 291 -13.55 3.55 17.47
N ASP A 292 -13.02 4.41 18.33
CA ASP A 292 -13.18 5.84 18.09
C ASP A 292 -12.29 6.36 16.98
N ALA A 293 -11.10 5.78 16.81
CA ALA A 293 -10.25 6.20 15.71
C ALA A 293 -10.77 5.70 14.38
N LEU A 294 -11.59 4.66 14.41
CA LEU A 294 -12.21 4.11 13.21
C LEU A 294 -13.43 4.92 12.81
N SER A 295 -14.19 5.41 13.78
CA SER A 295 -15.32 6.29 13.50
C SER A 295 -14.90 7.69 13.15
N LEU A 296 -13.83 8.20 13.76
CA LEU A 296 -13.32 9.52 13.43
C LEU A 296 -12.69 9.54 12.04
N SER A 297 -12.24 8.39 11.55
CA SER A 297 -11.70 8.31 10.20
C SER A 297 -12.79 8.46 9.17
N ILE A 298 -13.92 7.77 9.34
CA ILE A 298 -14.96 7.75 8.33
C ILE A 298 -15.67 9.09 8.25
N THR A 299 -15.79 9.79 9.38
CA THR A 299 -16.31 11.14 9.40
C THR A 299 -15.37 12.10 8.68
N SER A 300 -14.07 11.89 8.79
CA SER A 300 -13.09 12.80 8.20
C SER A 300 -12.75 12.47 6.76
N LEU A 301 -13.21 11.34 6.24
CA LEU A 301 -13.05 10.99 4.84
C LEU A 301 -14.23 11.42 3.99
N LYS A 302 -15.01 12.39 4.46
CA LYS A 302 -16.16 12.83 3.68
C LYS A 302 -15.74 13.69 2.51
N ASP A 303 -14.86 14.67 2.75
CA ASP A 303 -14.44 15.59 1.71
C ASP A 303 -13.32 15.05 0.84
N LEU A 304 -12.82 13.85 1.13
CA LEU A 304 -11.87 13.21 0.25
C LEU A 304 -12.59 12.35 -0.77
N VAL A 305 -13.68 11.71 -0.35
CA VAL A 305 -14.47 10.86 -1.24
C VAL A 305 -15.12 11.70 -2.33
N LEU A 306 -15.60 12.90 -2.00
CA LEU A 306 -16.17 13.77 -3.03
C LEU A 306 -15.12 14.27 -4.00
N LEU A 307 -13.87 14.34 -3.57
CA LEU A 307 -12.78 14.77 -4.43
C LEU A 307 -12.18 13.61 -5.21
N LEU A 308 -12.25 12.41 -4.66
CA LEU A 308 -11.89 11.22 -5.42
C LEU A 308 -12.94 10.89 -6.46
N LEU A 309 -14.23 10.98 -6.10
CA LEU A 309 -15.30 10.73 -7.06
C LEU A 309 -15.34 11.76 -8.17
N PHE A 310 -14.81 12.95 -7.95
CA PHE A 310 -14.69 13.93 -9.01
C PHE A 310 -13.56 13.56 -9.96
N SER A 311 -12.41 13.17 -9.43
CA SER A 311 -11.26 12.86 -10.27
C SER A 311 -11.42 11.52 -10.97
N LEU A 312 -12.08 10.55 -10.34
CA LEU A 312 -12.46 9.33 -11.03
C LEU A 312 -13.44 9.60 -12.14
N PHE A 313 -14.32 10.60 -11.99
CA PHE A 313 -15.23 11.00 -13.05
C PHE A 313 -14.49 11.59 -14.25
N VAL A 314 -13.43 12.34 -14.00
CA VAL A 314 -12.71 13.01 -15.07
C VAL A 314 -11.86 12.01 -15.85
N PHE A 315 -11.18 11.10 -15.15
CA PHE A 315 -10.35 10.09 -15.80
C PHE A 315 -11.17 9.04 -16.52
N ALA A 316 -12.42 8.84 -16.13
CA ALA A 316 -13.29 7.89 -16.80
C ALA A 316 -14.04 8.47 -17.96
N VAL A 317 -14.17 9.79 -18.03
CA VAL A 317 -14.59 10.38 -19.29
C VAL A 317 -13.41 10.44 -20.25
N LEU A 318 -12.22 10.67 -19.71
CA LEU A 318 -11.03 10.78 -20.55
C LEU A 318 -10.69 9.43 -21.17
N GLY A 319 -10.76 8.36 -20.38
CA GLY A 319 -10.57 7.02 -20.89
C GLY A 319 -11.70 6.48 -21.73
N LEU A 320 -12.91 6.98 -21.54
CA LEU A 320 -14.02 6.65 -22.44
C LEU A 320 -13.77 7.18 -23.83
N GLN A 321 -13.24 8.40 -23.93
CA GLN A 321 -13.14 9.06 -25.24
C GLN A 321 -12.01 8.51 -26.09
N ILE A 322 -10.93 8.02 -25.51
CA ILE A 322 -9.78 7.58 -26.30
C ILE A 322 -9.63 6.07 -26.34
N TYR A 323 -10.41 5.30 -25.58
CA TYR A 323 -10.31 3.85 -25.57
C TYR A 323 -11.62 3.15 -25.90
N MET A 324 -12.57 3.83 -26.50
CA MET A 324 -13.87 3.26 -26.79
C MET A 324 -13.77 2.32 -27.97
N GLY A 325 -14.11 1.05 -27.76
CA GLY A 325 -14.04 0.04 -28.80
C GLY A 325 -12.66 -0.50 -29.05
N VAL A 326 -11.66 -0.07 -28.28
CA VAL A 326 -10.28 -0.43 -28.55
C VAL A 326 -9.96 -1.82 -28.03
N LEU A 327 -10.59 -2.25 -26.94
CA LEU A 327 -10.30 -3.55 -26.39
C LEU A 327 -10.99 -4.69 -27.12
N THR A 328 -11.76 -4.42 -28.20
CA THR A 328 -12.35 -5.46 -29.03
C THR A 328 -11.49 -5.80 -30.25
N GLN A 329 -10.33 -5.21 -30.43
CA GLN A 329 -9.53 -5.39 -31.64
C GLN A 329 -8.93 -6.78 -31.69
N LYS A 330 -9.24 -7.54 -32.73
CA LYS A 330 -8.72 -8.88 -32.95
C LYS A 330 -8.08 -8.98 -34.31
N CYS A 331 -7.40 -10.09 -34.54
CA CYS A 331 -6.82 -10.40 -35.85
C CYS A 331 -7.81 -11.25 -36.61
N VAL A 332 -8.32 -10.77 -37.75
CA VAL A 332 -9.31 -11.48 -38.52
C VAL A 332 -8.70 -11.87 -39.85
N LYS A 333 -8.96 -13.10 -40.29
CA LYS A 333 -8.43 -13.63 -41.54
C LYS A 333 -9.05 -12.92 -42.74
N HIS A 334 -8.31 -12.86 -43.84
CA HIS A 334 -8.77 -12.23 -45.05
C HIS A 334 -9.88 -13.04 -45.72
N PHE A 335 -10.72 -12.34 -46.47
CA PHE A 335 -11.74 -13.01 -47.27
C PHE A 335 -11.03 -13.71 -48.43
N PRO A 336 -11.33 -14.98 -48.69
CA PRO A 336 -10.52 -15.77 -49.63
C PRO A 336 -10.74 -15.34 -51.08
N ALA A 337 -9.93 -15.93 -51.96
CA ALA A 337 -10.13 -15.84 -53.40
C ALA A 337 -10.69 -17.14 -53.98
N ASP A 338 -11.39 -17.92 -53.14
CA ASP A 338 -11.94 -19.22 -53.45
C ASP A 338 -12.91 -19.63 -52.35
N GLY A 339 -13.14 -20.92 -52.19
CA GLY A 339 -13.51 -21.46 -50.90
C GLY A 339 -15.00 -21.57 -50.66
N SER A 340 -15.31 -21.93 -49.41
CA SER A 340 -16.68 -22.21 -48.98
C SER A 340 -17.56 -20.98 -49.04
N TRP A 341 -16.96 -19.80 -48.90
CA TRP A 341 -17.66 -18.54 -49.06
C TRP A 341 -17.50 -18.11 -50.52
N GLY A 342 -18.63 -17.73 -51.12
CA GLY A 342 -18.65 -17.46 -52.54
C GLY A 342 -17.82 -16.24 -52.89
N ASN A 343 -17.36 -16.19 -54.14
CA ASN A 343 -16.29 -15.28 -54.53
C ASN A 343 -16.69 -13.82 -54.47
N PHE A 344 -17.97 -13.51 -54.37
CA PHE A 344 -18.44 -12.15 -54.50
C PHE A 344 -18.17 -11.43 -53.19
N THR A 345 -17.46 -10.30 -53.25
CA THR A 345 -17.21 -9.49 -52.05
C THR A 345 -18.35 -8.49 -51.89
N ASP A 346 -19.21 -8.76 -50.92
CA ASP A 346 -20.42 -8.04 -50.62
C ASP A 346 -20.60 -8.15 -49.11
N GLU A 347 -21.81 -8.11 -48.60
CA GLU A 347 -22.03 -8.47 -47.20
C GLU A 347 -21.72 -9.93 -46.83
N ARG A 348 -21.29 -10.79 -47.77
CA ARG A 348 -20.70 -12.05 -47.37
C ARG A 348 -19.36 -11.90 -46.71
N TRP A 349 -18.72 -10.74 -46.87
CA TRP A 349 -17.54 -10.39 -46.07
C TRP A 349 -17.90 -10.37 -44.60
N PHE A 350 -18.96 -9.66 -44.24
CA PHE A 350 -19.45 -9.59 -42.87
C PHE A 350 -19.93 -10.94 -42.33
N ASN A 351 -20.42 -11.83 -43.19
CA ASN A 351 -20.73 -13.20 -42.76
C ASN A 351 -19.47 -13.93 -42.37
N TYR A 352 -18.41 -13.75 -43.17
CA TYR A 352 -17.15 -14.45 -42.97
C TYR A 352 -16.41 -13.89 -41.77
N THR A 353 -16.56 -12.60 -41.52
CA THR A 353 -15.73 -11.93 -40.53
C THR A 353 -16.30 -12.09 -39.14
N SER A 354 -17.62 -12.15 -39.00
CA SER A 354 -18.26 -12.34 -37.71
C SER A 354 -18.14 -13.76 -37.20
N ASN A 355 -17.77 -14.68 -38.07
CA ASN A 355 -17.53 -16.09 -37.79
C ASN A 355 -16.34 -16.22 -36.87
N SER A 356 -16.51 -16.87 -35.72
CA SER A 356 -15.46 -16.86 -34.69
C SER A 356 -14.27 -17.73 -35.05
N SER A 357 -14.42 -18.65 -36.00
CA SER A 357 -13.35 -19.55 -36.39
C SER A 357 -12.29 -18.86 -37.25
N HIS A 358 -12.47 -17.58 -37.56
CA HIS A 358 -11.61 -16.82 -38.43
C HIS A 358 -10.85 -15.77 -37.67
N TRP A 359 -11.07 -15.68 -36.37
CA TRP A 359 -10.33 -14.79 -35.50
C TRP A 359 -9.17 -15.59 -34.97
N TYR A 360 -7.99 -14.99 -35.00
CA TYR A 360 -6.78 -15.69 -34.62
C TYR A 360 -6.74 -15.95 -33.13
N ILE A 361 -6.58 -17.22 -32.75
CA ILE A 361 -6.18 -17.56 -31.39
C ILE A 361 -5.14 -18.67 -31.45
N PRO A 362 -4.01 -18.51 -30.76
CA PRO A 362 -3.01 -19.57 -30.71
C PRO A 362 -3.48 -20.70 -29.80
N ASP A 363 -2.82 -21.85 -29.95
CA ASP A 363 -3.38 -23.09 -29.46
C ASP A 363 -3.23 -23.20 -27.94
N ASP A 364 -4.23 -23.83 -27.33
CA ASP A 364 -4.40 -23.97 -25.88
C ASP A 364 -4.37 -22.61 -25.18
N TRP A 365 -5.07 -21.64 -25.75
CA TRP A 365 -5.25 -20.33 -25.14
C TRP A 365 -6.74 -20.04 -24.97
N ILE A 366 -7.06 -19.35 -23.89
CA ILE A 366 -8.46 -19.10 -23.57
C ILE A 366 -8.96 -17.87 -24.30
N GLU A 367 -8.21 -16.78 -24.25
CA GLU A 367 -8.62 -15.50 -24.78
C GLU A 367 -7.89 -15.18 -26.07
N TYR A 368 -8.52 -14.38 -26.88
CA TYR A 368 -7.99 -13.93 -28.14
C TYR A 368 -6.97 -12.82 -27.91
N PRO A 369 -5.81 -12.87 -28.56
CA PRO A 369 -4.84 -11.79 -28.40
C PRO A 369 -5.28 -10.52 -29.12
N LEU A 370 -5.11 -9.40 -28.44
CA LEU A 370 -5.43 -8.15 -29.08
C LEU A 370 -4.33 -7.74 -30.02
N CYS A 371 -4.62 -6.75 -30.85
CA CYS A 371 -3.65 -6.25 -31.78
C CYS A 371 -4.01 -4.81 -32.10
N GLY A 372 -3.06 -4.08 -32.66
CA GLY A 372 -3.36 -2.75 -33.13
C GLY A 372 -2.58 -2.43 -34.40
N ASN A 373 -2.97 -1.35 -35.06
CA ASN A 373 -2.29 -0.87 -36.25
C ASN A 373 -1.17 0.11 -35.96
N SER A 374 -0.96 0.53 -34.72
CA SER A 374 0.12 1.47 -34.43
C SER A 374 1.46 0.76 -34.42
N SER A 375 2.51 1.48 -34.03
CA SER A 375 3.86 1.12 -34.43
C SER A 375 4.41 -0.02 -33.56
N GLY A 376 4.32 0.11 -32.25
CA GLY A 376 4.80 -0.99 -31.43
C GLY A 376 3.69 -1.77 -30.81
N ALA A 377 2.63 -1.98 -31.56
CA ALA A 377 1.43 -2.65 -31.08
C ALA A 377 1.50 -4.14 -31.41
N GLY A 378 0.35 -4.78 -31.33
CA GLY A 378 0.20 -6.22 -31.39
C GLY A 378 0.74 -7.02 -32.55
N MET A 379 0.73 -6.45 -33.76
CA MET A 379 1.36 -7.04 -34.95
C MET A 379 0.79 -8.41 -35.31
N CYS A 380 -0.41 -8.44 -35.88
CA CYS A 380 -1.13 -9.59 -36.43
C CYS A 380 -0.23 -10.44 -37.34
N PRO A 381 -0.43 -11.75 -37.37
CA PRO A 381 0.41 -12.63 -38.20
C PRO A 381 0.13 -12.43 -39.68
N PRO A 382 0.98 -12.94 -40.57
CA PRO A 382 0.70 -12.81 -42.00
C PRO A 382 -0.51 -13.62 -42.43
N GLY A 383 -1.39 -12.96 -43.18
CA GLY A 383 -2.68 -13.50 -43.55
C GLY A 383 -3.83 -12.97 -42.74
N TYR A 384 -3.67 -11.83 -42.05
CA TYR A 384 -4.62 -11.36 -41.05
C TYR A 384 -4.68 -9.83 -41.09
N THR A 385 -5.62 -9.26 -40.32
CA THR A 385 -5.84 -7.80 -40.27
C THR A 385 -6.52 -7.46 -38.95
N CYS A 386 -6.04 -6.43 -38.26
CA CYS A 386 -6.66 -5.96 -37.03
C CYS A 386 -7.97 -5.24 -37.30
N LEU A 387 -9.06 -5.73 -36.74
CA LEU A 387 -10.37 -5.16 -36.97
C LEU A 387 -11.10 -4.96 -35.65
N GLN A 388 -11.85 -3.87 -35.54
CA GLN A 388 -12.71 -3.60 -34.39
C GLN A 388 -14.10 -4.17 -34.58
N GLY A 389 -14.72 -4.51 -33.47
CA GLY A 389 -16.15 -4.72 -33.41
C GLY A 389 -16.64 -6.16 -33.47
N TYR A 390 -15.76 -7.13 -33.27
CA TYR A 390 -16.14 -8.53 -33.37
C TYR A 390 -15.84 -9.22 -32.07
N GLY A 391 -16.81 -9.94 -31.54
CA GLY A 391 -16.64 -10.57 -30.25
C GLY A 391 -16.67 -9.55 -29.13
N GLY A 392 -16.28 -10.02 -27.96
CA GLY A 392 -16.37 -9.22 -26.76
C GLY A 392 -15.06 -8.60 -26.35
N ASN A 393 -15.14 -7.91 -25.22
CA ASN A 393 -14.01 -7.35 -24.52
C ASN A 393 -13.38 -8.45 -23.66
N PRO A 394 -12.18 -8.25 -23.13
CA PRO A 394 -11.60 -9.27 -22.25
C PRO A 394 -12.33 -9.40 -20.93
N ASN A 395 -11.96 -10.46 -20.20
CA ASN A 395 -12.36 -10.72 -18.82
C ASN A 395 -13.86 -10.85 -18.68
N TYR A 396 -14.44 -11.74 -19.49
CA TYR A 396 -15.89 -12.00 -19.61
C TYR A 396 -16.68 -10.76 -20.03
N GLY A 397 -16.04 -9.83 -20.72
CA GLY A 397 -16.70 -8.62 -21.14
C GLY A 397 -16.71 -7.52 -20.12
N TYR A 398 -15.95 -7.66 -19.04
CA TYR A 398 -16.04 -6.72 -17.93
C TYR A 398 -14.92 -5.70 -17.94
N THR A 399 -13.87 -5.93 -18.69
CA THR A 399 -12.80 -4.95 -18.89
C THR A 399 -13.07 -4.23 -20.20
N SER A 400 -13.56 -2.99 -20.12
CA SER A 400 -13.81 -2.20 -21.32
C SER A 400 -13.85 -0.74 -20.95
N PHE A 401 -13.74 0.10 -21.96
CA PHE A 401 -14.03 1.52 -21.85
C PHE A 401 -15.19 1.92 -22.74
N ASP A 402 -16.14 1.01 -22.93
CA ASP A 402 -17.17 1.17 -23.96
C ASP A 402 -18.39 1.95 -23.50
N THR A 403 -18.71 1.94 -22.21
CA THR A 403 -19.79 2.75 -21.67
C THR A 403 -19.19 3.53 -20.51
N PHE A 404 -19.95 4.45 -19.92
CA PHE A 404 -19.42 5.16 -18.76
C PHE A 404 -19.38 4.28 -17.53
N GLY A 405 -20.26 3.28 -17.43
CA GLY A 405 -20.23 2.39 -16.29
C GLY A 405 -18.97 1.56 -16.22
N TRP A 406 -18.62 0.88 -17.31
CA TRP A 406 -17.44 0.04 -17.33
C TRP A 406 -16.16 0.83 -17.39
N ALA A 407 -16.19 2.08 -17.84
CA ALA A 407 -15.01 2.90 -17.78
C ALA A 407 -14.72 3.36 -16.37
N PHE A 408 -15.75 3.49 -15.54
CA PHE A 408 -15.56 3.95 -14.18
C PHE A 408 -14.91 2.85 -13.34
N LEU A 409 -15.31 1.61 -13.58
CA LEU A 409 -14.73 0.47 -12.90
C LEU A 409 -13.28 0.23 -13.33
N SER A 410 -12.94 0.48 -14.58
CA SER A 410 -11.57 0.25 -15.03
C SER A 410 -10.63 1.35 -14.57
N VAL A 411 -11.13 2.57 -14.48
CA VAL A 411 -10.35 3.66 -13.91
C VAL A 411 -10.22 3.47 -12.41
N PHE A 412 -11.16 2.79 -11.78
CA PHE A 412 -11.06 2.56 -10.35
C PHE A 412 -10.10 1.43 -10.00
N ARG A 413 -10.02 0.37 -10.81
CA ARG A 413 -9.01 -0.65 -10.55
C ARG A 413 -7.61 -0.20 -10.92
N LEU A 414 -7.47 0.94 -11.58
CA LEU A 414 -6.17 1.49 -11.89
C LEU A 414 -5.71 2.45 -10.81
N VAL A 415 -6.65 3.09 -10.11
CA VAL A 415 -6.32 3.85 -8.91
C VAL A 415 -5.98 2.91 -7.77
N THR A 416 -6.70 1.80 -7.67
CA THR A 416 -6.48 0.81 -6.64
C THR A 416 -5.14 0.11 -6.78
N LEU A 417 -4.85 -0.31 -8.02
CA LEU A 417 -3.62 -1.00 -8.34
C LEU A 417 -3.69 -2.54 -8.35
N ASP A 418 -4.88 -3.17 -8.45
CA ASP A 418 -4.85 -4.61 -8.47
C ASP A 418 -5.02 -5.13 -9.88
N TYR A 419 -4.08 -6.00 -10.28
CA TYR A 419 -4.06 -6.67 -11.56
C TYR A 419 -4.10 -5.65 -12.68
N TRP A 420 -3.47 -4.49 -12.43
CA TRP A 420 -3.51 -3.35 -13.31
C TRP A 420 -2.57 -3.54 -14.45
N GLU A 421 -1.59 -4.43 -14.26
CA GLU A 421 -0.65 -4.79 -15.31
C GLU A 421 -1.32 -5.58 -16.40
N ASP A 422 -2.49 -6.14 -16.14
CA ASP A 422 -3.22 -6.78 -17.21
C ASP A 422 -3.87 -5.74 -18.11
N LEU A 423 -4.57 -4.78 -17.50
CA LEU A 423 -5.18 -3.68 -18.24
C LEU A 423 -4.13 -2.79 -18.90
N TYR A 424 -2.99 -2.61 -18.25
CA TYR A 424 -1.89 -1.87 -18.85
C TYR A 424 -1.34 -2.56 -20.08
N GLN A 425 -1.28 -3.87 -20.05
CA GLN A 425 -0.78 -4.62 -21.16
C GLN A 425 -1.84 -4.94 -22.20
N LEU A 426 -3.11 -4.84 -21.81
CA LEU A 426 -4.21 -5.04 -22.73
C LEU A 426 -4.54 -3.73 -23.47
N ALA A 427 -3.91 -2.63 -23.05
CA ALA A 427 -4.13 -1.34 -23.66
C ALA A 427 -2.97 -0.86 -24.50
N LEU A 428 -1.74 -1.15 -24.12
CA LEU A 428 -0.63 -0.78 -24.97
C LEU A 428 -0.39 -1.76 -26.09
N ARG A 429 -0.97 -2.95 -26.03
CA ARG A 429 -0.86 -3.86 -27.15
C ARG A 429 -1.81 -3.50 -28.27
N SER A 430 -2.98 -2.96 -27.96
CA SER A 430 -3.93 -2.60 -29.00
C SER A 430 -3.88 -1.14 -29.38
N ALA A 431 -3.42 -0.26 -28.52
CA ALA A 431 -3.33 1.15 -28.87
C ALA A 431 -1.92 1.65 -29.10
N GLY A 432 -0.91 1.03 -28.51
CA GLY A 432 0.46 1.40 -28.79
C GLY A 432 1.22 1.89 -27.58
N PRO A 433 2.54 2.01 -27.69
CA PRO A 433 3.35 2.35 -26.52
C PRO A 433 3.24 3.77 -26.03
N TRP A 434 2.80 4.73 -26.86
CA TRP A 434 2.73 6.11 -26.39
C TRP A 434 1.59 6.37 -25.43
N HIS A 435 0.71 5.41 -25.24
CA HIS A 435 -0.35 5.49 -24.25
C HIS A 435 0.10 5.16 -22.85
N ILE A 436 1.42 5.10 -22.57
CA ILE A 436 1.90 5.07 -21.20
C ILE A 436 1.57 6.37 -20.48
N LEU A 437 1.41 7.47 -21.23
CA LEU A 437 1.11 8.77 -20.66
C LEU A 437 -0.28 8.82 -20.03
N PHE A 438 -1.21 7.99 -20.48
CA PHE A 438 -2.47 7.84 -19.75
C PHE A 438 -2.25 7.15 -18.42
N PHE A 439 -1.34 6.21 -18.36
CA PHE A 439 -1.14 5.44 -17.14
C PHE A 439 -0.18 6.10 -16.18
N ILE A 440 0.65 7.04 -16.63
CA ILE A 440 1.50 7.76 -15.70
C ILE A 440 0.68 8.78 -14.92
N ILE A 441 -0.29 9.41 -15.58
CA ILE A 441 -1.10 10.44 -14.94
C ILE A 441 -2.09 9.83 -13.96
N VAL A 442 -2.71 8.72 -14.33
CA VAL A 442 -3.70 8.14 -13.44
C VAL A 442 -3.02 7.44 -12.25
N VAL A 443 -1.78 6.99 -12.40
CA VAL A 443 -1.05 6.46 -11.25
C VAL A 443 -0.46 7.59 -10.41
N PHE A 444 -0.01 8.69 -11.02
CA PHE A 444 0.52 9.79 -10.21
C PHE A 444 -0.57 10.47 -9.40
N TYR A 445 -1.68 10.82 -10.03
CA TYR A 445 -2.73 11.51 -9.30
C TYR A 445 -3.70 10.58 -8.61
N GLY A 446 -3.81 9.32 -9.04
CA GLY A 446 -4.71 8.43 -8.36
C GLY A 446 -4.15 7.76 -7.13
N THR A 447 -3.10 6.96 -7.28
CA THR A 447 -2.64 6.12 -6.19
C THR A 447 -1.46 6.71 -5.44
N PHE A 448 -0.75 7.66 -6.03
CA PHE A 448 0.38 8.26 -5.33
C PHE A 448 0.00 9.56 -4.66
N CYS A 449 -1.16 10.12 -4.98
CA CYS A 449 -1.62 11.32 -4.29
C CYS A 449 -2.91 11.08 -3.52
N PHE A 450 -3.96 10.60 -4.15
CA PHE A 450 -5.26 10.52 -3.49
C PHE A 450 -5.38 9.34 -2.55
N LEU A 451 -4.58 8.30 -2.71
CA LEU A 451 -4.62 7.23 -1.74
C LEU A 451 -3.66 7.44 -0.60
N ASN A 452 -2.82 8.47 -0.66
CA ASN A 452 -2.02 8.87 0.47
C ASN A 452 -2.65 9.99 1.27
N PHE A 453 -3.64 10.66 0.71
CA PHE A 453 -4.48 11.53 1.51
C PHE A 453 -5.37 10.71 2.43
N ILE A 454 -5.72 9.49 2.03
CA ILE A 454 -6.50 8.60 2.87
C ILE A 454 -5.67 8.14 4.06
N LEU A 455 -4.43 7.76 3.81
CA LEU A 455 -3.52 7.38 4.89
C LEU A 455 -3.28 8.53 5.85
N ALA A 456 -3.12 9.74 5.33
CA ALA A 456 -2.87 10.91 6.16
C ALA A 456 -4.05 11.27 7.04
N VAL A 457 -5.26 10.92 6.64
CA VAL A 457 -6.44 11.20 7.46
C VAL A 457 -6.62 10.13 8.53
N VAL A 458 -6.33 8.88 8.19
CA VAL A 458 -6.38 7.78 9.16
C VAL A 458 -5.30 7.94 10.24
N VAL A 459 -4.14 8.47 9.88
CA VAL A 459 -3.08 8.68 10.86
C VAL A 459 -3.43 9.83 11.80
N MET A 460 -4.03 10.89 11.27
CA MET A 460 -4.42 12.00 12.15
C MET A 460 -5.57 11.63 13.07
N SER A 461 -6.46 10.74 12.64
CA SER A 461 -7.56 10.34 13.49
C SER A 461 -7.10 9.44 14.62
N TYR A 462 -6.12 8.59 14.36
CA TYR A 462 -5.58 7.72 15.38
C TYR A 462 -4.66 8.45 16.33
N THR A 463 -3.93 9.44 15.85
CA THR A 463 -3.03 10.18 16.73
C THR A 463 -3.81 11.08 17.67
N HIS A 464 -4.98 11.56 17.22
CA HIS A 464 -5.82 12.38 18.07
C HIS A 464 -6.46 11.59 19.20
N MET A 465 -6.67 10.29 19.02
CA MET A 465 -7.27 9.46 20.06
C MET A 465 -6.25 8.93 21.05
N VAL A 466 -5.04 8.61 20.59
CA VAL A 466 -3.98 8.20 21.49
C VAL A 466 -3.48 9.37 22.31
N LYS A 467 -3.53 10.58 21.75
CA LYS A 467 -3.16 11.77 22.51
C LYS A 467 -4.17 12.07 23.61
N ARG A 468 -5.45 11.83 23.36
CA ARG A 468 -6.47 11.97 24.40
C ARG A 468 -6.34 10.87 25.45
N ALA A 469 -6.10 9.64 25.02
CA ALA A 469 -6.05 8.52 25.95
C ALA A 469 -4.81 8.57 26.84
N ASP A 470 -3.70 9.08 26.34
CA ASP A 470 -2.49 9.13 27.15
C ASP A 470 -2.56 10.21 28.22
N GLU A 471 -3.17 11.35 27.93
CA GLU A 471 -3.27 12.38 28.95
C GLU A 471 -4.40 12.09 29.93
N GLU A 472 -5.42 11.33 29.53
CA GLU A 472 -6.46 10.92 30.46
C GLU A 472 -5.93 9.86 31.43
N LYS A 473 -5.01 9.02 30.97
CA LYS A 473 -4.39 8.05 31.86
C LYS A 473 -3.34 8.69 32.74
N ALA A 474 -2.62 9.69 32.22
CA ALA A 474 -1.58 10.35 33.00
C ALA A 474 -2.16 11.16 34.14
N ALA A 475 -3.38 11.66 34.00
CA ALA A 475 -4.07 12.28 35.12
C ALA A 475 -4.46 11.23 36.16
N GLU A 476 -4.81 10.02 35.72
CA GLU A 476 -5.16 8.95 36.64
C GLU A 476 -3.93 8.40 37.35
N ARG A 477 -2.77 8.39 36.69
CA ARG A 477 -1.56 7.87 37.34
C ARG A 477 -1.06 8.83 38.41
N GLU A 478 -1.02 10.12 38.12
CA GLU A 478 -0.62 11.12 39.11
C GLU A 478 -1.81 11.58 39.92
N CYS A 545 27.27 -28.98 53.28
CA CYS A 545 27.20 -27.55 53.01
C CYS A 545 28.60 -26.93 52.97
N VAL A 546 29.60 -27.68 53.42
CA VAL A 546 30.99 -27.20 53.38
C VAL A 546 31.57 -27.31 51.97
N PRO A 547 31.46 -28.43 51.22
CA PRO A 547 31.84 -28.33 49.80
C PRO A 547 30.75 -27.73 48.92
N TRP A 548 29.51 -27.69 49.41
CA TRP A 548 28.39 -27.19 48.60
C TRP A 548 28.49 -25.68 48.40
N GLN A 549 28.83 -24.94 49.46
CA GLN A 549 29.12 -23.52 49.30
C GLN A 549 30.46 -23.29 48.65
N LYS A 550 31.35 -24.28 48.67
CA LYS A 550 32.70 -24.11 48.14
C LYS A 550 32.70 -24.10 46.62
N LEU A 551 32.01 -25.06 45.99
CA LEU A 551 31.95 -25.10 44.54
C LEU A 551 31.06 -24.01 43.95
N GLN A 552 30.09 -23.51 44.71
CA GLN A 552 29.17 -22.51 44.18
C GLN A 552 29.88 -21.19 43.94
N GLY A 553 30.90 -20.87 44.73
CA GLY A 553 31.72 -19.72 44.42
C GLY A 553 32.66 -19.95 43.25
N ALA A 554 32.87 -21.22 42.89
CA ALA A 554 33.70 -21.59 41.75
C ALA A 554 32.86 -21.79 40.49
N ILE A 555 31.70 -22.43 40.62
CA ILE A 555 30.79 -22.58 39.49
C ILE A 555 30.22 -21.23 39.08
N GLY A 556 29.87 -20.40 40.05
CA GLY A 556 29.42 -19.06 39.76
C GLY A 556 30.49 -18.13 39.22
N ALA A 557 31.76 -18.52 39.31
CA ALA A 557 32.84 -17.66 38.85
C ALA A 557 32.98 -17.67 37.34
N VAL A 558 32.44 -18.69 36.67
CA VAL A 558 32.56 -18.75 35.22
C VAL A 558 31.22 -18.41 34.59
N VAL A 559 30.13 -18.71 35.29
CA VAL A 559 28.79 -18.53 34.74
C VAL A 559 28.39 -17.06 34.72
N LEU A 560 28.69 -16.32 35.79
CA LEU A 560 28.37 -14.89 35.85
C LEU A 560 29.15 -14.07 34.84
N SER A 561 30.37 -14.51 34.49
CA SER A 561 31.26 -13.73 33.66
C SER A 561 30.76 -13.64 32.22
N PRO A 562 31.10 -12.58 31.48
CA PRO A 562 30.68 -12.49 30.07
C PRO A 562 31.61 -13.22 29.11
N PHE A 563 32.05 -14.41 29.47
CA PHE A 563 32.76 -15.31 28.57
C PHE A 563 32.03 -16.63 28.37
N PHE A 564 31.38 -17.14 29.41
CA PHE A 564 30.41 -18.21 29.25
C PHE A 564 29.18 -17.72 28.50
N GLU A 565 28.84 -16.44 28.65
CA GLU A 565 27.77 -15.84 27.85
C GLU A 565 28.16 -15.67 26.40
N LEU A 566 29.45 -15.60 26.10
CA LEU A 566 29.87 -15.54 24.70
C LEU A 566 29.82 -16.92 24.06
N PHE A 567 30.15 -17.95 24.84
CA PHE A 567 30.20 -19.31 24.29
C PHE A 567 28.81 -19.86 23.98
N ILE A 568 27.81 -19.50 24.78
CA ILE A 568 26.45 -19.90 24.45
C ILE A 568 25.95 -19.12 23.25
N ALA A 569 26.41 -17.89 23.08
CA ALA A 569 26.02 -17.10 21.91
C ALA A 569 26.57 -17.67 20.61
N VAL A 570 27.71 -18.34 20.66
CA VAL A 570 28.27 -18.94 19.46
C VAL A 570 27.50 -20.21 19.09
N ILE A 571 27.09 -20.97 20.10
CA ILE A 571 26.40 -22.23 19.86
C ILE A 571 24.97 -22.00 19.36
N ILE A 572 24.31 -20.96 19.85
CA ILE A 572 22.97 -20.64 19.37
C ILE A 572 23.02 -20.19 17.93
N VAL A 573 24.03 -19.40 17.55
CA VAL A 573 24.23 -19.03 16.15
C VAL A 573 24.56 -20.26 15.32
N LEU A 574 25.33 -21.18 15.88
CA LEU A 574 25.65 -22.43 15.22
C LEU A 574 24.49 -23.41 15.19
N ASN A 575 23.55 -23.31 16.14
CA ASN A 575 22.35 -24.15 16.10
C ASN A 575 21.34 -23.66 15.07
N ILE A 576 21.24 -22.34 14.90
CA ILE A 576 20.37 -21.78 13.86
C ILE A 576 20.87 -22.17 12.49
N THR A 577 22.19 -22.24 12.32
CA THR A 577 22.79 -22.63 11.06
C THR A 577 22.48 -24.10 10.72
N PHE A 578 22.51 -24.98 11.71
CA PHE A 578 22.16 -26.38 11.43
C PHE A 578 20.69 -26.59 11.15
N MET A 579 19.81 -25.72 11.63
CA MET A 579 18.40 -25.88 11.28
C MET A 579 18.07 -25.33 9.90
N ALA A 580 18.91 -24.43 9.37
CA ALA A 580 18.76 -23.89 8.04
C ALA A 580 19.43 -24.74 6.97
N LEU A 581 20.32 -25.64 7.35
CA LEU A 581 20.97 -26.54 6.41
C LEU A 581 20.18 -27.80 6.17
N ASP A 582 19.06 -27.99 6.85
CA ASP A 582 18.21 -29.13 6.59
C ASP A 582 17.42 -28.85 5.31
N HIS A 583 17.34 -29.85 4.43
CA HIS A 583 16.65 -29.70 3.16
C HIS A 583 16.23 -31.08 2.67
N HIS A 584 15.68 -31.13 1.48
CA HIS A 584 15.25 -32.35 0.83
C HIS A 584 16.39 -32.93 0.01
N ASP A 585 16.46 -34.27 -0.02
CA ASP A 585 17.46 -35.04 -0.77
C ASP A 585 18.88 -34.74 -0.30
N MET A 586 19.15 -35.09 0.95
CA MET A 586 20.48 -35.00 1.54
C MET A 586 21.21 -36.33 1.39
N ASN A 587 22.53 -36.28 1.27
CA ASN A 587 23.24 -37.54 1.24
C ASN A 587 23.50 -38.01 2.66
N ILE A 588 24.15 -39.16 2.78
CA ILE A 588 24.08 -39.90 4.03
C ILE A 588 25.05 -39.37 5.08
N GLU A 589 26.18 -38.77 4.66
CA GLU A 589 27.12 -38.25 5.64
C GLU A 589 26.77 -36.84 6.09
N PHE A 590 26.23 -36.01 5.19
CA PHE A 590 25.84 -34.66 5.55
C PHE A 590 24.62 -34.66 6.44
N GLU A 591 23.75 -35.65 6.30
CA GLU A 591 22.62 -35.76 7.19
C GLU A 591 23.02 -36.28 8.55
N ARG A 592 24.15 -36.98 8.64
CA ARG A 592 24.62 -37.46 9.93
C ARG A 592 25.23 -36.35 10.77
N ILE A 593 25.87 -35.38 10.12
CA ILE A 593 26.43 -34.21 10.80
C ILE A 593 25.32 -33.41 11.47
N LEU A 594 24.16 -33.33 10.84
CA LEU A 594 23.05 -32.59 11.42
C LEU A 594 22.35 -33.36 12.52
N ARG A 595 22.47 -34.69 12.57
CA ARG A 595 21.93 -35.39 13.72
C ARG A 595 22.90 -35.39 14.89
N THR A 596 24.18 -35.65 14.64
CA THR A 596 25.13 -35.70 15.73
C THR A 596 25.47 -34.32 16.27
N GLY A 597 25.14 -33.26 15.53
CA GLY A 597 25.23 -31.93 16.11
C GLY A 597 24.05 -31.60 17.00
N ASN A 598 22.89 -32.18 16.71
CA ASN A 598 21.72 -32.02 17.57
C ASN A 598 21.95 -32.63 18.94
N TYR A 599 22.69 -33.73 19.01
CA TYR A 599 22.96 -34.34 20.30
C TYR A 599 23.93 -33.50 21.12
N ILE A 600 24.84 -32.80 20.45
CA ILE A 600 25.80 -31.96 21.15
C ILE A 600 25.17 -30.65 21.60
N PHE A 601 24.30 -30.07 20.77
CA PHE A 601 23.60 -28.84 21.14
C PHE A 601 22.64 -29.07 22.30
N THR A 602 22.00 -30.23 22.34
CA THR A 602 21.03 -30.50 23.39
C THR A 602 21.72 -30.67 24.74
N SER A 603 22.81 -31.45 24.77
CA SER A 603 23.50 -31.71 26.03
C SER A 603 24.22 -30.47 26.55
N ILE A 604 24.60 -29.53 25.67
CA ILE A 604 25.20 -28.29 26.14
C ILE A 604 24.14 -27.39 26.76
N TYR A 605 22.92 -27.40 26.23
CA TYR A 605 21.85 -26.63 26.85
C TYR A 605 21.44 -27.22 28.20
N ILE A 606 21.61 -28.53 28.38
CA ILE A 606 21.33 -29.18 29.66
C ILE A 606 22.42 -28.84 30.68
N VAL A 607 23.68 -28.86 30.28
CA VAL A 607 24.77 -28.57 31.18
C VAL A 607 24.73 -27.11 31.63
N GLU A 608 24.43 -26.20 30.72
CA GLU A 608 24.35 -24.79 31.11
C GLU A 608 23.08 -24.48 31.88
N ALA A 609 22.09 -25.36 31.90
CA ALA A 609 20.92 -25.17 32.74
C ALA A 609 21.03 -25.86 34.08
N VAL A 610 22.05 -26.69 34.29
CA VAL A 610 22.30 -27.25 35.60
C VAL A 610 23.49 -26.57 36.28
N LEU A 611 24.39 -25.95 35.51
CA LEU A 611 25.37 -25.05 36.08
C LEU A 611 24.81 -23.66 36.33
N LYS A 612 23.53 -23.44 36.07
CA LYS A 612 22.93 -22.14 36.29
C LYS A 612 22.11 -22.12 37.57
N ILE A 613 21.39 -23.19 37.87
CA ILE A 613 20.64 -23.24 39.12
C ILE A 613 21.57 -23.47 40.29
N ILE A 614 22.71 -24.15 40.06
CA ILE A 614 23.67 -24.34 41.14
C ILE A 614 24.40 -23.04 41.44
N ALA A 615 24.74 -22.28 40.40
CA ALA A 615 25.49 -21.05 40.61
C ALA A 615 24.64 -19.98 41.27
N LEU A 616 23.46 -19.71 40.72
CA LEU A 616 22.70 -18.56 41.19
C LEU A 616 21.91 -18.88 42.45
N SER A 617 20.85 -19.68 42.30
CA SER A 617 19.95 -20.25 43.30
C SER A 617 18.90 -21.03 42.52
N PRO A 618 18.23 -22.00 43.13
CA PRO A 618 17.00 -22.51 42.51
C PRO A 618 15.84 -21.54 42.58
N LYS A 619 15.90 -20.53 43.44
CA LYS A 619 14.85 -19.52 43.51
C LYS A 619 15.24 -18.22 42.82
N PHE A 620 16.50 -18.05 42.46
CA PHE A 620 16.89 -16.93 41.62
C PHE A 620 16.97 -17.30 40.15
N TYR A 621 16.94 -18.59 39.83
CA TYR A 621 16.86 -18.99 38.43
C TYR A 621 15.49 -18.67 37.86
N PHE A 622 14.43 -18.95 38.60
CA PHE A 622 13.09 -18.68 38.09
C PHE A 622 12.69 -17.22 38.23
N LYS A 623 13.61 -16.36 38.66
CA LYS A 623 13.38 -14.92 38.82
C LYS A 623 13.20 -14.24 37.48
N ASP A 624 14.26 -14.23 36.67
CA ASP A 624 14.18 -13.52 35.40
C ASP A 624 13.52 -14.38 34.34
N SER A 625 12.97 -13.71 33.34
CA SER A 625 12.16 -14.37 32.34
C SER A 625 12.97 -15.01 31.23
N TRP A 626 14.25 -14.69 31.10
CA TRP A 626 15.04 -15.42 30.11
C TRP A 626 15.46 -16.78 30.62
N ASN A 627 15.65 -16.95 31.92
CA ASN A 627 15.98 -18.28 32.42
C ASN A 627 14.77 -19.19 32.46
N VAL A 628 13.56 -18.65 32.44
CA VAL A 628 12.39 -19.51 32.40
C VAL A 628 11.99 -19.82 30.97
N PHE A 629 12.50 -19.07 29.99
CA PHE A 629 12.36 -19.47 28.60
C PHE A 629 13.46 -20.42 28.17
N ASP A 630 14.66 -20.28 28.74
CA ASP A 630 15.71 -21.27 28.51
C ASP A 630 15.34 -22.61 29.14
N PHE A 631 14.55 -22.58 30.21
CA PHE A 631 14.19 -23.82 30.88
C PHE A 631 13.09 -24.57 30.15
N ILE A 632 12.23 -23.88 29.40
CA ILE A 632 11.26 -24.56 28.56
C ILE A 632 11.95 -25.25 27.39
N ILE A 633 13.07 -24.70 26.92
CA ILE A 633 13.79 -25.30 25.80
C ILE A 633 14.42 -26.63 26.20
N VAL A 634 15.01 -26.70 27.39
CA VAL A 634 15.62 -27.97 27.81
C VAL A 634 14.58 -28.98 28.27
N VAL A 635 13.34 -28.57 28.55
CA VAL A 635 12.30 -29.56 28.81
C VAL A 635 11.87 -30.22 27.52
N PHE A 636 11.62 -29.41 26.49
CA PHE A 636 11.18 -29.95 25.21
C PHE A 636 12.27 -30.74 24.51
N ALA A 637 13.53 -30.39 24.72
CA ALA A 637 14.61 -31.14 24.10
C ALA A 637 14.78 -32.51 24.75
N ILE A 638 14.37 -32.67 26.00
CA ILE A 638 14.31 -33.99 26.60
C ILE A 638 13.20 -34.82 25.97
N LEU A 639 12.05 -34.20 25.69
CA LEU A 639 10.93 -34.91 25.10
C LEU A 639 11.23 -35.37 23.67
N GLU A 640 12.07 -34.64 22.94
CA GLU A 640 12.45 -35.09 21.61
C GLU A 640 13.41 -36.26 21.66
N LEU A 641 14.05 -36.50 22.80
CA LEU A 641 14.97 -37.60 22.97
C LEU A 641 14.39 -38.75 23.77
N GLY A 642 13.41 -38.50 24.62
CA GLY A 642 12.70 -39.56 25.30
C GLY A 642 11.66 -40.18 24.40
N LEU A 643 11.02 -39.35 23.58
CA LEU A 643 10.11 -39.79 22.54
C LEU A 643 10.79 -39.75 21.18
N GLU A 644 12.06 -40.14 21.18
CA GLU A 644 12.88 -40.17 19.96
C GLU A 644 12.28 -41.09 18.91
N GLY A 645 11.74 -42.23 19.33
CA GLY A 645 11.23 -43.17 18.37
C GLY A 645 9.99 -43.92 18.82
N VAL A 646 9.26 -43.39 19.81
CA VAL A 646 8.15 -44.16 20.34
C VAL A 646 6.93 -43.98 19.45
N GLN A 647 6.33 -42.77 19.47
CA GLN A 647 5.19 -42.36 18.66
C GLN A 647 5.05 -40.85 18.80
N GLY A 648 4.23 -40.27 17.92
CA GLY A 648 3.68 -38.92 18.02
C GLY A 648 4.67 -37.79 18.13
N LEU A 649 5.89 -37.96 17.62
CA LEU A 649 7.00 -37.07 17.86
C LEU A 649 7.08 -35.93 16.84
N SER A 650 6.11 -35.83 15.95
CA SER A 650 6.11 -34.72 14.99
C SER A 650 5.80 -33.40 15.68
N VAL A 651 4.91 -33.41 16.68
CA VAL A 651 4.57 -32.20 17.41
C VAL A 651 5.75 -31.74 18.24
N PHE A 652 6.48 -32.66 18.85
CA PHE A 652 7.47 -32.26 19.82
C PHE A 652 8.78 -31.79 19.20
N ARG A 653 9.09 -32.21 17.98
CA ARG A 653 10.26 -31.67 17.32
C ARG A 653 10.00 -30.33 16.65
N SER A 654 8.76 -29.87 16.61
CA SER A 654 8.49 -28.55 16.07
C SER A 654 9.02 -27.45 16.97
N PHE A 655 9.20 -27.72 18.26
CA PHE A 655 9.62 -26.75 19.24
C PHE A 655 11.13 -26.60 19.31
N ARG A 656 11.85 -27.06 18.29
CA ARG A 656 13.22 -26.63 18.08
C ARG A 656 13.30 -25.24 17.47
N LEU A 657 12.22 -24.74 16.86
CA LEU A 657 12.23 -23.40 16.29
C LEU A 657 12.27 -22.31 17.36
N LEU A 658 11.89 -22.63 18.59
CA LEU A 658 11.91 -21.65 19.66
C LEU A 658 13.32 -21.29 20.10
N ARG A 659 14.32 -22.08 19.72
CA ARG A 659 15.71 -21.74 20.01
C ARG A 659 16.22 -20.61 19.14
N VAL A 660 15.54 -20.30 18.04
CA VAL A 660 15.91 -19.17 17.21
C VAL A 660 15.68 -17.87 17.97
N PHE A 661 14.63 -17.83 18.78
CA PHE A 661 14.31 -16.65 19.57
C PHE A 661 15.24 -16.45 20.75
N ARG A 662 16.18 -17.34 21.01
CA ARG A 662 17.20 -17.07 22.01
C ARG A 662 18.29 -16.17 21.51
N LEU A 663 18.35 -15.90 20.21
CA LEU A 663 19.24 -14.88 19.68
C LEU A 663 18.77 -13.48 20.07
N ALA A 664 17.52 -13.34 20.48
CA ALA A 664 16.95 -12.07 20.89
C ALA A 664 17.56 -11.50 22.15
N LYS A 665 18.27 -12.29 22.94
CA LYS A 665 18.88 -11.76 24.15
C LYS A 665 20.23 -11.13 23.86
N PHE A 666 20.99 -11.73 22.96
CA PHE A 666 22.38 -11.34 22.78
C PHE A 666 22.50 -10.08 21.94
N TRP A 667 22.03 -10.10 20.70
CA TRP A 667 22.33 -8.90 19.94
C TRP A 667 21.21 -7.88 20.08
N PRO A 668 21.55 -6.62 20.34
CA PRO A 668 20.55 -5.67 20.84
C PRO A 668 19.73 -4.94 19.80
N THR A 669 20.00 -5.10 18.51
CA THR A 669 19.10 -4.53 17.53
C THR A 669 17.79 -5.28 17.50
N LEU A 670 17.84 -6.60 17.58
CA LEU A 670 16.64 -7.40 17.68
C LEU A 670 16.04 -7.37 19.07
N ASN A 671 16.85 -7.12 20.10
CA ASN A 671 16.34 -7.03 21.46
C ASN A 671 15.52 -5.76 21.66
N ASN A 672 15.96 -4.65 21.08
CA ASN A 672 15.19 -3.41 21.15
C ASN A 672 13.89 -3.52 20.37
N PHE A 673 13.89 -4.29 19.28
CA PHE A 673 12.69 -4.48 18.50
C PHE A 673 11.65 -5.30 19.23
N MET A 674 12.09 -6.24 20.07
CA MET A 674 11.17 -7.05 20.86
C MET A 674 10.57 -6.29 22.03
N SER A 675 11.27 -5.26 22.52
CA SER A 675 10.78 -4.54 23.69
C SER A 675 9.61 -3.64 23.34
N VAL A 676 9.56 -3.15 22.10
CA VAL A 676 8.44 -2.32 21.67
C VAL A 676 7.19 -3.18 21.51
N MET A 677 7.35 -4.44 21.10
CA MET A 677 6.22 -5.35 21.02
C MET A 677 5.65 -5.68 22.40
N THR A 678 6.50 -5.74 23.42
CA THR A 678 6.01 -6.05 24.75
C THR A 678 5.56 -4.81 25.51
N LYS A 679 5.99 -3.62 25.09
CA LYS A 679 5.59 -2.41 25.78
C LYS A 679 4.12 -2.08 25.51
N SER A 680 3.79 -1.89 24.24
CA SER A 680 2.43 -1.59 23.81
C SER A 680 1.95 -2.76 22.96
N TYR A 681 1.45 -3.80 23.62
CA TYR A 681 0.98 -5.00 22.94
C TYR A 681 -0.52 -5.01 22.72
N GLY A 682 -1.30 -4.50 23.67
CA GLY A 682 -2.74 -4.53 23.57
C GLY A 682 -3.28 -3.57 22.54
N ALA A 683 -2.49 -2.60 22.13
CA ALA A 683 -2.84 -1.78 20.98
C ALA A 683 -2.78 -2.57 19.69
N PHE A 684 -1.91 -3.57 19.60
CA PHE A 684 -1.92 -4.45 18.44
C PHE A 684 -2.99 -5.52 18.54
N VAL A 685 -3.38 -5.91 19.76
CA VAL A 685 -4.42 -6.91 19.94
C VAL A 685 -5.78 -6.35 19.56
N ASN A 686 -6.01 -5.06 19.79
CA ASN A 686 -7.28 -4.46 19.39
C ASN A 686 -7.38 -4.31 17.88
N VAL A 687 -6.29 -3.91 17.23
CA VAL A 687 -6.31 -3.76 15.78
C VAL A 687 -6.43 -5.12 15.11
N MET A 688 -5.75 -6.13 15.65
CA MET A 688 -5.81 -7.45 15.05
C MET A 688 -7.10 -8.19 15.36
N TYR A 689 -7.80 -7.84 16.42
CA TYR A 689 -9.09 -8.47 16.66
C TYR A 689 -10.20 -7.76 15.90
N VAL A 690 -10.11 -6.44 15.75
CA VAL A 690 -11.02 -5.71 14.87
C VAL A 690 -10.81 -6.12 13.43
N MET A 691 -9.59 -6.50 13.05
CA MET A 691 -9.34 -6.92 11.68
C MET A 691 -10.02 -8.25 11.37
N PHE A 692 -9.83 -9.26 12.23
CA PHE A 692 -10.45 -10.55 11.96
C PHE A 692 -11.92 -10.62 12.29
N LEU A 693 -12.46 -9.62 12.97
CA LEU A 693 -13.90 -9.64 13.21
C LEU A 693 -14.65 -9.05 12.03
N LEU A 694 -14.14 -7.97 11.43
CA LEU A 694 -14.71 -7.48 10.17
C LEU A 694 -14.62 -8.52 9.08
N LEU A 695 -13.53 -9.28 9.05
CA LEU A 695 -13.42 -10.35 8.06
C LEU A 695 -14.42 -11.47 8.34
N PHE A 696 -14.70 -11.73 9.62
CA PHE A 696 -15.73 -12.70 9.98
C PHE A 696 -17.11 -12.23 9.54
N ILE A 697 -17.38 -10.94 9.60
CA ILE A 697 -18.70 -10.44 9.22
C ILE A 697 -18.87 -10.46 7.70
N PHE A 698 -17.84 -10.09 6.93
CA PHE A 698 -17.97 -10.16 5.49
C PHE A 698 -17.93 -11.59 4.96
N ALA A 699 -17.47 -12.54 5.74
CA ALA A 699 -17.41 -13.92 5.29
C ALA A 699 -18.72 -14.67 5.49
N ILE A 700 -19.45 -14.36 6.56
CA ILE A 700 -20.77 -14.97 6.73
C ILE A 700 -21.79 -14.29 5.83
N ILE A 701 -21.68 -12.97 5.65
CA ILE A 701 -22.53 -12.28 4.70
C ILE A 701 -22.30 -12.78 3.28
N GLY A 702 -21.05 -13.07 2.92
CA GLY A 702 -20.75 -13.49 1.57
C GLY A 702 -21.31 -14.85 1.21
N MET A 703 -21.16 -15.82 2.10
CA MET A 703 -21.63 -17.15 1.76
C MET A 703 -23.13 -17.30 1.90
N GLN A 704 -23.81 -16.39 2.57
CA GLN A 704 -25.26 -16.44 2.59
C GLN A 704 -25.89 -15.69 1.44
N LEU A 705 -25.09 -14.90 0.74
CA LEU A 705 -25.63 -14.11 -0.37
C LEU A 705 -25.14 -14.59 -1.73
N PHE A 706 -23.89 -15.03 -1.80
CA PHE A 706 -23.34 -15.50 -3.06
C PHE A 706 -23.04 -16.98 -3.03
N GLY A 707 -23.50 -17.71 -2.01
CA GLY A 707 -23.03 -19.07 -1.81
C GLY A 707 -23.65 -20.07 -2.76
N MET A 708 -24.97 -20.00 -2.94
CA MET A 708 -25.65 -20.97 -3.79
C MET A 708 -25.62 -20.59 -5.27
N ASN A 709 -25.04 -19.46 -5.63
CA ASN A 709 -24.82 -19.17 -7.04
C ASN A 709 -23.68 -20.02 -7.59
N TYR A 710 -22.65 -20.25 -6.78
CA TYR A 710 -21.49 -21.00 -7.23
C TYR A 710 -21.81 -22.45 -7.51
N ILE A 711 -22.84 -23.01 -6.90
CA ILE A 711 -23.23 -24.39 -7.13
C ILE A 711 -24.26 -24.50 -8.25
N ASP A 712 -25.25 -23.61 -8.26
CA ASP A 712 -26.35 -23.75 -9.21
C ASP A 712 -25.92 -23.36 -10.61
N ASN A 713 -25.25 -22.22 -10.76
CA ASN A 713 -24.83 -21.73 -12.06
C ASN A 713 -23.38 -22.07 -12.37
N MET A 714 -22.92 -23.25 -11.91
CA MET A 714 -21.53 -23.66 -11.99
C MET A 714 -21.06 -23.88 -13.42
N GLU A 715 -21.97 -24.02 -14.36
CA GLU A 715 -21.66 -24.30 -15.76
C GLU A 715 -21.01 -23.11 -16.47
N ARG A 716 -21.16 -21.89 -15.94
CA ARG A 716 -20.59 -20.72 -16.60
C ARG A 716 -19.08 -20.64 -16.51
N PHE A 717 -18.47 -21.36 -15.57
CA PHE A 717 -17.03 -21.32 -15.40
C PHE A 717 -16.36 -22.07 -16.55
N PRO A 718 -15.11 -21.68 -16.93
CA PRO A 718 -14.55 -22.14 -18.22
C PRO A 718 -14.31 -23.64 -18.38
N ASP A 719 -14.11 -24.37 -17.29
CA ASP A 719 -14.04 -25.82 -17.39
C ASP A 719 -15.33 -26.48 -16.92
N GLY A 720 -16.23 -25.74 -16.29
CA GLY A 720 -17.42 -26.31 -15.69
C GLY A 720 -17.24 -26.75 -14.26
N ASP A 721 -16.18 -26.31 -13.58
CA ASP A 721 -15.89 -26.68 -12.21
C ASP A 721 -15.71 -25.42 -11.38
N LEU A 722 -15.75 -25.58 -10.05
CA LEU A 722 -15.54 -24.46 -9.15
C LEU A 722 -14.09 -23.98 -9.23
N PRO A 723 -13.85 -22.69 -9.08
CA PRO A 723 -12.47 -22.21 -8.87
C PRO A 723 -11.97 -22.59 -7.48
N ARG A 724 -10.69 -22.29 -7.26
CA ARG A 724 -10.12 -22.50 -5.94
C ARG A 724 -10.59 -21.46 -4.95
N TRP A 725 -11.21 -20.39 -5.41
CA TRP A 725 -11.57 -19.23 -4.62
C TRP A 725 -13.04 -18.97 -4.86
N ASN A 726 -13.88 -19.24 -3.86
CA ASN A 726 -15.31 -19.11 -4.04
C ASN A 726 -15.95 -18.76 -2.71
N PHE A 727 -17.28 -18.81 -2.66
CA PHE A 727 -18.04 -18.52 -1.46
C PHE A 727 -18.83 -19.72 -0.99
N THR A 728 -18.32 -20.93 -1.18
CA THR A 728 -19.17 -22.10 -1.01
C THR A 728 -19.23 -22.62 0.42
N ASP A 729 -18.23 -22.41 1.26
CA ASP A 729 -18.35 -22.75 2.68
C ASP A 729 -17.66 -21.65 3.46
N PHE A 730 -17.35 -21.91 4.74
CA PHE A 730 -16.84 -20.83 5.57
C PHE A 730 -15.38 -20.51 5.27
N LEU A 731 -14.53 -21.54 5.23
CA LEU A 731 -13.09 -21.28 5.07
C LEU A 731 -12.78 -20.74 3.69
N HIS A 732 -13.54 -21.11 2.68
CA HIS A 732 -13.35 -20.51 1.36
C HIS A 732 -13.84 -19.08 1.32
N SER A 733 -14.92 -18.77 2.04
CA SER A 733 -15.41 -17.41 2.11
C SER A 733 -14.54 -16.55 2.98
N PHE A 734 -13.86 -17.13 3.97
CA PHE A 734 -12.93 -16.34 4.75
C PHE A 734 -11.69 -16.01 3.94
N MET A 735 -11.32 -16.86 2.99
CA MET A 735 -10.12 -16.60 2.20
C MET A 735 -10.37 -15.75 0.98
N ILE A 736 -11.59 -15.72 0.44
CA ILE A 736 -11.84 -14.81 -0.67
C ILE A 736 -12.01 -13.40 -0.16
N VAL A 737 -12.30 -13.24 1.13
CA VAL A 737 -12.46 -11.93 1.76
C VAL A 737 -11.14 -11.44 2.34
N PHE A 738 -10.33 -12.35 2.89
CA PHE A 738 -8.99 -12.00 3.34
C PHE A 738 -8.12 -11.58 2.18
N ARG A 739 -8.34 -12.17 1.00
CA ARG A 739 -7.60 -11.81 -0.18
C ARG A 739 -7.89 -10.37 -0.62
N ALA A 740 -9.12 -9.90 -0.44
CA ALA A 740 -9.46 -8.54 -0.80
C ALA A 740 -9.08 -7.52 0.25
N LEU A 741 -8.83 -7.96 1.49
CA LEU A 741 -8.15 -7.12 2.46
C LEU A 741 -6.76 -6.75 1.99
N CYS A 742 -6.04 -7.71 1.44
CA CYS A 742 -4.67 -7.56 0.97
C CYS A 742 -4.55 -6.75 -0.31
N GLY A 743 -5.65 -6.35 -0.91
CA GLY A 743 -5.63 -5.46 -2.04
C GLY A 743 -5.96 -6.06 -3.36
N GLU A 744 -6.66 -7.18 -3.40
CA GLU A 744 -6.78 -7.97 -4.62
C GLU A 744 -8.22 -8.47 -4.74
N TRP A 745 -9.08 -7.64 -5.29
CA TRP A 745 -10.51 -7.83 -5.21
C TRP A 745 -11.19 -8.09 -6.55
N ILE A 746 -10.58 -7.78 -7.69
CA ILE A 746 -11.33 -7.71 -8.93
C ILE A 746 -11.44 -9.04 -9.67
N GLU A 747 -10.49 -9.96 -9.54
CA GLU A 747 -10.66 -11.27 -10.16
C GLU A 747 -11.69 -12.09 -9.41
N SER A 748 -11.84 -11.84 -8.12
CA SER A 748 -12.91 -12.42 -7.33
C SER A 748 -14.24 -11.77 -7.66
N MET A 749 -14.24 -10.48 -7.98
CA MET A 749 -15.49 -9.82 -8.34
C MET A 749 -15.95 -10.22 -9.74
N TRP A 750 -15.02 -10.61 -10.62
CA TRP A 750 -15.38 -11.03 -11.97
C TRP A 750 -16.20 -12.31 -11.98
N ASP A 751 -15.91 -13.27 -11.12
CA ASP A 751 -16.69 -14.50 -11.20
C ASP A 751 -17.81 -14.61 -10.17
N CYS A 752 -17.88 -13.69 -9.21
CA CYS A 752 -19.09 -13.54 -8.42
C CYS A 752 -20.20 -12.95 -9.26
N MET A 753 -19.82 -12.13 -10.23
CA MET A 753 -20.72 -11.44 -11.12
C MET A 753 -21.01 -12.22 -12.38
N LEU A 754 -20.11 -13.11 -12.77
CA LEU A 754 -20.40 -14.06 -13.85
C LEU A 754 -21.50 -15.02 -13.43
N VAL A 755 -21.49 -15.41 -12.17
CA VAL A 755 -22.35 -16.45 -11.66
C VAL A 755 -23.55 -15.86 -10.93
N GLY A 756 -23.56 -14.56 -10.69
CA GLY A 756 -24.58 -13.91 -9.91
C GLY A 756 -25.23 -12.71 -10.55
N ASP A 757 -25.15 -11.56 -9.89
CA ASP A 757 -25.77 -10.34 -10.41
C ASP A 757 -24.92 -9.14 -10.00
N TRP A 758 -25.53 -7.95 -10.00
CA TRP A 758 -24.82 -6.70 -9.72
C TRP A 758 -24.40 -6.55 -8.27
N SER A 759 -24.90 -7.38 -7.37
CA SER A 759 -24.72 -7.21 -5.93
C SER A 759 -23.30 -7.50 -5.46
N CYS A 760 -22.45 -8.07 -6.31
CA CYS A 760 -21.06 -8.27 -5.96
C CYS A 760 -20.27 -6.98 -6.02
N ILE A 761 -20.70 -6.01 -6.83
CA ILE A 761 -19.96 -4.76 -7.02
C ILE A 761 -20.02 -3.88 -5.77
N PRO A 762 -21.15 -3.69 -5.05
CA PRO A 762 -21.03 -3.06 -3.73
C PRO A 762 -20.36 -3.92 -2.68
N PHE A 763 -20.26 -5.23 -2.86
CA PHE A 763 -19.67 -6.06 -1.82
C PHE A 763 -18.16 -5.95 -1.83
N PHE A 764 -17.53 -6.19 -2.98
CA PHE A 764 -16.09 -6.18 -3.05
C PHE A 764 -15.50 -4.79 -2.96
N VAL A 765 -16.26 -3.74 -3.27
CA VAL A 765 -15.77 -2.38 -3.03
C VAL A 765 -15.79 -2.07 -1.54
N ALA A 766 -16.83 -2.49 -0.83
CA ALA A 766 -16.96 -2.16 0.58
C ALA A 766 -16.01 -2.95 1.46
N VAL A 767 -15.65 -4.18 1.07
CA VAL A 767 -14.67 -4.95 1.82
C VAL A 767 -13.25 -4.53 1.48
N PHE A 768 -13.03 -3.96 0.30
CA PHE A 768 -11.74 -3.35 0.01
C PHE A 768 -11.59 -2.00 0.69
N PHE A 769 -12.68 -1.24 0.80
CA PHE A 769 -12.58 0.09 1.38
C PHE A 769 -12.32 0.01 2.88
N VAL A 770 -13.21 -0.66 3.62
CA VAL A 770 -13.07 -0.78 5.07
C VAL A 770 -11.82 -1.57 5.42
N GLY A 771 -11.56 -2.64 4.68
CA GLY A 771 -10.46 -3.52 5.04
C GLY A 771 -9.10 -2.97 4.68
N ASN A 772 -8.91 -2.59 3.42
CA ASN A 772 -7.58 -2.15 3.02
C ASN A 772 -7.35 -0.67 3.33
N LEU A 773 -8.24 0.21 2.92
CA LEU A 773 -7.88 1.62 2.97
C LEU A 773 -8.03 2.23 4.35
N VAL A 774 -8.71 1.58 5.29
CA VAL A 774 -8.85 2.08 6.64
C VAL A 774 -8.16 1.19 7.66
N ILE A 775 -8.40 -0.12 7.61
CA ILE A 775 -7.83 -1.00 8.63
C ILE A 775 -6.34 -1.24 8.42
N LEU A 776 -5.89 -1.39 7.17
CA LEU A 776 -4.46 -1.53 6.97
C LEU A 776 -3.71 -0.21 7.12
N ASN A 777 -4.39 0.91 7.05
CA ASN A 777 -3.73 2.17 7.34
C ASN A 777 -3.80 2.53 8.81
N LEU A 778 -4.73 1.95 9.55
CA LEU A 778 -4.79 2.13 10.99
C LEU A 778 -3.76 1.30 11.69
N LEU A 779 -3.13 0.38 10.97
CA LEU A 779 -1.98 -0.39 11.41
C LEU A 779 -0.67 0.31 11.11
N ILE A 780 -0.62 1.18 10.12
CA ILE A 780 0.54 2.04 9.92
C ILE A 780 0.56 3.14 10.96
N ALA A 781 -0.60 3.69 11.32
CA ALA A 781 -0.67 4.70 12.36
C ALA A 781 -0.35 4.14 13.73
N LEU A 782 -0.38 2.83 13.88
CA LEU A 782 -0.01 2.18 15.13
C LEU A 782 1.50 1.94 15.22
N LEU A 783 2.13 1.60 14.10
CA LEU A 783 3.58 1.42 14.07
C LEU A 783 4.27 2.79 14.13
N LEU A 784 3.55 3.83 13.78
CA LEU A 784 4.07 5.19 13.76
C LEU A 784 4.13 5.80 15.15
N ASN A 785 3.28 5.35 16.06
CA ASN A 785 3.27 5.88 17.41
C ASN A 785 4.02 5.02 18.39
N ASN A 786 4.53 3.88 17.93
CA ASN A 786 5.29 2.99 18.79
C ASN A 786 6.71 2.75 18.33
N TYR A 787 6.96 2.70 17.03
CA TYR A 787 8.29 2.48 16.50
C TYR A 787 8.92 3.75 15.97
N GLY A 788 8.32 4.91 16.23
CA GLY A 788 8.85 6.14 15.69
C GLY A 788 10.08 6.65 16.42
N SER A 789 10.41 6.04 17.55
CA SER A 789 11.52 6.49 18.37
C SER A 789 12.57 5.40 18.56
N ALA A 876 65.68 23.49 -7.69
CA ALA A 876 66.29 23.74 -6.40
C ALA A 876 65.56 24.83 -5.65
N ARG A 877 65.81 24.94 -4.34
CA ARG A 877 65.37 26.05 -3.48
C ARG A 877 63.84 26.18 -3.47
N ASP A 878 63.22 25.20 -2.79
CA ASP A 878 61.81 24.76 -2.81
C ASP A 878 60.79 25.87 -3.04
N SER A 879 61.03 27.05 -2.47
CA SER A 879 60.22 28.23 -2.75
C SER A 879 60.35 28.74 -4.20
N SER A 880 61.29 28.21 -4.99
CA SER A 880 61.32 28.54 -6.43
C SER A 880 60.48 27.58 -7.26
N VAL A 881 60.22 26.37 -6.77
CA VAL A 881 59.25 25.49 -7.40
C VAL A 881 57.90 25.51 -6.69
N GLN A 882 57.84 26.08 -5.48
CA GLN A 882 56.55 26.26 -4.82
C GLN A 882 55.72 27.32 -5.53
N ARG A 883 56.36 28.33 -6.11
CA ARG A 883 55.65 29.37 -6.83
C ARG A 883 55.12 28.89 -8.19
N MET A 884 55.63 27.78 -8.70
CA MET A 884 55.19 27.22 -9.97
C MET A 884 54.17 26.11 -9.79
N TRP A 885 54.34 25.26 -8.77
CA TRP A 885 53.39 24.19 -8.49
C TRP A 885 52.11 24.73 -7.85
N SER A 886 52.18 25.87 -7.17
CA SER A 886 50.97 26.46 -6.61
C SER A 886 50.25 27.36 -7.60
N ASN A 887 50.91 27.79 -8.67
CA ASN A 887 50.21 28.48 -9.74
C ASN A 887 49.50 27.49 -10.65
N ILE A 888 49.94 26.23 -10.67
CA ILE A 888 49.17 25.17 -11.31
C ILE A 888 47.86 24.94 -10.56
N ARG A 889 47.94 24.81 -9.24
CA ARG A 889 46.74 24.64 -8.43
C ARG A 889 45.94 25.91 -8.31
N ARG A 890 46.51 27.07 -8.65
CA ARG A 890 45.73 28.30 -8.75
C ARG A 890 44.83 28.26 -9.98
N VAL A 891 45.36 27.80 -11.12
CA VAL A 891 44.60 27.79 -12.36
C VAL A 891 43.49 26.75 -12.30
N CYS A 892 43.79 25.55 -11.79
CA CYS A 892 42.81 24.46 -11.78
C CYS A 892 41.69 24.71 -10.79
N PHE A 893 41.98 25.38 -9.67
CA PHE A 893 40.94 25.65 -8.69
C PHE A 893 40.01 26.76 -9.16
N LEU A 894 40.54 27.75 -9.89
CA LEU A 894 39.66 28.75 -10.50
C LEU A 894 38.83 28.14 -11.61
N LEU A 895 39.36 27.12 -12.30
CA LEU A 895 38.65 26.52 -13.41
C LEU A 895 37.59 25.52 -12.93
N ALA A 896 37.79 24.90 -11.77
CA ALA A 896 36.85 23.93 -11.23
C ALA A 896 35.65 24.58 -10.57
N LYS A 897 35.67 25.89 -10.35
CA LYS A 897 34.60 26.61 -9.67
C LYS A 897 33.73 27.43 -10.61
N ASN A 898 33.99 27.43 -11.92
CA ASN A 898 33.21 28.26 -12.82
C ASN A 898 31.81 27.70 -13.00
N LYS A 899 30.92 28.55 -13.50
CA LYS A 899 29.59 28.07 -13.86
C LYS A 899 29.61 27.41 -15.22
N TYR A 900 30.45 27.90 -16.14
CA TYR A 900 30.42 27.41 -17.51
C TYR A 900 31.21 26.12 -17.65
N PHE A 901 32.24 25.91 -16.84
CA PHE A 901 32.93 24.63 -16.85
C PHE A 901 32.06 23.54 -16.28
N GLN A 902 31.27 23.85 -15.26
CA GLN A 902 30.45 22.83 -14.64
C GLN A 902 29.22 22.49 -15.46
N LYS A 903 28.72 23.46 -16.24
CA LYS A 903 27.62 23.16 -17.14
C LYS A 903 28.10 22.43 -18.38
N PHE A 904 29.37 22.59 -18.74
CA PHE A 904 29.91 21.84 -19.87
C PHE A 904 30.11 20.38 -19.54
N VAL A 905 30.56 20.08 -18.32
CA VAL A 905 30.77 18.70 -17.91
C VAL A 905 29.43 17.99 -17.78
N THR A 906 28.41 18.69 -17.27
CA THR A 906 27.08 18.11 -17.16
C THR A 906 26.45 17.88 -18.52
N ALA A 907 26.74 18.74 -19.50
CA ALA A 907 26.16 18.55 -20.82
C ALA A 907 26.78 17.38 -21.55
N VAL A 908 28.06 17.10 -21.31
CA VAL A 908 28.70 15.94 -21.93
C VAL A 908 28.13 14.65 -21.34
N LEU A 909 27.90 14.63 -20.04
CA LEU A 909 27.41 13.42 -19.38
C LEU A 909 25.98 13.09 -19.75
N VAL A 910 25.15 14.09 -20.02
CA VAL A 910 23.78 13.82 -20.40
C VAL A 910 23.69 13.32 -21.84
N ILE A 911 24.41 13.97 -22.75
CA ILE A 911 24.34 13.62 -24.17
C ILE A 911 24.94 12.25 -24.44
N THR A 912 26.06 11.92 -23.78
CA THR A 912 26.65 10.60 -23.98
C THR A 912 25.85 9.49 -23.33
N SER A 913 24.96 9.81 -22.40
CA SER A 913 24.12 8.80 -21.77
C SER A 913 22.86 8.49 -22.57
N VAL A 914 22.43 9.40 -23.43
CA VAL A 914 21.38 9.08 -24.39
C VAL A 914 21.96 8.24 -25.53
N LEU A 915 23.24 8.40 -25.83
CA LEU A 915 23.94 7.49 -26.74
C LEU A 915 23.97 6.06 -26.21
N LEU A 916 23.93 5.91 -24.89
CA LEU A 916 24.01 4.61 -24.27
C LEU A 916 22.67 3.91 -24.29
N ALA A 917 21.59 4.67 -24.40
CA ALA A 917 20.25 4.13 -24.56
C ALA A 917 19.93 3.76 -25.99
N LEU A 918 20.88 3.94 -26.91
CA LEU A 918 20.68 3.65 -28.32
C LEU A 918 21.42 2.43 -28.80
N GLU A 919 22.13 1.71 -27.95
CA GLU A 919 22.52 0.36 -28.32
C GLU A 919 21.40 -0.57 -27.89
N ASP A 920 20.86 -1.30 -28.84
CA ASP A 920 19.74 -2.18 -28.62
C ASP A 920 19.92 -3.33 -29.60
N ILE A 921 18.85 -4.08 -29.86
CA ILE A 921 18.99 -5.29 -30.65
C ILE A 921 19.15 -4.98 -32.14
N TYR A 922 19.08 -3.72 -32.53
CA TYR A 922 19.17 -3.29 -33.93
C TYR A 922 20.50 -2.65 -34.26
N LEU A 923 21.38 -2.46 -33.27
CA LEU A 923 22.61 -1.72 -33.49
C LEU A 923 23.58 -2.46 -34.42
N PRO A 924 23.74 -3.78 -34.36
CA PRO A 924 24.24 -4.46 -35.55
C PRO A 924 23.14 -4.43 -36.59
N GLN A 925 23.50 -4.03 -37.82
CA GLN A 925 22.76 -3.58 -39.02
C GLN A 925 22.50 -2.08 -39.00
N ARG A 926 23.11 -1.35 -38.06
CA ARG A 926 23.18 0.12 -38.14
C ARG A 926 24.66 0.49 -38.11
N PRO A 927 25.33 0.44 -39.27
CA PRO A 927 26.79 0.52 -39.27
C PRO A 927 27.34 1.91 -38.98
N VAL A 928 26.59 2.96 -39.27
CA VAL A 928 27.04 4.31 -38.94
C VAL A 928 26.90 4.60 -37.46
N LEU A 929 25.99 3.93 -36.77
CA LEU A 929 25.79 4.15 -35.35
C LEU A 929 26.81 3.37 -34.53
N VAL A 930 27.35 2.29 -35.08
CA VAL A 930 28.38 1.52 -34.41
C VAL A 930 29.68 2.32 -34.32
N ASN A 931 30.01 3.09 -35.35
CA ASN A 931 31.23 3.88 -35.33
C ASN A 931 31.12 5.10 -34.42
N ILE A 932 29.94 5.70 -34.31
CA ILE A 932 29.77 6.82 -33.39
C ILE A 932 29.86 6.34 -31.96
N THR A 933 29.30 5.18 -31.66
CA THR A 933 29.42 4.55 -30.35
C THR A 933 30.88 4.22 -30.03
N LEU A 934 31.67 3.88 -31.04
CA LEU A 934 33.08 3.60 -30.82
C LEU A 934 33.91 4.86 -30.59
N TYR A 935 33.56 5.97 -31.22
CA TYR A 935 34.37 7.17 -31.07
C TYR A 935 34.04 7.96 -29.81
N VAL A 936 32.80 7.87 -29.32
CA VAL A 936 32.44 8.52 -28.08
C VAL A 936 33.13 7.84 -26.90
N ASP A 937 33.37 6.54 -26.98
CA ASP A 937 34.14 5.86 -25.94
C ASP A 937 35.61 6.26 -25.93
N TYR A 938 36.13 6.83 -27.01
CA TYR A 938 37.50 7.34 -27.01
C TYR A 938 37.57 8.77 -26.51
N VAL A 939 36.57 9.58 -26.81
CA VAL A 939 36.54 10.94 -26.30
C VAL A 939 36.33 10.94 -24.79
N LEU A 940 35.44 10.07 -24.31
CA LEU A 940 35.19 10.02 -22.87
C LEU A 940 36.30 9.38 -22.07
N THR A 941 37.12 8.51 -22.66
CA THR A 941 38.23 7.99 -21.87
C THR A 941 39.39 8.96 -21.81
N ALA A 942 39.38 10.02 -22.62
CA ALA A 942 40.29 11.14 -22.45
C ALA A 942 39.63 12.27 -21.69
N PHE A 943 38.32 12.44 -21.82
CA PHE A 943 37.61 13.43 -21.03
C PHE A 943 37.58 13.07 -19.56
N PHE A 944 37.51 11.78 -19.22
CA PHE A 944 37.50 11.39 -17.82
C PHE A 944 38.88 11.49 -17.18
N VAL A 945 39.94 11.56 -17.96
CA VAL A 945 41.29 11.66 -17.42
C VAL A 945 41.73 13.11 -17.29
N ILE A 946 41.43 13.93 -18.30
CA ILE A 946 41.75 15.36 -18.25
C ILE A 946 40.95 16.04 -17.14
N GLU A 947 39.69 15.62 -16.95
CA GLU A 947 38.89 16.16 -15.85
C GLU A 947 39.39 15.68 -14.49
N MET A 948 39.82 14.43 -14.41
CA MET A 948 40.30 13.90 -13.13
C MET A 948 41.57 14.61 -12.68
N ILE A 949 42.47 14.90 -13.60
CA ILE A 949 43.70 15.62 -13.26
C ILE A 949 43.38 17.04 -12.80
N ILE A 950 42.41 17.70 -13.45
CA ILE A 950 41.98 19.03 -13.02
C ILE A 950 41.36 18.99 -11.63
N MET A 951 40.50 18.01 -11.36
CA MET A 951 39.91 17.90 -10.03
C MET A 951 40.90 17.46 -8.97
N LEU A 952 42.06 16.95 -9.36
CA LEU A 952 43.04 16.48 -8.40
C LEU A 952 44.02 17.59 -8.05
N PHE A 953 44.27 18.52 -8.95
CA PHE A 953 44.96 19.75 -8.58
C PHE A 953 44.05 20.70 -7.81
N ALA A 954 42.74 20.61 -8.02
CA ALA A 954 41.85 21.58 -7.38
C ALA A 954 41.64 21.24 -5.91
N VAL A 955 41.25 20.00 -5.63
CA VAL A 955 40.81 19.65 -4.28
C VAL A 955 41.88 18.90 -3.49
N GLY A 956 42.96 18.45 -4.14
CA GLY A 956 44.04 17.79 -3.45
C GLY A 956 43.77 16.31 -3.22
N PHE A 957 44.84 15.57 -2.90
CA PHE A 957 44.72 14.13 -2.71
C PHE A 957 43.94 13.76 -1.45
N LYS A 958 43.97 14.61 -0.43
CA LYS A 958 43.29 14.26 0.81
C LYS A 958 41.78 14.39 0.66
N LYS A 959 41.32 15.45 0.02
CA LYS A 959 39.89 15.70 -0.12
C LYS A 959 39.29 15.05 -1.36
N TYR A 960 40.10 14.54 -2.27
CA TYR A 960 39.56 13.77 -3.38
C TYR A 960 39.20 12.37 -2.91
N PHE A 961 40.16 11.67 -2.31
CA PHE A 961 39.95 10.27 -1.94
C PHE A 961 39.27 10.08 -0.61
N THR A 962 38.58 11.09 -0.10
CA THR A 962 37.79 10.94 1.12
C THR A 962 36.31 11.21 0.91
N SER A 963 35.92 11.68 -0.27
CA SER A 963 34.53 11.97 -0.57
C SER A 963 33.91 10.84 -1.39
N LYS A 964 32.64 10.57 -1.15
CA LYS A 964 31.96 9.50 -1.86
C LYS A 964 31.54 9.88 -3.27
N TRP A 965 31.49 11.18 -3.61
CA TRP A 965 31.26 11.52 -5.00
C TRP A 965 32.49 11.36 -5.86
N TYR A 966 33.68 11.33 -5.26
CA TYR A 966 34.90 11.21 -6.05
C TYR A 966 35.46 9.80 -6.05
N TRP A 967 35.00 8.93 -5.17
CA TRP A 967 35.17 7.52 -5.39
C TRP A 967 34.23 6.99 -6.45
N LEU A 968 33.14 7.69 -6.71
CA LEU A 968 32.27 7.31 -7.81
C LEU A 968 32.91 7.69 -9.14
N ASP A 969 33.53 8.87 -9.21
CA ASP A 969 34.21 9.31 -10.42
C ASP A 969 35.44 8.46 -10.70
N PHE A 970 36.18 8.08 -9.65
CA PHE A 970 37.43 7.37 -9.85
C PHE A 970 37.21 5.94 -10.30
N ILE A 971 36.08 5.32 -9.96
CA ILE A 971 35.77 4.00 -10.49
C ILE A 971 35.47 4.05 -11.97
N VAL A 972 34.85 5.14 -12.45
CA VAL A 972 34.59 5.25 -13.88
C VAL A 972 35.88 5.53 -14.64
N VAL A 973 36.83 6.26 -14.06
CA VAL A 973 38.12 6.50 -14.71
C VAL A 973 38.92 5.21 -14.82
N VAL A 974 38.93 4.40 -13.76
CA VAL A 974 39.60 3.10 -13.81
C VAL A 974 38.91 2.17 -14.79
N ALA A 975 37.58 2.14 -14.79
CA ALA A 975 36.85 1.29 -15.72
C ALA A 975 36.91 1.76 -17.17
N TYR A 976 37.27 3.00 -17.45
CA TYR A 976 37.51 3.34 -18.84
C TYR A 976 38.97 3.30 -19.22
N LEU A 977 39.88 3.25 -18.27
CA LEU A 977 41.26 2.98 -18.65
C LEU A 977 41.49 1.50 -18.84
N LEU A 978 40.81 0.67 -18.06
CA LEU A 978 40.90 -0.77 -18.22
C LEU A 978 40.32 -1.23 -19.54
N ASN A 979 39.26 -0.57 -20.03
CA ASN A 979 38.76 -0.87 -21.36
C ASN A 979 39.71 -0.42 -22.45
N PHE A 980 40.41 0.69 -22.26
CA PHE A 980 41.36 1.15 -23.27
C PHE A 980 42.59 0.27 -23.30
N VAL A 981 42.94 -0.35 -22.16
CA VAL A 981 44.07 -1.26 -22.13
C VAL A 981 43.76 -2.55 -22.87
N LEU A 982 42.59 -3.15 -22.60
CA LEU A 982 42.24 -4.41 -23.25
C LEU A 982 42.02 -4.25 -24.74
N MET A 983 41.48 -3.11 -25.16
CA MET A 983 41.15 -2.91 -26.56
C MET A 983 42.40 -2.82 -27.42
N CYS A 984 43.45 -2.18 -26.90
CA CYS A 984 44.73 -2.20 -27.59
C CYS A 984 45.32 -3.60 -27.60
N ALA A 985 45.18 -4.33 -26.51
CA ALA A 985 45.73 -5.68 -26.42
C ALA A 985 44.71 -6.74 -26.83
N GLY A 986 44.08 -6.55 -27.98
CA GLY A 986 43.33 -7.62 -28.61
C GLY A 986 41.95 -7.93 -28.07
N ILE A 987 41.80 -7.97 -26.74
CA ILE A 987 40.56 -8.43 -26.12
C ILE A 987 39.46 -7.42 -26.38
N GLU A 988 38.26 -7.91 -26.68
CA GLU A 988 37.11 -7.03 -26.81
C GLU A 988 36.72 -6.46 -25.45
N ALA A 989 36.24 -5.23 -25.46
CA ALA A 989 35.98 -4.51 -24.22
C ALA A 989 34.72 -5.01 -23.53
N LEU A 990 34.80 -5.11 -22.20
CA LEU A 990 33.68 -5.60 -21.40
C LEU A 990 32.53 -4.61 -21.42
N GLN A 991 31.35 -5.08 -21.82
CA GLN A 991 30.22 -4.18 -21.98
C GLN A 991 29.63 -3.74 -20.65
N THR A 992 29.85 -4.49 -19.58
CA THR A 992 29.30 -4.10 -18.29
C THR A 992 30.13 -3.02 -17.61
N LEU A 993 31.33 -2.74 -18.10
CA LEU A 993 32.13 -1.64 -17.57
C LEU A 993 31.93 -0.35 -18.34
N ARG A 994 31.44 -0.44 -19.58
CA ARG A 994 31.05 0.77 -20.31
C ARG A 994 29.78 1.38 -19.75
N LEU A 995 28.92 0.59 -19.12
CA LEU A 995 27.66 1.12 -18.65
C LEU A 995 27.78 1.81 -17.31
N LEU A 996 28.95 1.77 -16.68
CA LEU A 996 29.19 2.40 -15.39
C LEU A 996 29.15 3.92 -15.42
N ARG A 997 29.11 4.56 -16.59
CA ARG A 997 29.07 6.00 -16.62
C ARG A 997 27.67 6.58 -16.46
N VAL A 998 26.66 5.74 -16.26
CA VAL A 998 25.36 6.28 -15.88
C VAL A 998 25.29 6.65 -14.41
N PHE A 999 26.19 6.13 -13.58
CA PHE A 999 26.19 6.52 -12.19
C PHE A 999 26.77 7.89 -12.00
N ARG A 1000 27.45 8.40 -13.02
CA ARG A 1000 27.98 9.74 -12.92
C ARG A 1000 26.87 10.76 -13.19
N LEU A 1001 25.66 10.26 -13.40
CA LEU A 1001 24.50 11.12 -13.66
C LEU A 1001 23.84 11.61 -12.39
N PHE A 1002 24.10 10.94 -11.29
CA PHE A 1002 23.50 11.28 -10.02
C PHE A 1002 23.98 12.55 -9.34
N ARG A 1003 25.23 12.96 -9.56
CA ARG A 1003 25.69 14.19 -8.90
C ARG A 1003 25.01 15.45 -9.43
N PRO A 1004 24.84 15.69 -10.74
CA PRO A 1004 24.07 16.88 -11.14
C PRO A 1004 22.58 16.74 -10.97
N LEU A 1005 22.06 15.52 -10.84
CA LEU A 1005 20.65 15.33 -10.49
C LEU A 1005 20.33 15.90 -9.13
N SER A 1006 21.25 15.83 -8.19
CA SER A 1006 21.06 16.38 -6.87
C SER A 1006 21.17 17.90 -6.81
N LYS A 1007 21.51 18.55 -7.93
CA LYS A 1007 21.60 19.99 -8.01
C LYS A 1007 20.30 20.65 -8.44
N VAL A 1008 19.31 19.87 -8.87
CA VAL A 1008 18.00 20.38 -9.26
C VAL A 1008 17.33 21.03 -8.04
N ASN A 1009 16.37 21.93 -8.32
CA ASN A 1009 15.88 22.94 -7.37
C ASN A 1009 15.37 22.33 -6.07
N GLY A 1010 14.57 21.29 -6.15
CA GLY A 1010 14.06 20.77 -4.90
C GLY A 1010 14.58 19.42 -4.47
N MET A 1011 15.69 18.98 -5.06
CA MET A 1011 16.15 17.61 -4.86
C MET A 1011 16.92 17.41 -3.56
N GLN A 1012 17.16 18.45 -2.76
CA GLN A 1012 18.01 18.24 -1.61
C GLN A 1012 17.25 17.63 -0.43
N VAL A 1013 15.97 17.93 -0.24
CA VAL A 1013 15.20 17.18 0.74
C VAL A 1013 14.97 15.75 0.29
N VAL A 1014 14.91 15.51 -1.01
CA VAL A 1014 14.62 14.16 -1.47
C VAL A 1014 15.83 13.25 -1.31
N THR A 1015 17.01 13.71 -1.70
CA THR A 1015 18.19 12.86 -1.60
C THR A 1015 18.83 12.87 -0.22
N SER A 1016 18.54 13.84 0.63
CA SER A 1016 19.09 13.74 1.96
C SER A 1016 18.32 12.77 2.82
N THR A 1017 17.03 12.59 2.54
CA THR A 1017 16.27 11.57 3.25
C THR A 1017 16.73 10.18 2.87
N LEU A 1018 17.06 9.93 1.60
CA LEU A 1018 17.48 8.60 1.22
C LEU A 1018 18.88 8.24 1.72
N VAL A 1019 19.67 9.24 2.06
CA VAL A 1019 20.99 8.98 2.66
C VAL A 1019 20.90 8.85 4.17
N GLU A 1020 20.00 9.60 4.82
CA GLU A 1020 19.83 9.43 6.27
C GLU A 1020 19.09 8.15 6.59
N ALA A 1021 18.29 7.62 5.67
CA ALA A 1021 17.47 6.47 5.97
C ALA A 1021 18.16 5.15 5.74
N VAL A 1022 19.28 5.13 5.02
CA VAL A 1022 19.92 3.86 4.67
C VAL A 1022 20.55 3.14 5.87
N PRO A 1023 21.03 3.75 6.97
CA PRO A 1023 21.31 2.91 8.14
C PRO A 1023 20.07 2.48 8.89
N HIS A 1024 18.97 3.21 8.81
CA HIS A 1024 17.75 2.75 9.45
C HIS A 1024 17.10 1.59 8.70
N ILE A 1025 17.05 1.67 7.37
CA ILE A 1025 16.39 0.59 6.66
C ILE A 1025 17.30 -0.61 6.47
N PHE A 1026 18.60 -0.49 6.73
CA PHE A 1026 19.45 -1.67 6.77
C PHE A 1026 19.14 -2.52 7.99
N ASN A 1027 18.78 -1.89 9.10
CA ASN A 1027 18.40 -2.64 10.29
C ASN A 1027 17.02 -3.25 10.20
N VAL A 1028 16.15 -2.76 9.33
CA VAL A 1028 14.86 -3.41 9.17
C VAL A 1028 15.00 -4.59 8.21
N ILE A 1029 15.99 -4.56 7.32
CA ILE A 1029 16.31 -5.73 6.51
C ILE A 1029 16.79 -6.87 7.39
N LEU A 1030 17.76 -6.61 8.27
CA LEU A 1030 18.36 -7.66 9.09
C LEU A 1030 17.35 -8.28 10.05
N VAL A 1031 16.50 -7.46 10.68
CA VAL A 1031 15.45 -7.95 11.54
C VAL A 1031 14.37 -8.68 10.73
N GLY A 1032 14.11 -8.22 9.50
CA GLY A 1032 13.16 -8.92 8.67
C GLY A 1032 13.71 -10.21 8.08
N ILE A 1033 15.01 -10.25 7.79
CA ILE A 1033 15.65 -11.49 7.40
C ILE A 1033 15.62 -12.49 8.55
N PHE A 1034 15.67 -12.01 9.78
CA PHE A 1034 15.56 -12.87 10.95
C PHE A 1034 14.16 -13.49 11.06
N PHE A 1035 13.11 -12.68 11.01
CA PHE A 1035 11.76 -13.23 11.17
C PHE A 1035 11.31 -14.04 9.97
N TRP A 1036 11.85 -13.77 8.78
CA TRP A 1036 11.50 -14.64 7.67
C TRP A 1036 12.30 -15.93 7.69
N LEU A 1037 13.43 -15.97 8.40
CA LEU A 1037 14.14 -17.22 8.61
C LEU A 1037 13.32 -18.20 9.42
N VAL A 1038 12.49 -17.71 10.34
CA VAL A 1038 11.68 -18.60 11.15
C VAL A 1038 10.57 -19.22 10.33
N PHE A 1039 10.00 -18.48 9.39
CA PHE A 1039 8.99 -19.03 8.48
C PHE A 1039 9.57 -19.74 7.28
N ALA A 1040 10.84 -19.52 6.96
CA ALA A 1040 11.46 -20.30 5.91
C ALA A 1040 11.79 -21.70 6.41
N ILE A 1041 12.45 -21.80 7.58
CA ILE A 1041 12.77 -23.13 8.09
C ILE A 1041 11.53 -23.86 8.56
N MET A 1042 10.45 -23.16 8.91
CA MET A 1042 9.19 -23.84 9.18
C MET A 1042 8.57 -24.37 7.90
N GLY A 1043 8.52 -23.54 6.87
CA GLY A 1043 7.96 -23.92 5.59
C GLY A 1043 8.76 -24.91 4.79
N VAL A 1044 10.07 -25.02 5.01
CA VAL A 1044 10.82 -26.13 4.45
C VAL A 1044 10.43 -27.44 5.14
N GLN A 1045 10.23 -27.40 6.44
CA GLN A 1045 9.84 -28.62 7.14
C GLN A 1045 8.39 -29.01 6.91
N LEU A 1046 7.55 -28.12 6.38
CA LEU A 1046 6.18 -28.49 6.05
C LEU A 1046 6.03 -28.97 4.62
N PHE A 1047 6.82 -28.44 3.68
CA PHE A 1047 6.50 -28.59 2.27
C PHE A 1047 7.60 -29.10 1.37
N ALA A 1048 8.77 -29.45 1.89
CA ALA A 1048 9.89 -29.80 1.01
C ALA A 1048 9.71 -31.18 0.41
N GLY A 1049 9.89 -31.27 -0.91
CA GLY A 1049 9.73 -32.51 -1.63
C GLY A 1049 8.30 -32.85 -1.98
N LYS A 1050 7.34 -31.98 -1.71
CA LYS A 1050 5.94 -32.27 -1.89
C LYS A 1050 5.32 -31.49 -3.03
N PHE A 1051 6.08 -30.71 -3.79
CA PHE A 1051 5.49 -29.98 -4.90
C PHE A 1051 5.74 -30.67 -6.23
N TYR A 1052 6.10 -31.94 -6.18
CA TYR A 1052 6.19 -32.78 -7.36
C TYR A 1052 4.83 -33.33 -7.74
N LYS A 1053 4.62 -33.50 -9.04
CA LYS A 1053 3.34 -33.97 -9.56
C LYS A 1053 3.57 -34.63 -10.92
N CYS A 1054 2.70 -35.58 -11.26
CA CYS A 1054 2.78 -36.22 -12.56
C CYS A 1054 2.14 -35.34 -13.62
N VAL A 1055 2.81 -35.20 -14.75
CA VAL A 1055 2.52 -34.19 -15.75
C VAL A 1055 2.51 -34.83 -17.13
N ASP A 1056 1.47 -34.52 -17.91
CA ASP A 1056 1.21 -35.11 -19.21
C ASP A 1056 2.12 -34.48 -20.28
N GLU A 1057 1.82 -34.73 -21.56
CA GLU A 1057 2.63 -34.23 -22.67
C GLU A 1057 2.48 -32.73 -22.84
N ASN A 1058 1.29 -32.20 -22.60
CA ASN A 1058 1.00 -30.78 -22.81
C ASN A 1058 1.12 -29.99 -21.52
N SER A 1059 1.93 -30.48 -20.58
CA SER A 1059 2.17 -29.89 -19.28
C SER A 1059 0.88 -29.71 -18.48
N THR A 1060 -0.04 -30.65 -18.61
CA THR A 1060 -1.22 -30.65 -17.77
C THR A 1060 -1.12 -31.77 -16.74
N VAL A 1061 -1.70 -31.51 -15.59
CA VAL A 1061 -1.52 -32.37 -14.44
C VAL A 1061 -2.53 -33.50 -14.51
N LEU A 1062 -2.04 -34.74 -14.43
CA LEU A 1062 -2.94 -35.88 -14.36
C LEU A 1062 -3.57 -35.94 -12.98
N SER A 1063 -4.84 -36.27 -12.94
CA SER A 1063 -5.46 -36.43 -11.63
C SER A 1063 -5.10 -37.79 -11.06
N HIS A 1064 -5.42 -37.98 -9.78
CA HIS A 1064 -5.36 -39.32 -9.25
C HIS A 1064 -6.56 -40.11 -9.77
N GLU A 1065 -6.57 -41.41 -9.45
CA GLU A 1065 -7.31 -42.53 -10.04
C GLU A 1065 -6.68 -42.93 -11.40
N ILE A 1066 -5.75 -42.15 -11.92
CA ILE A 1066 -4.91 -42.56 -13.03
C ILE A 1066 -3.48 -42.81 -12.57
N THR A 1067 -2.82 -41.79 -12.04
CA THR A 1067 -1.50 -41.90 -11.43
C THR A 1067 -1.62 -41.42 -9.98
N MET A 1068 -1.35 -42.29 -9.03
CA MET A 1068 -1.39 -41.89 -7.64
C MET A 1068 -0.01 -41.62 -7.07
N ASP A 1069 1.07 -41.98 -7.78
CA ASP A 1069 2.42 -41.79 -7.26
C ASP A 1069 3.40 -41.77 -8.42
N ARG A 1070 4.68 -41.63 -8.07
CA ARG A 1070 5.75 -41.58 -9.08
C ARG A 1070 5.95 -42.91 -9.78
N ASN A 1071 5.62 -44.03 -9.12
CA ASN A 1071 5.65 -45.33 -9.78
C ASN A 1071 4.68 -45.37 -10.95
N ASP A 1072 3.45 -44.92 -10.74
CA ASP A 1072 2.46 -44.96 -11.83
C ASP A 1072 2.75 -43.92 -12.90
N CYS A 1073 3.41 -42.83 -12.55
CA CYS A 1073 3.66 -41.78 -13.52
C CYS A 1073 4.72 -42.18 -14.51
N LEU A 1074 5.75 -42.83 -14.04
CA LEU A 1074 6.94 -43.06 -14.82
C LEU A 1074 6.89 -44.43 -15.47
N HIS A 1075 5.92 -45.25 -15.06
CA HIS A 1075 5.59 -46.49 -15.75
C HIS A 1075 4.88 -46.24 -17.06
N GLU A 1076 4.25 -45.08 -17.23
CA GLU A 1076 3.50 -44.76 -18.44
C GLU A 1076 4.11 -43.59 -19.21
N ASN A 1077 5.41 -43.41 -19.09
CA ASN A 1077 6.25 -42.43 -19.79
C ASN A 1077 5.81 -40.99 -19.60
N TYR A 1078 5.08 -40.66 -18.54
CA TYR A 1078 4.79 -39.26 -18.28
C TYR A 1078 5.99 -38.61 -17.58
N THR A 1079 5.86 -37.33 -17.26
CA THR A 1079 6.94 -36.60 -16.62
C THR A 1079 6.52 -36.24 -15.19
N TRP A 1080 7.44 -36.40 -14.25
CA TRP A 1080 7.18 -36.13 -12.85
C TRP A 1080 7.95 -34.86 -12.49
N GLU A 1081 7.30 -33.71 -12.68
CA GLU A 1081 7.92 -32.40 -12.60
C GLU A 1081 7.74 -31.80 -11.22
N ASN A 1082 8.59 -30.83 -10.92
CA ASN A 1082 8.58 -30.07 -9.68
C ASN A 1082 8.14 -28.65 -10.01
N SER A 1083 7.50 -27.99 -9.06
CA SER A 1083 7.13 -26.61 -9.25
C SER A 1083 8.37 -25.72 -9.24
N PRO A 1084 8.39 -24.67 -10.05
CA PRO A 1084 9.54 -23.75 -10.02
C PRO A 1084 9.66 -22.97 -8.73
N MET A 1085 8.56 -22.72 -8.04
CA MET A 1085 8.54 -22.03 -6.76
C MET A 1085 8.21 -23.06 -5.69
N ASN A 1086 9.17 -23.34 -4.82
CA ASN A 1086 9.04 -24.47 -3.90
C ASN A 1086 9.74 -24.12 -2.60
N PHE A 1087 9.69 -25.05 -1.66
CA PHE A 1087 10.29 -24.91 -0.34
C PHE A 1087 11.36 -25.97 -0.12
N ASP A 1088 12.16 -26.28 -1.14
CA ASP A 1088 13.04 -27.44 -1.06
C ASP A 1088 14.24 -27.21 -0.15
N HIS A 1089 14.81 -26.02 -0.16
CA HIS A 1089 15.80 -25.61 0.81
C HIS A 1089 15.46 -24.17 1.21
N VAL A 1090 16.15 -23.62 2.20
CA VAL A 1090 15.78 -22.29 2.67
C VAL A 1090 16.20 -21.18 1.72
N GLY A 1091 16.97 -21.48 0.68
CA GLY A 1091 17.21 -20.49 -0.35
C GLY A 1091 16.04 -20.37 -1.30
N ASN A 1092 15.40 -21.50 -1.63
CA ASN A 1092 14.15 -21.47 -2.36
C ASN A 1092 13.01 -20.93 -1.52
N ALA A 1093 13.06 -21.17 -0.21
CA ALA A 1093 11.99 -20.75 0.67
C ALA A 1093 11.98 -19.25 0.87
N TYR A 1094 13.16 -18.62 0.90
CA TYR A 1094 13.25 -17.16 0.95
C TYR A 1094 12.63 -16.51 -0.26
N LEU A 1095 12.70 -17.18 -1.40
CA LEU A 1095 12.20 -16.62 -2.63
C LEU A 1095 10.71 -16.86 -2.83
N SER A 1096 10.15 -17.84 -2.14
CA SER A 1096 8.71 -18.03 -2.16
C SER A 1096 8.01 -17.17 -1.14
N LEU A 1097 8.67 -16.83 -0.03
CA LEU A 1097 8.07 -15.93 0.93
C LEU A 1097 8.11 -14.49 0.47
N LEU A 1098 9.06 -14.12 -0.40
CA LEU A 1098 9.05 -12.78 -0.98
C LEU A 1098 7.87 -12.60 -1.92
N GLN A 1099 7.45 -13.70 -2.51
CA GLN A 1099 6.42 -13.72 -3.53
C GLN A 1099 5.03 -13.80 -2.94
N VAL A 1100 4.89 -14.22 -1.69
CA VAL A 1100 3.60 -14.13 -1.01
C VAL A 1100 3.52 -12.89 -0.14
N ALA A 1101 4.63 -12.20 0.09
CA ALA A 1101 4.59 -10.97 0.85
C ALA A 1101 4.20 -9.79 -0.02
N THR A 1102 4.62 -9.79 -1.28
CA THR A 1102 4.22 -8.77 -2.23
C THR A 1102 2.89 -9.07 -2.89
N PHE A 1103 2.36 -10.26 -2.66
CA PHE A 1103 1.11 -10.80 -3.20
C PHE A 1103 1.16 -10.86 -4.73
N LYS A 1104 2.31 -11.25 -5.27
CA LYS A 1104 2.54 -11.31 -6.71
C LYS A 1104 3.14 -12.68 -7.03
N GLY A 1105 2.31 -13.67 -7.29
CA GLY A 1105 2.78 -15.02 -7.53
C GLY A 1105 2.32 -16.01 -6.50
N TRP A 1106 1.73 -15.51 -5.42
CA TRP A 1106 1.31 -16.31 -4.29
C TRP A 1106 0.14 -17.23 -4.49
N LEU A 1107 -0.65 -17.02 -5.52
CA LEU A 1107 -1.81 -17.86 -5.75
C LEU A 1107 -1.39 -19.24 -6.20
N GLN A 1108 -0.29 -19.32 -6.92
CA GLN A 1108 0.20 -20.60 -7.39
C GLN A 1108 0.93 -21.33 -6.28
N ILE A 1109 1.61 -20.59 -5.41
CA ILE A 1109 2.34 -21.19 -4.29
C ILE A 1109 1.38 -21.75 -3.25
N MET A 1110 0.29 -21.04 -2.97
CA MET A 1110 -0.66 -21.55 -2.01
C MET A 1110 -1.46 -22.71 -2.57
N ASN A 1111 -1.61 -22.83 -3.89
CA ASN A 1111 -2.29 -24.00 -4.45
C ASN A 1111 -1.45 -25.26 -4.30
N ASP A 1112 -0.14 -25.16 -4.46
CA ASP A 1112 0.72 -26.33 -4.29
C ASP A 1112 0.75 -26.82 -2.86
N ALA A 1113 0.66 -25.92 -1.90
CA ALA A 1113 0.70 -26.27 -0.49
C ALA A 1113 -0.59 -26.90 -0.01
N ILE A 1114 -1.73 -26.46 -0.54
CA ILE A 1114 -3.01 -27.06 -0.19
C ILE A 1114 -3.15 -28.43 -0.85
N ASP A 1115 -2.54 -28.64 -1.99
CA ASP A 1115 -2.66 -29.92 -2.67
C ASP A 1115 -1.70 -30.96 -2.17
N SER A 1116 -0.64 -30.56 -1.49
CA SER A 1116 0.48 -31.43 -1.19
C SER A 1116 0.10 -32.39 -0.08
N ARG A 1117 0.40 -33.67 -0.27
CA ARG A 1117 0.04 -34.62 0.77
C ARG A 1117 1.22 -35.39 1.35
N GLU A 1118 2.13 -35.88 0.52
CA GLU A 1118 3.28 -36.63 1.02
C GLU A 1118 4.35 -36.56 -0.08
N VAL A 1119 5.44 -37.31 0.10
CA VAL A 1119 6.66 -37.04 -0.66
C VAL A 1119 6.56 -37.58 -2.08
N HIS A 1120 6.37 -38.90 -2.21
CA HIS A 1120 6.29 -39.50 -3.53
C HIS A 1120 4.87 -39.76 -3.95
N LYS A 1121 3.95 -38.86 -3.63
CA LYS A 1121 2.54 -39.04 -3.93
C LYS A 1121 2.01 -37.90 -4.78
N GLN A 1122 1.00 -38.23 -5.56
CA GLN A 1122 0.35 -37.27 -6.43
C GLN A 1122 -0.46 -36.27 -5.59
N PRO A 1123 -0.33 -34.97 -5.83
CA PRO A 1123 -1.17 -33.99 -5.13
C PRO A 1123 -2.62 -34.06 -5.57
N ILE A 1124 -3.50 -33.94 -4.61
CA ILE A 1124 -4.94 -33.98 -4.82
C ILE A 1124 -5.46 -32.59 -4.53
N ARG A 1125 -6.36 -32.10 -5.37
CA ARG A 1125 -6.90 -30.76 -5.23
C ARG A 1125 -7.60 -30.56 -3.90
N GLU A 1126 -7.15 -29.56 -3.16
CA GLU A 1126 -7.87 -28.96 -2.04
C GLU A 1126 -7.94 -29.92 -0.84
N THR A 1127 -6.88 -30.68 -0.60
CA THR A 1127 -6.93 -31.72 0.42
C THR A 1127 -6.26 -31.33 1.72
N ASN A 1128 -5.20 -30.53 1.69
CA ASN A 1128 -4.53 -30.11 2.91
C ASN A 1128 -4.91 -28.66 3.24
N ILE A 1129 -6.22 -28.44 3.34
CA ILE A 1129 -6.84 -27.12 3.23
C ILE A 1129 -6.51 -26.19 4.39
N TYR A 1130 -6.02 -26.72 5.50
CA TYR A 1130 -5.69 -25.87 6.64
C TYR A 1130 -4.27 -25.38 6.62
N MET A 1131 -3.55 -25.58 5.53
CA MET A 1131 -2.26 -24.92 5.38
C MET A 1131 -2.39 -23.47 4.96
N TYR A 1132 -3.61 -23.01 4.69
CA TYR A 1132 -3.90 -21.58 4.52
C TYR A 1132 -3.57 -20.79 5.76
N LEU A 1133 -3.62 -21.41 6.93
CA LEU A 1133 -3.35 -20.72 8.17
C LEU A 1133 -1.88 -20.42 8.35
N TYR A 1134 -1.00 -21.24 7.76
CA TYR A 1134 0.41 -20.88 7.72
C TYR A 1134 0.63 -19.57 6.98
N PHE A 1135 -0.11 -19.35 5.90
CA PHE A 1135 0.10 -18.18 5.07
C PHE A 1135 -0.56 -16.96 5.66
N ILE A 1136 -1.63 -17.12 6.43
CA ILE A 1136 -2.25 -15.97 7.08
C ILE A 1136 -1.33 -15.40 8.16
N PHE A 1137 -0.70 -16.24 8.95
CA PHE A 1137 0.20 -15.73 9.97
C PHE A 1137 1.52 -15.22 9.43
N PHE A 1138 1.92 -15.61 8.23
CA PHE A 1138 3.09 -14.97 7.64
C PHE A 1138 2.74 -13.59 7.09
N ILE A 1139 1.62 -13.49 6.37
CA ILE A 1139 1.21 -12.23 5.76
C ILE A 1139 0.93 -11.17 6.82
N VAL A 1140 0.35 -11.57 7.95
CA VAL A 1140 0.17 -10.67 9.08
C VAL A 1140 1.51 -10.21 9.65
N PHE A 1141 2.39 -11.14 9.97
CA PHE A 1141 3.61 -10.79 10.67
C PHE A 1141 4.77 -10.46 9.74
N GLY A 1142 4.67 -10.74 8.44
CA GLY A 1142 5.77 -10.46 7.55
C GLY A 1142 5.50 -9.39 6.52
N SER A 1143 4.24 -9.23 6.10
CA SER A 1143 3.91 -8.19 5.14
C SER A 1143 3.15 -7.03 5.75
N PHE A 1144 2.21 -7.28 6.66
CA PHE A 1144 1.49 -6.17 7.26
C PHE A 1144 2.29 -5.49 8.35
N PHE A 1145 3.42 -6.03 8.75
CA PHE A 1145 4.17 -5.53 9.88
C PHE A 1145 5.60 -5.16 9.52
N ILE A 1146 6.32 -6.04 8.82
CA ILE A 1146 7.72 -5.77 8.51
C ILE A 1146 7.84 -4.79 7.36
N LEU A 1147 7.00 -4.94 6.34
CA LEU A 1147 7.14 -4.08 5.17
C LEU A 1147 6.56 -2.68 5.40
N LYS A 1148 5.70 -2.51 6.39
CA LYS A 1148 5.19 -1.19 6.73
C LYS A 1148 6.17 -0.39 7.57
N LEU A 1149 7.17 -1.04 8.16
CA LEU A 1149 8.25 -0.33 8.83
C LEU A 1149 9.11 0.44 7.86
N PHE A 1150 9.06 0.12 6.57
CA PHE A 1150 9.70 0.95 5.56
C PHE A 1150 8.98 2.28 5.40
N VAL A 1151 7.65 2.27 5.41
CA VAL A 1151 6.87 3.52 5.34
C VAL A 1151 7.05 4.34 6.61
N CYS A 1152 7.26 3.67 7.75
CA CYS A 1152 7.46 4.35 9.02
C CYS A 1152 8.78 5.11 9.06
N ILE A 1153 9.83 4.55 8.47
CA ILE A 1153 11.14 5.19 8.49
C ILE A 1153 11.15 6.44 7.64
N LEU A 1154 10.64 6.35 6.41
CA LEU A 1154 10.74 7.49 5.51
C LEU A 1154 9.84 8.64 5.93
N ILE A 1155 8.78 8.39 6.70
CA ILE A 1155 7.98 9.47 7.26
C ILE A 1155 8.76 10.20 8.35
N ASP A 1156 9.46 9.47 9.21
CA ASP A 1156 10.20 10.09 10.31
C ASP A 1156 11.42 10.84 9.81
N ILE A 1157 12.11 10.32 8.80
CA ILE A 1157 13.30 10.98 8.28
C ILE A 1157 12.92 12.25 7.53
N PHE A 1158 11.81 12.22 6.79
CA PHE A 1158 11.46 13.37 5.96
C PHE A 1158 11.01 14.58 6.75
N ARG A 1159 10.34 14.39 7.90
CA ARG A 1159 9.94 15.55 8.71
C ARG A 1159 11.14 16.32 9.22
N GLN A 1160 12.20 15.62 9.58
CA GLN A 1160 13.33 16.28 10.21
C GLN A 1160 14.35 16.76 9.20
N GLN A 1161 14.27 16.31 7.95
CA GLN A 1161 15.11 16.88 6.91
C GLN A 1161 14.46 18.08 6.27
N ARG A 1162 13.13 18.05 6.15
CA ARG A 1162 12.39 19.22 5.68
C ARG A 1162 12.44 20.36 6.67
N ARG A 1163 12.54 20.04 7.96
CA ARG A 1163 12.77 21.10 8.94
C ARG A 1163 14.18 21.65 8.83
N LYS A 1164 15.15 20.78 8.54
CA LYS A 1164 16.53 21.20 8.40
C LYS A 1164 16.76 22.05 7.16
N ALA A 1165 15.95 21.89 6.12
CA ALA A 1165 16.15 22.63 4.89
C ALA A 1165 15.57 24.03 4.95
N GLU A 1166 14.60 24.25 5.83
CA GLU A 1166 13.98 25.57 5.97
C GLU A 1166 14.64 26.41 7.05
N GLY A 1167 15.77 25.98 7.58
CA GLY A 1167 16.50 26.76 8.56
C GLY A 1167 15.89 26.77 9.94
N LEU A 1168 14.96 25.87 10.21
CA LEU A 1168 14.31 25.80 11.51
C LEU A 1168 15.14 24.95 12.46
N SER A 1169 14.91 25.12 13.75
CA SER A 1169 15.67 24.39 14.76
C SER A 1169 14.95 23.11 15.13
N ALA A 1170 15.74 22.06 15.41
CA ALA A 1170 15.16 20.77 15.75
C ALA A 1170 14.53 20.79 17.14
N THR A 1171 15.02 21.65 18.02
CA THR A 1171 14.51 21.77 19.37
C THR A 1171 13.55 22.94 19.42
N ASP A 1172 12.39 22.78 18.78
CA ASP A 1172 11.29 23.73 18.84
C ASP A 1172 10.00 22.91 18.81
N SER A 1173 9.30 22.86 19.93
CA SER A 1173 8.24 21.88 20.09
C SER A 1173 6.91 22.34 19.50
N ARG A 1174 6.81 22.33 18.16
CA ARG A 1174 5.59 22.23 17.34
C ARG A 1174 4.52 23.30 17.58
N THR A 1175 4.77 24.25 18.47
CA THR A 1175 3.81 25.30 18.74
C THR A 1175 4.47 26.62 18.41
N GLN A 1176 5.74 26.73 18.77
CA GLN A 1176 6.55 27.89 18.42
C GLN A 1176 6.85 27.97 16.93
N LEU A 1177 6.76 26.86 16.22
CA LEU A 1177 6.87 26.87 14.76
C LEU A 1177 5.56 27.23 14.09
N ILE A 1178 4.43 27.09 14.78
CA ILE A 1178 3.18 27.61 14.23
C ILE A 1178 3.22 29.13 14.21
N TYR A 1179 3.64 29.75 15.31
CA TYR A 1179 3.68 31.20 15.35
C TYR A 1179 4.80 31.78 14.50
N ARG A 1180 5.92 31.08 14.38
CA ARG A 1180 6.99 31.52 13.48
C ARG A 1180 6.55 31.48 12.02
N ARG A 1181 5.69 30.52 11.67
CA ARG A 1181 5.25 30.38 10.29
C ARG A 1181 4.22 31.45 9.93
N ALA A 1182 3.46 31.94 10.91
CA ALA A 1182 2.44 32.95 10.67
C ALA A 1182 3.00 34.36 10.64
N VAL A 1183 4.22 34.56 11.14
CA VAL A 1183 4.87 35.86 11.05
C VAL A 1183 5.70 35.98 9.78
N MET A 1184 6.33 34.89 9.32
CA MET A 1184 7.10 34.95 8.09
C MET A 1184 6.23 35.14 6.85
N ARG A 1185 4.94 34.85 6.93
CA ARG A 1185 4.07 35.16 5.81
C ARG A 1185 3.65 36.63 5.79
N THR A 1186 3.68 37.28 6.95
CA THR A 1186 3.37 38.70 7.02
C THR A 1186 4.48 39.53 6.39
N MET A 1187 5.73 39.15 6.61
CA MET A 1187 6.86 39.89 6.08
C MET A 1187 7.03 39.72 4.58
N SER A 1188 6.43 38.69 3.99
CA SER A 1188 6.53 38.41 2.57
C SER A 1188 5.28 38.80 1.81
N ALA A 1189 4.34 39.48 2.46
CA ALA A 1189 3.04 39.73 1.86
C ALA A 1189 3.04 41.04 1.08
N LYS A 1190 2.46 41.00 -0.12
CA LYS A 1190 2.41 42.16 -1.01
C LYS A 1190 1.00 42.28 -1.58
N PRO A 1191 0.38 43.45 -1.48
CA PRO A 1191 -0.96 43.61 -2.06
C PRO A 1191 -0.92 43.70 -3.57
N VAL A 1192 -1.86 43.00 -4.20
CA VAL A 1192 -1.88 42.86 -5.65
C VAL A 1192 -2.72 43.98 -6.25
N LYS A 1193 -2.40 44.33 -7.49
CA LYS A 1193 -2.99 45.48 -8.15
C LYS A 1193 -4.12 45.05 -9.08
N ARG A 1194 -5.22 45.79 -9.04
CA ARG A 1194 -6.37 45.52 -9.88
C ARG A 1194 -6.02 45.77 -11.34
N ILE A 1195 -6.61 44.95 -12.21
CA ILE A 1195 -6.38 45.04 -13.65
C ILE A 1195 -6.95 46.37 -14.17
N PRO A 1196 -6.18 47.15 -14.91
CA PRO A 1196 -6.62 48.49 -15.33
C PRO A 1196 -7.81 48.43 -16.28
N LYS A 1197 -8.90 49.06 -15.89
CA LYS A 1197 -10.10 49.08 -16.71
C LYS A 1197 -9.89 49.98 -17.91
N PRO A 1198 -10.06 49.48 -19.13
CA PRO A 1198 -9.86 50.34 -20.30
C PRO A 1198 -11.00 51.31 -20.47
N THR A 1199 -10.73 52.38 -21.21
CA THR A 1199 -11.74 53.37 -21.58
C THR A 1199 -11.83 53.46 -23.09
N CYS A 1200 -12.59 52.55 -23.69
CA CYS A 1200 -12.90 52.61 -25.12
C CYS A 1200 -14.40 52.51 -25.31
N HIS A 1201 -14.85 52.39 -26.56
CA HIS A 1201 -16.27 52.61 -26.84
C HIS A 1201 -17.11 51.37 -26.51
N PRO A 1202 -16.75 50.11 -26.92
CA PRO A 1202 -17.50 48.98 -26.37
C PRO A 1202 -16.78 48.33 -25.19
N GLN A 1203 -15.53 48.69 -24.96
CA GLN A 1203 -14.64 47.97 -24.06
C GLN A 1203 -14.86 48.34 -22.60
N SER A 1204 -15.77 49.25 -22.31
CA SER A 1204 -16.21 49.44 -20.93
C SER A 1204 -17.08 48.27 -20.47
N LEU A 1205 -18.06 47.87 -21.29
CA LEU A 1205 -18.89 46.73 -20.96
C LEU A 1205 -18.12 45.42 -21.05
N MET A 1206 -17.07 45.39 -21.87
CA MET A 1206 -16.25 44.20 -21.95
C MET A 1206 -15.47 43.97 -20.67
N TYR A 1207 -15.25 44.99 -19.87
CA TYR A 1207 -14.66 44.81 -18.55
C TYR A 1207 -15.71 44.60 -17.47
N ASP A 1208 -16.90 45.16 -17.66
CA ASP A 1208 -17.96 45.07 -16.65
C ASP A 1208 -18.42 43.62 -16.48
N ILE A 1209 -18.68 42.93 -17.59
CA ILE A 1209 -19.23 41.59 -17.50
C ILE A 1209 -18.12 40.54 -17.34
N SER A 1210 -16.89 40.84 -17.76
CA SER A 1210 -15.81 39.89 -17.61
C SER A 1210 -15.29 39.75 -16.19
N VAL A 1211 -15.82 40.51 -15.23
CA VAL A 1211 -15.34 40.52 -13.87
C VAL A 1211 -16.39 40.04 -12.86
N ASN A 1212 -17.68 40.25 -13.14
CA ASN A 1212 -18.76 39.90 -12.22
C ASN A 1212 -18.81 38.40 -11.92
N ARG A 1213 -19.20 38.06 -10.70
CA ARG A 1213 -19.35 36.66 -10.34
C ARG A 1213 -20.56 36.01 -10.99
N LYS A 1214 -21.48 36.78 -11.53
CA LYS A 1214 -22.62 36.17 -12.22
C LYS A 1214 -22.19 35.57 -13.55
N PHE A 1215 -21.29 36.26 -14.27
CA PHE A 1215 -20.80 35.74 -15.54
C PHE A 1215 -19.75 34.67 -15.36
N GLU A 1216 -18.89 34.80 -14.35
CA GLU A 1216 -17.86 33.79 -14.13
C GLU A 1216 -18.40 32.54 -13.43
N TYR A 1217 -19.64 32.56 -12.93
CA TYR A 1217 -20.23 31.32 -12.47
C TYR A 1217 -21.10 30.69 -13.54
N THR A 1218 -21.65 31.52 -14.44
CA THR A 1218 -22.48 31.01 -15.51
C THR A 1218 -21.65 30.21 -16.48
N MET A 1219 -20.44 30.68 -16.77
CA MET A 1219 -19.53 29.98 -17.65
C MET A 1219 -18.84 28.82 -16.98
N MET A 1220 -19.04 28.60 -15.69
CA MET A 1220 -18.54 27.38 -15.07
C MET A 1220 -19.56 26.27 -15.11
N ILE A 1221 -20.84 26.62 -15.01
CA ILE A 1221 -21.90 25.66 -15.19
C ILE A 1221 -21.94 25.15 -16.63
N LEU A 1222 -21.56 25.97 -17.60
CA LEU A 1222 -21.53 25.51 -18.98
C LEU A 1222 -20.36 24.57 -19.24
N ILE A 1223 -19.26 24.69 -18.51
CA ILE A 1223 -18.16 23.74 -18.67
C ILE A 1223 -18.53 22.39 -18.08
N ILE A 1224 -19.28 22.38 -16.98
CA ILE A 1224 -19.73 21.12 -16.36
C ILE A 1224 -20.72 20.42 -17.27
N LEU A 1225 -21.63 21.17 -17.88
CA LEU A 1225 -22.58 20.56 -18.79
C LEU A 1225 -21.95 20.17 -20.11
N ASN A 1226 -20.87 20.84 -20.52
CA ASN A 1226 -20.21 20.45 -21.77
C ASN A 1226 -19.57 19.07 -21.64
N VAL A 1227 -19.13 18.72 -20.45
CA VAL A 1227 -18.35 17.51 -20.23
C VAL A 1227 -19.23 16.37 -19.71
N ALA A 1228 -20.32 16.67 -19.01
CA ALA A 1228 -21.25 15.63 -18.63
C ALA A 1228 -22.01 15.07 -19.83
N VAL A 1229 -22.11 15.83 -20.92
CA VAL A 1229 -22.61 15.33 -22.19
C VAL A 1229 -21.60 14.39 -22.86
N MET A 1230 -20.31 14.49 -22.54
CA MET A 1230 -19.38 13.49 -23.06
C MET A 1230 -19.50 12.16 -22.37
N ALA A 1231 -20.20 12.08 -21.25
CA ALA A 1231 -20.34 10.83 -20.52
C ALA A 1231 -21.44 9.94 -21.06
N ILE A 1232 -22.32 10.44 -21.93
CA ILE A 1232 -23.39 9.60 -22.46
C ILE A 1232 -22.95 9.01 -23.78
N ASP A 1233 -21.70 9.23 -24.15
CA ASP A 1233 -21.12 8.56 -25.31
C ASP A 1233 -20.83 7.11 -24.96
N HIS A 1234 -21.44 6.19 -25.70
CA HIS A 1234 -21.20 4.77 -25.53
C HIS A 1234 -20.81 4.19 -26.87
N TYR A 1235 -20.36 2.94 -26.88
CA TYR A 1235 -19.81 2.37 -28.09
C TYR A 1235 -20.93 1.78 -28.94
N GLY A 1236 -20.93 2.14 -30.22
CA GLY A 1236 -21.93 1.69 -31.15
C GLY A 1236 -23.28 2.31 -30.90
N GLN A 1237 -23.35 3.64 -30.88
CA GLN A 1237 -24.53 4.31 -30.33
C GLN A 1237 -25.67 4.40 -31.34
N SER A 1238 -25.51 5.22 -32.39
CA SER A 1238 -26.35 5.27 -33.59
C SER A 1238 -25.79 6.34 -34.50
N MET A 1239 -26.47 6.61 -35.60
CA MET A 1239 -26.21 7.82 -36.38
C MET A 1239 -27.06 8.99 -35.96
N GLU A 1240 -28.19 8.75 -35.29
CA GLU A 1240 -29.06 9.84 -34.86
C GLU A 1240 -28.79 10.28 -33.44
N PHE A 1241 -28.39 9.36 -32.56
CA PHE A 1241 -27.88 9.76 -31.25
C PHE A 1241 -26.57 10.49 -31.39
N SER A 1242 -25.79 10.16 -32.41
CA SER A 1242 -24.52 10.82 -32.64
C SER A 1242 -24.68 12.21 -33.24
N GLU A 1243 -25.85 12.52 -33.78
CA GLU A 1243 -26.08 13.80 -34.44
C GLU A 1243 -26.78 14.80 -33.52
N VAL A 1244 -27.56 14.32 -32.56
CA VAL A 1244 -28.10 15.18 -31.51
C VAL A 1244 -26.97 15.81 -30.71
N LEU A 1245 -26.00 15.00 -30.30
CA LEU A 1245 -24.86 15.47 -29.53
C LEU A 1245 -23.86 16.24 -30.37
N ASP A 1246 -23.85 16.00 -31.68
CA ASP A 1246 -22.96 16.76 -32.56
C ASP A 1246 -23.47 18.18 -32.74
N TYR A 1247 -24.77 18.38 -32.59
CA TYR A 1247 -25.39 19.69 -32.65
C TYR A 1247 -25.26 20.44 -31.34
N LEU A 1248 -25.25 19.72 -30.21
CA LEU A 1248 -25.05 20.35 -28.92
C LEU A 1248 -23.63 20.88 -28.78
N ASN A 1249 -22.65 20.16 -29.33
CA ASN A 1249 -21.30 20.69 -29.34
C ASN A 1249 -21.15 21.88 -30.28
N LEU A 1250 -22.04 22.00 -31.25
CA LEU A 1250 -22.04 23.20 -32.10
C LEU A 1250 -22.52 24.41 -31.32
N ILE A 1251 -23.42 24.22 -30.36
CA ILE A 1251 -23.95 25.35 -29.60
C ILE A 1251 -22.94 25.84 -28.58
N PHE A 1252 -22.22 24.94 -27.91
CA PHE A 1252 -21.30 25.37 -26.87
C PHE A 1252 -20.07 26.06 -27.42
N ILE A 1253 -19.58 25.66 -28.60
CA ILE A 1253 -18.41 26.32 -29.17
C ILE A 1253 -18.76 27.73 -29.61
N ILE A 1254 -19.99 27.97 -30.03
CA ILE A 1254 -20.45 29.32 -30.32
C ILE A 1254 -20.53 30.14 -29.02
N ILE A 1255 -21.01 29.54 -27.95
CA ILE A 1255 -21.09 30.22 -26.66
C ILE A 1255 -19.70 30.49 -26.10
N PHE A 1256 -18.81 29.49 -26.18
CA PHE A 1256 -17.44 29.64 -25.73
C PHE A 1256 -16.59 30.53 -26.63
N PHE A 1257 -17.09 30.88 -27.82
CA PHE A 1257 -16.40 31.84 -28.68
C PHE A 1257 -16.72 33.27 -28.26
N VAL A 1258 -17.95 33.52 -27.82
CA VAL A 1258 -18.31 34.85 -27.34
C VAL A 1258 -17.66 35.13 -25.98
N GLU A 1259 -17.67 34.14 -25.09
CA GLU A 1259 -16.99 34.24 -23.81
C GLU A 1259 -15.48 34.38 -23.94
N CYS A 1260 -14.91 33.92 -25.05
CA CYS A 1260 -13.50 34.19 -25.29
C CYS A 1260 -13.28 35.61 -25.80
N VAL A 1261 -14.17 36.12 -26.66
CA VAL A 1261 -13.92 37.43 -27.24
C VAL A 1261 -14.28 38.55 -26.27
N ILE A 1262 -15.11 38.28 -25.26
CA ILE A 1262 -15.41 39.29 -24.26
C ILE A 1262 -14.24 39.44 -23.28
N LYS A 1263 -13.71 38.34 -22.79
CA LYS A 1263 -12.64 38.40 -21.81
C LYS A 1263 -11.30 38.81 -22.43
N VAL A 1264 -11.17 38.77 -23.76
CA VAL A 1264 -9.96 39.30 -24.39
C VAL A 1264 -10.09 40.79 -24.66
N SER A 1265 -11.30 41.25 -24.99
CA SER A 1265 -11.54 42.69 -25.13
C SER A 1265 -11.40 43.41 -23.80
N GLY A 1266 -12.07 42.91 -22.76
CA GLY A 1266 -12.08 43.61 -21.49
C GLY A 1266 -10.79 43.48 -20.70
N LEU A 1267 -10.06 42.40 -20.92
CA LEU A 1267 -8.75 42.17 -20.29
C LEU A 1267 -7.80 41.99 -21.45
N ARG A 1268 -7.07 43.03 -21.83
CA ARG A 1268 -6.43 42.98 -23.13
C ARG A 1268 -5.17 42.12 -23.16
N HIS A 1269 -4.28 42.24 -22.19
CA HIS A 1269 -3.12 41.37 -22.14
C HIS A 1269 -2.93 40.74 -20.77
N HIS A 1270 -3.77 41.08 -19.80
CA HIS A 1270 -3.85 40.35 -18.55
C HIS A 1270 -4.76 39.13 -18.66
N TYR A 1271 -5.33 38.92 -19.85
CA TYR A 1271 -6.08 37.69 -20.11
C TYR A 1271 -5.16 36.48 -20.08
N PHE A 1272 -3.94 36.61 -20.56
CA PHE A 1272 -3.02 35.49 -20.69
C PHE A 1272 -2.26 35.20 -19.41
N LYS A 1273 -2.63 35.82 -18.30
CA LYS A 1273 -1.89 35.59 -17.07
C LYS A 1273 -2.44 34.42 -16.27
N ASP A 1274 -3.71 34.07 -16.45
CA ASP A 1274 -4.21 32.90 -15.74
C ASP A 1274 -4.08 31.68 -16.62
N PRO A 1275 -3.56 30.55 -16.09
CA PRO A 1275 -3.28 29.39 -16.95
C PRO A 1275 -4.52 28.68 -17.45
N TRP A 1276 -5.68 28.89 -16.84
CA TRP A 1276 -6.89 28.29 -17.37
C TRP A 1276 -7.49 29.12 -18.50
N ASN A 1277 -7.08 30.38 -18.63
CA ASN A 1277 -7.49 31.18 -19.78
C ASN A 1277 -6.72 30.83 -21.04
N ILE A 1278 -5.54 30.22 -20.91
CA ILE A 1278 -4.84 29.72 -22.09
C ILE A 1278 -5.56 28.50 -22.65
N ILE A 1279 -5.92 27.57 -21.76
CA ILE A 1279 -6.57 26.32 -22.17
C ILE A 1279 -7.98 26.57 -22.69
N ASP A 1280 -8.66 27.60 -22.17
CA ASP A 1280 -9.87 28.11 -22.81
C ASP A 1280 -9.58 28.61 -24.21
N PHE A 1281 -8.49 29.35 -24.37
CA PHE A 1281 -8.20 29.99 -25.65
C PHE A 1281 -7.64 29.01 -26.66
N LEU A 1282 -6.85 28.04 -26.22
CA LEU A 1282 -6.37 26.99 -27.12
C LEU A 1282 -7.51 26.13 -27.62
N TYR A 1283 -8.50 25.85 -26.76
CA TYR A 1283 -9.59 24.98 -27.17
C TYR A 1283 -10.49 25.65 -28.19
N VAL A 1284 -10.78 26.94 -28.01
CA VAL A 1284 -11.71 27.61 -28.92
C VAL A 1284 -11.08 27.82 -30.29
N VAL A 1285 -9.77 28.06 -30.34
CA VAL A 1285 -9.08 28.20 -31.61
C VAL A 1285 -9.04 26.87 -32.37
N LEU A 1286 -8.73 25.77 -31.68
CA LEU A 1286 -8.65 24.49 -32.37
C LEU A 1286 -10.01 23.87 -32.66
N ALA A 1287 -11.08 24.40 -32.08
CA ALA A 1287 -12.42 23.91 -32.37
C ALA A 1287 -13.06 24.67 -33.52
N ILE A 1288 -12.83 25.98 -33.62
CA ILE A 1288 -13.29 26.74 -34.77
C ILE A 1288 -12.56 26.28 -36.03
N ALA A 1289 -11.26 26.00 -35.90
CA ALA A 1289 -10.45 25.52 -37.00
C ALA A 1289 -10.66 24.05 -37.31
N GLY A 1290 -11.59 23.38 -36.65
CA GLY A 1290 -12.03 22.06 -37.04
C GLY A 1290 -13.31 22.14 -37.83
N LEU A 1291 -14.19 23.06 -37.45
CA LEU A 1291 -15.48 23.21 -38.11
C LEU A 1291 -15.36 23.74 -39.53
N MET A 1292 -14.39 24.60 -39.79
CA MET A 1292 -14.06 25.02 -41.14
C MET A 1292 -12.78 24.29 -41.53
N LEU A 1293 -12.20 24.68 -42.67
CA LEU A 1293 -10.94 24.12 -43.19
C LEU A 1293 -11.08 22.61 -43.42
N SER A 1294 -11.98 22.26 -44.34
CA SER A 1294 -12.21 20.86 -44.67
C SER A 1294 -11.23 20.33 -45.72
N ASP A 1295 -10.73 21.19 -46.61
CA ASP A 1295 -9.80 20.72 -47.64
C ASP A 1295 -8.34 20.79 -47.19
N VAL A 1296 -8.10 20.27 -45.99
CA VAL A 1296 -6.77 20.12 -45.41
C VAL A 1296 -6.20 18.77 -45.85
N ILE A 1297 -4.90 18.58 -45.62
CA ILE A 1297 -4.19 17.38 -46.07
C ILE A 1297 -4.01 16.51 -44.82
N GLU A 1298 -5.02 16.57 -43.94
CA GLU A 1298 -4.99 16.01 -42.59
C GLU A 1298 -4.72 14.52 -42.55
N LYS A 1299 -3.67 14.16 -41.80
CA LYS A 1299 -3.21 12.79 -41.63
C LYS A 1299 -2.96 12.56 -40.13
N TYR A 1300 -4.01 12.87 -39.34
CA TYR A 1300 -4.06 13.19 -37.89
C TYR A 1300 -3.51 14.58 -37.62
N PHE A 1301 -3.63 15.49 -38.58
CA PHE A 1301 -3.02 16.82 -38.48
C PHE A 1301 -3.76 17.69 -37.48
N ILE A 1302 -5.09 17.65 -37.53
CA ILE A 1302 -5.96 18.41 -36.62
C ILE A 1302 -6.92 17.47 -35.90
N SER A 1303 -6.42 16.27 -35.56
CA SER A 1303 -7.08 15.08 -35.02
C SER A 1303 -8.09 15.35 -33.90
N PRO A 1304 -9.24 14.67 -33.93
CA PRO A 1304 -10.26 14.91 -32.89
C PRO A 1304 -9.90 14.36 -31.53
N THR A 1305 -8.85 13.53 -31.42
CA THR A 1305 -8.43 13.04 -30.12
C THR A 1305 -7.83 14.15 -29.27
N LEU A 1306 -7.10 15.06 -29.90
CA LEU A 1306 -6.54 16.20 -29.18
C LEU A 1306 -7.60 17.25 -28.87
N LEU A 1307 -8.70 17.29 -29.61
CA LEU A 1307 -9.81 18.15 -29.24
C LEU A 1307 -10.57 17.62 -28.05
N ARG A 1308 -10.68 16.30 -27.93
CA ARG A 1308 -11.41 15.71 -26.81
C ARG A 1308 -10.67 15.89 -25.50
N ILE A 1309 -9.36 16.00 -25.53
CA ILE A 1309 -8.61 16.20 -24.30
C ILE A 1309 -8.68 17.65 -23.83
N LEU A 1310 -8.82 18.61 -24.74
CA LEU A 1310 -8.97 20.00 -24.32
C LEU A 1310 -10.39 20.34 -23.89
N ARG A 1311 -11.38 19.51 -24.20
CA ARG A 1311 -12.70 19.71 -23.61
C ARG A 1311 -12.71 19.33 -22.13
N ILE A 1312 -11.91 18.35 -21.74
CA ILE A 1312 -12.04 17.71 -20.44
C ILE A 1312 -11.02 18.31 -19.48
N LEU A 1313 -9.86 18.71 -19.99
CA LEU A 1313 -8.86 19.32 -19.14
C LEU A 1313 -9.29 20.69 -18.67
N ARG A 1314 -10.27 21.28 -19.35
CA ARG A 1314 -10.87 22.56 -19.03
C ARG A 1314 -11.81 22.51 -17.83
N VAL A 1315 -12.14 21.30 -17.33
CA VAL A 1315 -13.01 21.18 -16.16
C VAL A 1315 -12.31 21.69 -14.91
N GLY A 1316 -10.99 21.54 -14.84
CA GLY A 1316 -10.18 21.88 -13.67
C GLY A 1316 -10.22 23.30 -13.15
N ARG A 1317 -10.98 24.16 -13.82
CA ARG A 1317 -11.38 25.45 -13.26
C ARG A 1317 -12.21 25.27 -11.98
N LEU A 1318 -12.87 24.11 -11.81
CA LEU A 1318 -13.57 23.82 -10.55
C LEU A 1318 -12.65 23.79 -9.35
N LEU A 1319 -11.39 23.38 -9.51
CA LEU A 1319 -10.51 23.23 -8.35
C LEU A 1319 -10.19 24.57 -7.69
N ARG A 1320 -10.39 25.68 -8.39
CA ARG A 1320 -10.20 27.00 -7.80
C ARG A 1320 -11.51 27.72 -7.58
N TYR A 1321 -12.64 27.01 -7.64
CA TYR A 1321 -13.90 27.65 -7.29
C TYR A 1321 -14.50 27.17 -5.99
N PHE A 1322 -14.33 25.91 -5.59
CA PHE A 1322 -14.81 25.56 -4.27
C PHE A 1322 -13.80 26.05 -3.22
N GLN A 1323 -14.26 27.00 -2.42
CA GLN A 1323 -13.60 27.40 -1.19
C GLN A 1323 -14.53 27.36 -0.01
N SER A 1324 -15.84 27.40 -0.23
CA SER A 1324 -16.80 27.25 0.84
C SER A 1324 -16.79 25.83 1.40
N ALA A 1325 -16.35 24.86 0.60
CA ALA A 1325 -15.99 23.56 1.13
C ALA A 1325 -14.64 23.72 1.81
N ARG A 1326 -14.67 23.86 3.13
CA ARG A 1326 -13.44 24.05 3.88
C ARG A 1326 -12.59 22.78 3.90
N GLY A 1327 -13.21 21.61 3.90
CA GLY A 1327 -12.46 20.38 3.97
C GLY A 1327 -11.75 20.02 2.69
N MET A 1328 -12.23 20.51 1.55
CA MET A 1328 -11.54 20.24 0.29
C MET A 1328 -10.46 21.27 0.04
N ARG A 1329 -10.78 22.54 0.29
CA ARG A 1329 -9.83 23.63 0.11
C ARG A 1329 -8.63 23.48 1.02
N LEU A 1330 -8.79 22.79 2.14
CA LEU A 1330 -7.68 22.49 3.00
C LEU A 1330 -6.83 21.36 2.47
N LEU A 1331 -7.37 20.56 1.56
CA LEU A 1331 -6.71 19.37 1.07
C LEU A 1331 -6.12 19.57 -0.32
N LEU A 1332 -6.66 20.51 -1.09
CA LEU A 1332 -6.00 21.01 -2.29
C LEU A 1332 -4.89 21.99 -1.97
N LEU A 1333 -4.92 22.62 -0.80
CA LEU A 1333 -3.83 23.50 -0.40
C LEU A 1333 -2.58 22.70 -0.07
N ALA A 1334 -2.73 21.62 0.71
CA ALA A 1334 -1.62 20.75 1.04
C ALA A 1334 -1.09 20.02 -0.19
N LEU A 1335 -1.92 19.81 -1.20
CA LEU A 1335 -1.44 19.19 -2.42
C LEU A 1335 -0.57 20.17 -3.21
N ARG A 1336 -1.04 21.40 -3.36
CA ARG A 1336 -0.34 22.43 -4.12
C ARG A 1336 1.02 22.76 -3.55
N LYS A 1337 1.16 22.72 -2.23
CA LYS A 1337 2.45 22.99 -1.64
C LYS A 1337 3.42 21.83 -1.75
N ALA A 1338 2.92 20.62 -2.04
CA ALA A 1338 3.74 19.43 -2.19
C ALA A 1338 4.11 19.12 -3.63
N LEU A 1339 3.54 19.80 -4.63
CA LEU A 1339 3.75 19.45 -6.04
C LEU A 1339 5.21 19.58 -6.48
N ARG A 1340 6.00 20.43 -5.84
CA ARG A 1340 7.37 20.60 -6.29
C ARG A 1340 8.24 19.43 -5.88
N THR A 1341 8.15 19.02 -4.61
CA THR A 1341 8.91 17.88 -4.15
C THR A 1341 8.23 16.55 -4.40
N LEU A 1342 7.03 16.52 -4.96
CA LEU A 1342 6.50 15.28 -5.51
C LEU A 1342 6.91 15.08 -6.95
N PHE A 1343 7.18 16.17 -7.67
CA PHE A 1343 7.81 16.07 -8.99
C PHE A 1343 9.25 15.64 -8.88
N ASN A 1344 9.91 15.94 -7.76
CA ASN A 1344 11.27 15.50 -7.55
C ASN A 1344 11.39 14.05 -7.10
N VAL A 1345 10.34 13.46 -6.51
CA VAL A 1345 10.41 12.03 -6.24
C VAL A 1345 10.23 11.27 -7.55
N SER A 1346 9.46 11.81 -8.48
CA SER A 1346 9.19 11.10 -9.72
C SER A 1346 10.32 11.26 -10.72
N PHE A 1347 11.10 12.33 -10.62
CA PHE A 1347 12.24 12.50 -11.50
C PHE A 1347 13.47 11.78 -10.99
N LEU A 1348 13.52 11.49 -9.69
CA LEU A 1348 14.46 10.52 -9.17
C LEU A 1348 14.06 9.11 -9.56
N LEU A 1349 12.76 8.86 -9.66
CA LEU A 1349 12.24 7.56 -10.04
C LEU A 1349 12.59 7.21 -11.49
N PHE A 1350 12.54 8.19 -12.40
CA PHE A 1350 12.82 7.94 -13.80
C PHE A 1350 14.30 7.69 -14.05
N VAL A 1351 15.18 8.29 -13.27
CA VAL A 1351 16.62 8.05 -13.42
C VAL A 1351 17.00 6.67 -12.90
N ILE A 1352 16.34 6.18 -11.85
CA ILE A 1352 16.54 4.81 -11.42
C ILE A 1352 15.99 3.84 -12.45
N MET A 1353 14.91 4.21 -13.12
CA MET A 1353 14.42 3.42 -14.24
C MET A 1353 15.34 3.52 -15.45
N PHE A 1354 16.03 4.64 -15.60
CA PHE A 1354 16.94 4.79 -16.74
C PHE A 1354 18.17 3.94 -16.58
N VAL A 1355 18.73 3.89 -15.38
CA VAL A 1355 19.93 3.11 -15.11
C VAL A 1355 19.66 1.63 -15.27
N TYR A 1356 18.54 1.15 -14.75
CA TYR A 1356 18.28 -0.27 -14.86
C TYR A 1356 17.83 -0.68 -16.25
N ALA A 1357 17.29 0.24 -17.04
CA ALA A 1357 16.89 -0.13 -18.38
C ALA A 1357 18.11 -0.33 -19.26
N VAL A 1358 19.14 0.48 -19.06
CA VAL A 1358 20.33 0.30 -19.86
C VAL A 1358 21.13 -0.92 -19.38
N PHE A 1359 21.00 -1.30 -18.11
CA PHE A 1359 21.58 -2.53 -17.63
C PHE A 1359 20.77 -3.74 -18.01
N GLY A 1360 19.45 -3.62 -18.03
CA GLY A 1360 18.63 -4.76 -18.39
C GLY A 1360 18.67 -5.09 -19.87
N MET A 1361 18.88 -4.09 -20.72
CA MET A 1361 19.11 -4.38 -22.13
C MET A 1361 20.42 -5.10 -22.35
N GLU A 1362 21.42 -4.88 -21.52
CA GLU A 1362 22.67 -5.57 -21.74
C GLU A 1362 22.65 -6.97 -21.16
N PHE A 1363 21.71 -7.25 -20.27
CA PHE A 1363 21.57 -8.55 -19.64
C PHE A 1363 20.53 -9.44 -20.29
N PHE A 1364 19.37 -8.90 -20.70
CA PHE A 1364 18.22 -9.76 -20.97
C PHE A 1364 17.62 -9.52 -22.35
N MET A 1365 18.42 -9.02 -23.29
CA MET A 1365 17.93 -8.72 -24.63
C MET A 1365 17.77 -9.97 -25.48
N HIS A 1366 18.57 -11.00 -25.23
CA HIS A 1366 18.51 -12.25 -25.98
C HIS A 1366 17.97 -13.31 -25.04
N ILE A 1367 16.66 -13.36 -24.91
CA ILE A 1367 16.00 -14.26 -23.95
C ILE A 1367 14.75 -14.83 -24.60
N ARG A 1368 14.61 -16.14 -24.49
CA ARG A 1368 13.47 -16.87 -25.03
C ARG A 1368 12.18 -16.49 -24.30
N ASP A 1369 11.06 -16.49 -25.03
CA ASP A 1369 9.79 -15.99 -24.50
C ASP A 1369 9.19 -16.94 -23.48
N ALA A 1370 8.87 -16.40 -22.29
CA ALA A 1370 8.29 -17.20 -21.22
C ALA A 1370 7.56 -16.30 -20.25
N GLY A 1371 6.34 -16.64 -19.91
CA GLY A 1371 5.66 -15.93 -18.84
C GLY A 1371 5.16 -14.55 -19.21
N ALA A 1372 6.06 -13.58 -19.17
CA ALA A 1372 5.72 -12.20 -19.46
C ALA A 1372 6.49 -11.63 -20.64
N ILE A 1373 7.63 -12.19 -20.97
CA ILE A 1373 8.46 -11.68 -22.04
C ILE A 1373 7.97 -12.27 -23.34
N ASP A 1374 7.63 -11.41 -24.29
CA ASP A 1374 7.06 -11.85 -25.55
C ASP A 1374 7.50 -10.86 -26.62
N ASP A 1375 6.77 -10.85 -27.74
CA ASP A 1375 7.13 -10.01 -28.87
C ASP A 1375 6.84 -8.53 -28.65
N VAL A 1376 6.07 -8.18 -27.62
CA VAL A 1376 5.73 -6.79 -27.31
C VAL A 1376 6.42 -6.30 -26.04
N TYR A 1377 6.39 -7.09 -24.98
CA TYR A 1377 6.95 -6.69 -23.69
C TYR A 1377 8.23 -7.48 -23.49
N ASN A 1378 9.37 -6.83 -23.68
CA ASN A 1378 10.68 -7.47 -23.52
C ASN A 1378 11.72 -6.37 -23.26
N PHE A 1379 13.00 -6.74 -23.32
CA PHE A 1379 14.10 -5.83 -23.05
C PHE A 1379 14.92 -5.51 -24.30
N LYS A 1380 14.31 -5.56 -25.49
CA LYS A 1380 15.10 -5.43 -26.72
C LYS A 1380 15.53 -3.99 -26.96
N THR A 1381 14.61 -3.06 -26.88
CA THR A 1381 14.92 -1.65 -27.06
C THR A 1381 14.75 -0.93 -25.74
N PHE A 1382 15.11 0.35 -25.75
CA PHE A 1382 15.03 1.14 -24.54
C PHE A 1382 13.60 1.46 -24.18
N GLY A 1383 12.81 1.88 -25.17
CA GLY A 1383 11.43 2.22 -24.91
C GLY A 1383 10.60 1.03 -24.49
N GLN A 1384 10.95 -0.15 -24.99
CA GLN A 1384 10.32 -1.38 -24.53
C GLN A 1384 10.77 -1.79 -23.15
N SER A 1385 11.97 -1.39 -22.75
CA SER A 1385 12.42 -1.66 -21.40
C SER A 1385 11.75 -0.74 -20.39
N ILE A 1386 11.42 0.47 -20.79
CA ILE A 1386 10.77 1.44 -19.92
C ILE A 1386 9.31 1.09 -19.69
N ILE A 1387 8.66 0.43 -20.66
CA ILE A 1387 7.33 -0.11 -20.45
C ILE A 1387 7.35 -1.18 -19.38
N LEU A 1388 8.42 -1.99 -19.32
CA LEU A 1388 8.48 -3.02 -18.29
C LEU A 1388 8.87 -2.47 -16.93
N LEU A 1389 9.90 -1.61 -16.85
CA LEU A 1389 10.32 -1.13 -15.55
C LEU A 1389 9.33 -0.17 -14.90
N PHE A 1390 8.40 0.39 -15.65
CA PHE A 1390 7.36 1.22 -15.03
C PHE A 1390 6.31 0.38 -14.35
N GLN A 1391 5.84 -0.66 -15.04
CA GLN A 1391 4.94 -1.66 -14.47
C GLN A 1391 5.54 -2.29 -13.24
N LEU A 1392 6.82 -2.61 -13.30
CA LEU A 1392 7.52 -3.36 -12.29
C LEU A 1392 7.94 -2.49 -11.12
N ALA A 1393 7.77 -1.17 -11.23
CA ALA A 1393 8.03 -0.26 -10.13
C ALA A 1393 6.94 -0.32 -9.08
N THR A 1394 5.72 -0.67 -9.47
CA THR A 1394 4.64 -0.90 -8.53
C THR A 1394 4.54 -2.35 -8.11
N SER A 1395 5.59 -3.14 -8.37
CA SER A 1395 5.78 -4.56 -8.14
C SER A 1395 4.87 -5.45 -8.96
N ALA A 1396 4.12 -4.89 -9.92
CA ALA A 1396 3.07 -5.62 -10.63
C ALA A 1396 3.68 -6.62 -11.58
N GLY A 1397 3.48 -7.90 -11.29
CA GLY A 1397 3.89 -8.93 -12.21
C GLY A 1397 5.35 -9.29 -12.20
N TRP A 1398 6.03 -9.19 -11.06
CA TRP A 1398 7.45 -9.53 -11.10
C TRP A 1398 7.68 -11.02 -11.11
N ASP A 1399 6.67 -11.83 -10.80
CA ASP A 1399 6.85 -13.27 -10.74
C ASP A 1399 7.00 -13.88 -12.13
N GLY A 1400 6.30 -13.35 -13.12
CA GLY A 1400 6.36 -13.82 -14.48
C GLY A 1400 7.49 -13.18 -15.25
N VAL A 1401 7.96 -12.02 -14.80
CA VAL A 1401 9.20 -11.48 -15.33
C VAL A 1401 10.37 -12.30 -14.83
N TYR A 1402 10.32 -12.73 -13.57
CA TYR A 1402 11.33 -13.61 -13.00
C TYR A 1402 11.39 -14.96 -13.69
N PHE A 1403 10.25 -15.48 -14.13
CA PHE A 1403 10.20 -16.80 -14.73
C PHE A 1403 10.95 -16.85 -16.05
N ALA A 1404 11.04 -15.75 -16.78
CA ALA A 1404 11.74 -15.68 -18.05
C ALA A 1404 13.20 -15.34 -17.91
N ILE A 1405 13.53 -14.28 -17.15
CA ILE A 1405 14.91 -13.82 -17.09
C ILE A 1405 15.79 -14.68 -16.21
N ALA A 1406 15.24 -15.66 -15.50
CA ALA A 1406 16.02 -16.62 -14.75
C ALA A 1406 15.98 -18.02 -15.36
N ASN A 1407 15.40 -18.17 -16.54
CA ASN A 1407 15.18 -19.48 -17.14
C ASN A 1407 16.48 -20.00 -17.72
N GLU A 1408 16.94 -21.14 -17.23
CA GLU A 1408 18.21 -21.72 -17.62
C GLU A 1408 18.05 -23.11 -18.19
N GLU A 1409 16.88 -23.40 -18.75
CA GLU A 1409 16.53 -24.76 -19.16
C GLU A 1409 15.99 -24.74 -20.57
N ASP A 1410 16.40 -25.72 -21.38
CA ASP A 1410 16.02 -25.88 -22.79
C ASP A 1410 16.39 -24.66 -23.63
N CYS A 1411 17.49 -24.00 -23.31
CA CYS A 1411 17.95 -22.86 -24.08
C CYS A 1411 19.21 -23.25 -24.84
N ARG A 1412 19.79 -22.27 -25.54
CA ARG A 1412 20.92 -22.50 -26.42
C ARG A 1412 22.11 -21.72 -25.93
N ALA A 1413 23.24 -22.38 -25.82
CA ALA A 1413 24.48 -21.75 -25.42
C ALA A 1413 24.94 -20.77 -26.50
N PRO A 1414 25.54 -19.66 -26.11
CA PRO A 1414 25.99 -18.68 -27.09
C PRO A 1414 27.16 -19.20 -27.91
N ASP A 1415 27.25 -18.68 -29.15
CA ASP A 1415 28.21 -19.16 -30.14
C ASP A 1415 28.87 -17.90 -30.73
N HIS A 1416 30.03 -17.54 -30.19
CA HIS A 1416 30.61 -16.22 -30.49
C HIS A 1416 31.18 -16.17 -31.90
N GLU A 1417 31.95 -17.18 -32.28
CA GLU A 1417 32.64 -17.19 -33.56
C GLU A 1417 31.76 -17.65 -34.72
N LEU A 1418 30.45 -17.77 -34.50
CA LEU A 1418 29.50 -17.99 -35.58
C LEU A 1418 28.54 -16.83 -35.74
N GLY A 1419 28.37 -16.02 -34.70
CA GLY A 1419 27.44 -14.91 -34.74
C GLY A 1419 26.16 -15.12 -33.96
N TYR A 1420 26.16 -15.97 -32.94
CA TYR A 1420 24.92 -16.25 -32.23
C TYR A 1420 25.04 -15.91 -30.75
N PRO A 1421 24.07 -15.19 -30.19
CA PRO A 1421 24.17 -14.76 -28.79
C PRO A 1421 23.53 -15.65 -27.74
N GLY A 1422 22.70 -16.62 -28.10
CA GLY A 1422 22.17 -17.51 -27.08
C GLY A 1422 20.94 -16.98 -26.36
N ASN A 1423 19.90 -17.81 -26.23
CA ASN A 1423 18.65 -17.39 -25.62
C ASN A 1423 18.53 -17.80 -24.16
N CYS A 1424 19.63 -17.82 -23.42
CA CYS A 1424 19.61 -18.30 -22.05
C CYS A 1424 19.50 -17.15 -21.06
N GLY A 1425 18.72 -17.36 -20.02
CA GLY A 1425 18.72 -16.49 -18.86
C GLY A 1425 19.77 -16.90 -17.85
N SER A 1426 19.80 -16.19 -16.74
CA SER A 1426 20.69 -16.47 -15.62
C SER A 1426 19.88 -16.38 -14.36
N ARG A 1427 19.95 -17.41 -13.53
CA ARG A 1427 19.19 -17.38 -12.29
C ARG A 1427 19.83 -16.44 -11.28
N ALA A 1428 21.16 -16.46 -11.15
CA ALA A 1428 21.82 -15.63 -10.17
C ALA A 1428 21.75 -14.15 -10.52
N LEU A 1429 21.77 -13.82 -11.80
CA LEU A 1429 21.71 -12.44 -12.22
C LEU A 1429 20.29 -11.92 -12.30
N GLY A 1430 19.31 -12.81 -12.45
CA GLY A 1430 17.93 -12.36 -12.43
C GLY A 1430 17.42 -12.10 -11.04
N ILE A 1431 17.96 -12.79 -10.04
CA ILE A 1431 17.57 -12.53 -8.65
C ILE A 1431 18.23 -11.26 -8.15
N ALA A 1432 19.48 -11.03 -8.49
CA ALA A 1432 20.17 -9.83 -8.02
C ALA A 1432 19.79 -8.58 -8.78
N TYR A 1433 18.95 -8.69 -9.80
CA TYR A 1433 18.40 -7.58 -10.56
C TYR A 1433 16.99 -7.23 -10.13
N LEU A 1434 16.16 -8.23 -9.84
CA LEU A 1434 14.77 -7.96 -9.47
C LEU A 1434 14.59 -7.69 -7.99
N VAL A 1435 15.26 -8.44 -7.12
CA VAL A 1435 15.21 -8.13 -5.69
C VAL A 1435 15.84 -6.77 -5.42
N SER A 1436 16.82 -6.41 -6.22
CA SER A 1436 17.39 -5.08 -6.15
C SER A 1436 16.38 -3.99 -6.54
N TYR A 1437 15.67 -4.14 -7.66
CA TYR A 1437 14.71 -3.13 -8.09
C TYR A 1437 13.52 -3.03 -7.15
N LEU A 1438 13.05 -4.17 -6.63
CA LEU A 1438 11.86 -4.17 -5.78
C LEU A 1438 12.11 -3.48 -4.45
N ILE A 1439 13.31 -3.60 -3.88
CA ILE A 1439 13.51 -2.91 -2.61
C ILE A 1439 13.94 -1.47 -2.86
N ILE A 1440 14.61 -1.19 -3.97
CA ILE A 1440 15.03 0.17 -4.23
C ILE A 1440 13.85 1.00 -4.73
N THR A 1441 12.99 0.42 -5.55
CA THR A 1441 12.01 1.31 -6.14
C THR A 1441 10.64 1.17 -5.49
N CYS A 1442 10.26 -0.01 -5.00
CA CYS A 1442 8.90 -0.23 -4.52
C CYS A 1442 8.81 -0.21 -3.01
N LEU A 1443 9.91 -0.51 -2.33
CA LEU A 1443 9.88 -0.42 -0.88
C LEU A 1443 10.40 0.90 -0.34
N VAL A 1444 11.22 1.65 -1.08
CA VAL A 1444 11.68 2.89 -0.47
C VAL A 1444 11.33 4.14 -1.28
N VAL A 1445 11.27 4.07 -2.61
CA VAL A 1445 11.06 5.30 -3.36
C VAL A 1445 9.58 5.53 -3.69
N ILE A 1446 8.79 4.47 -3.83
CA ILE A 1446 7.34 4.67 -3.80
C ILE A 1446 6.87 5.11 -2.42
N ASN A 1447 7.50 4.62 -1.36
CA ASN A 1447 7.12 5.05 -0.01
C ASN A 1447 7.52 6.47 0.32
N MET A 1448 8.33 7.09 -0.52
CA MET A 1448 8.64 8.50 -0.40
C MET A 1448 7.48 9.40 -0.83
N TYR A 1449 6.58 8.92 -1.69
CA TYR A 1449 5.39 9.69 -1.98
C TYR A 1449 4.48 9.80 -0.76
N ALA A 1450 4.34 8.72 0.01
CA ALA A 1450 3.54 8.75 1.23
C ALA A 1450 4.16 9.64 2.29
N ALA A 1451 5.48 9.71 2.37
CA ALA A 1451 6.15 10.54 3.35
C ALA A 1451 5.93 12.02 3.08
N VAL A 1452 6.02 12.43 1.81
CA VAL A 1452 5.88 13.83 1.45
C VAL A 1452 4.44 14.30 1.62
N ILE A 1453 3.47 13.49 1.24
CA ILE A 1453 2.07 13.87 1.41
C ILE A 1453 1.76 14.00 2.89
N LEU A 1454 2.15 13.01 3.66
CA LEU A 1454 1.91 13.00 5.09
C LEU A 1454 2.44 14.24 5.79
N ASP A 1455 3.60 14.72 5.38
CA ASP A 1455 4.18 15.89 6.02
C ASP A 1455 3.48 17.21 5.79
N TYR A 1456 2.85 17.38 4.65
CA TYR A 1456 2.15 18.61 4.33
C TYR A 1456 0.70 18.60 4.75
N VAL A 1457 0.06 17.44 4.87
CA VAL A 1457 -1.31 17.41 5.34
C VAL A 1457 -1.35 17.74 6.82
N LEU A 1458 -0.35 17.31 7.56
CA LEU A 1458 -0.23 17.67 8.96
C LEU A 1458 0.04 19.15 9.15
N GLU A 1459 0.81 19.76 8.28
CA GLU A 1459 1.13 21.18 8.45
C GLU A 1459 -0.03 22.07 8.06
N VAL A 1460 -0.80 21.69 7.05
CA VAL A 1460 -1.94 22.49 6.65
C VAL A 1460 -3.09 22.35 7.65
N TYR A 1461 -3.30 21.16 8.20
CA TYR A 1461 -4.35 21.05 9.21
C TYR A 1461 -3.95 21.66 10.54
N GLU A 1462 -2.66 21.73 10.84
CA GLU A 1462 -2.18 22.45 12.01
C GLU A 1462 -2.37 23.96 11.84
N ASP A 1463 -2.44 24.43 10.61
CA ASP A 1463 -2.73 25.83 10.35
C ASP A 1463 -4.20 26.16 10.51
N SER A 1464 -5.09 25.31 9.99
CA SER A 1464 -6.51 25.64 10.01
C SER A 1464 -7.09 25.59 11.42
N LYS A 1465 -6.56 24.70 12.25
CA LYS A 1465 -7.10 24.59 13.60
C LYS A 1465 -6.58 25.70 14.49
N GLU A 1466 -5.29 26.00 14.43
CA GLU A 1466 -4.67 26.86 15.43
C GLU A 1466 -4.07 28.14 14.88
N GLY A 1467 -3.25 28.04 13.84
CA GLY A 1467 -2.62 29.22 13.25
C GLY A 1467 -3.43 29.83 12.12
N LEU A 1468 -2.80 29.99 10.96
CA LEU A 1468 -3.45 30.62 9.80
C LEU A 1468 -3.01 29.93 8.53
N THR A 1469 -3.95 29.47 7.72
CA THR A 1469 -3.61 28.83 6.45
C THR A 1469 -3.14 29.85 5.43
N ASP A 1470 -2.53 29.36 4.36
CA ASP A 1470 -2.01 30.22 3.29
C ASP A 1470 -3.12 30.87 2.49
N ASP A 1471 -4.28 30.22 2.41
CA ASP A 1471 -5.41 30.76 1.68
C ASP A 1471 -6.15 31.82 2.48
N ASP A 1472 -5.74 32.04 3.72
CA ASP A 1472 -6.31 33.09 4.56
C ASP A 1472 -5.59 34.42 4.35
N TYR A 1473 -4.31 34.38 3.99
CA TYR A 1473 -3.60 35.57 3.55
C TYR A 1473 -3.96 35.97 2.14
N ASP A 1474 -4.49 35.04 1.34
CA ASP A 1474 -4.95 35.42 0.01
C ASP A 1474 -6.27 36.15 0.06
N MET A 1475 -7.12 35.87 1.07
CA MET A 1475 -8.38 36.58 1.14
C MET A 1475 -8.25 37.94 1.79
N PHE A 1476 -7.16 38.21 2.51
CA PHE A 1476 -6.96 39.56 3.02
C PHE A 1476 -6.70 40.52 1.89
N PHE A 1477 -5.80 40.16 0.99
CA PHE A 1477 -5.46 41.06 -0.11
C PHE A 1477 -6.45 41.01 -1.24
N GLU A 1478 -7.42 40.10 -1.18
CA GLU A 1478 -8.53 40.10 -2.11
C GLU A 1478 -9.61 41.08 -1.65
N VAL A 1479 -9.69 41.32 -0.35
CA VAL A 1479 -10.53 42.38 0.19
C VAL A 1479 -9.77 43.71 0.22
N TRP A 1480 -8.45 43.65 0.33
CA TRP A 1480 -7.65 44.87 0.41
C TRP A 1480 -7.67 45.65 -0.90
N GLN A 1481 -7.68 44.96 -2.04
CA GLN A 1481 -7.58 45.69 -3.29
C GLN A 1481 -8.87 46.39 -3.69
N GLN A 1482 -9.98 46.12 -3.01
CA GLN A 1482 -11.18 46.91 -3.29
C GLN A 1482 -11.27 48.16 -2.44
N PHE A 1483 -10.28 48.40 -1.56
CA PHE A 1483 -10.15 49.66 -0.85
C PHE A 1483 -8.98 50.50 -1.34
N ASP A 1484 -8.01 49.90 -2.04
CA ASP A 1484 -7.13 50.65 -2.93
C ASP A 1484 -6.87 49.84 -4.19
N PRO A 1485 -7.58 50.15 -5.29
CA PRO A 1485 -7.38 49.38 -6.52
C PRO A 1485 -6.03 49.58 -7.17
N GLU A 1486 -5.41 50.75 -6.96
CA GLU A 1486 -4.13 51.05 -7.58
C GLU A 1486 -2.96 50.36 -6.86
N ALA A 1487 -3.25 49.70 -5.74
CA ALA A 1487 -2.25 49.24 -4.76
C ALA A 1487 -1.36 50.39 -4.33
N THR A 1488 -1.99 51.46 -3.88
CA THR A 1488 -1.32 52.59 -3.25
C THR A 1488 -0.82 52.26 -1.86
N GLN A 1489 -1.10 51.06 -1.36
CA GLN A 1489 -0.46 50.40 -0.23
C GLN A 1489 -0.83 51.07 1.08
N TYR A 1490 -1.83 51.97 1.07
CA TYR A 1490 -2.32 52.70 2.22
C TYR A 1490 -3.81 52.87 2.07
N ILE A 1491 -4.56 52.80 3.18
CA ILE A 1491 -5.99 53.11 3.12
C ILE A 1491 -6.32 54.22 4.11
N ARG A 1492 -7.46 54.85 3.85
CA ARG A 1492 -8.02 55.88 4.71
C ARG A 1492 -8.47 55.27 6.03
N TYR A 1493 -8.43 56.06 7.10
CA TYR A 1493 -8.75 55.55 8.43
C TYR A 1493 -10.23 55.20 8.56
N ASP A 1494 -11.11 55.93 7.86
CA ASP A 1494 -12.53 55.63 7.90
C ASP A 1494 -12.86 54.39 7.08
N GLN A 1495 -11.94 53.97 6.21
CA GLN A 1495 -12.09 52.77 5.42
C GLN A 1495 -11.75 51.50 6.21
N LEU A 1496 -11.17 51.63 7.41
CA LEU A 1496 -10.74 50.44 8.13
C LEU A 1496 -11.89 49.76 8.87
N SER A 1497 -12.83 50.54 9.43
CA SER A 1497 -13.98 49.89 10.04
C SER A 1497 -14.89 49.28 8.99
N GLU A 1498 -14.86 49.81 7.77
CA GLU A 1498 -15.49 49.14 6.64
C GLU A 1498 -14.76 47.88 6.25
N LEU A 1499 -13.44 47.86 6.44
CA LEU A 1499 -12.61 46.75 5.98
C LEU A 1499 -12.87 45.50 6.79
N LEU A 1500 -12.74 45.60 8.11
CA LEU A 1500 -12.88 44.47 9.02
C LEU A 1500 -14.27 43.84 9.00
N GLU A 1501 -15.29 44.55 8.53
CA GLU A 1501 -16.58 43.93 8.32
C GLU A 1501 -16.59 43.09 7.05
N ALA A 1502 -15.71 43.39 6.10
CA ALA A 1502 -15.69 42.67 4.83
C ALA A 1502 -14.78 41.45 4.85
N LEU A 1503 -13.85 41.38 5.81
CA LEU A 1503 -13.08 40.17 6.02
C LEU A 1503 -14.00 39.05 6.48
N GLN A 1504 -13.69 37.82 6.08
CA GLN A 1504 -14.37 36.65 6.62
C GLN A 1504 -13.47 36.00 7.66
N PRO A 1505 -14.02 35.22 8.60
CA PRO A 1505 -13.19 34.68 9.71
C PRO A 1505 -12.13 33.71 9.23
N PRO A 1506 -11.06 33.47 10.02
CA PRO A 1506 -10.75 33.88 11.40
C PRO A 1506 -10.17 35.27 11.61
N LEU A 1507 -10.19 36.14 10.61
CA LEU A 1507 -9.63 37.48 10.78
C LEU A 1507 -10.67 38.56 10.99
N GLN A 1508 -11.96 38.25 10.85
CA GLN A 1508 -12.96 39.32 10.87
C GLN A 1508 -13.24 39.80 12.29
N VAL A 1509 -13.66 41.06 12.36
CA VAL A 1509 -14.15 41.68 13.60
C VAL A 1509 -15.43 42.39 13.19
N GLN A 1510 -16.57 41.86 13.62
CA GLN A 1510 -17.85 42.45 13.25
C GLN A 1510 -18.18 43.64 14.16
N LYS A 1511 -19.41 44.12 14.07
CA LYS A 1511 -19.83 45.27 14.87
C LYS A 1511 -20.05 44.86 16.32
N PRO A 1512 -19.72 45.72 17.29
CA PRO A 1512 -19.05 47.01 17.12
C PRO A 1512 -17.52 46.86 17.13
N ASN A 1513 -16.90 47.02 15.96
CA ASN A 1513 -15.46 46.79 15.86
C ASN A 1513 -14.63 47.95 16.35
N LYS A 1514 -15.25 49.11 16.59
CA LYS A 1514 -14.52 50.37 16.80
C LYS A 1514 -13.72 50.35 18.09
N TYR A 1515 -14.27 49.77 19.15
CA TYR A 1515 -13.56 49.75 20.42
C TYR A 1515 -12.51 48.65 20.48
N LYS A 1516 -12.55 47.69 19.55
CA LYS A 1516 -11.46 46.75 19.42
C LYS A 1516 -10.34 47.33 18.55
N ILE A 1517 -10.69 48.17 17.58
CA ILE A 1517 -9.71 48.98 16.85
C ILE A 1517 -8.95 49.88 17.80
N LEU A 1518 -9.65 50.46 18.78
CA LEU A 1518 -9.18 51.25 19.92
C LEU A 1518 -8.20 50.47 20.82
N SER A 1519 -8.11 49.14 20.68
CA SER A 1519 -7.11 48.35 21.40
C SER A 1519 -5.98 47.81 20.53
N MET A 1520 -6.12 47.77 19.20
CA MET A 1520 -5.06 47.27 18.34
C MET A 1520 -3.94 48.28 18.15
N ASN A 1521 -4.30 49.57 18.23
CA ASN A 1521 -3.55 50.83 18.33
C ASN A 1521 -2.82 51.31 17.07
N ILE A 1522 -2.58 50.43 16.09
CA ILE A 1522 -2.43 50.65 14.64
C ILE A 1522 -1.74 51.96 14.26
N PRO A 1523 -0.42 52.06 14.31
CA PRO A 1523 0.28 53.34 14.10
C PRO A 1523 0.01 53.96 12.73
N ILE A 1524 -0.30 55.24 12.74
CA ILE A 1524 -0.83 55.97 11.58
C ILE A 1524 0.27 56.87 11.04
N CYS A 1525 0.39 56.95 9.72
CA CYS A 1525 1.30 57.89 9.09
C CYS A 1525 0.71 59.30 9.09
N LYS A 1526 1.45 60.25 8.54
CA LYS A 1526 1.06 61.66 8.66
C LYS A 1526 0.18 62.12 7.50
N ASP A 1527 -0.80 61.30 7.14
CA ASP A 1527 -1.84 61.74 6.20
C ASP A 1527 -3.19 61.11 6.57
N ASP A 1528 -3.33 60.55 7.78
CA ASP A 1528 -4.43 59.63 8.16
C ASP A 1528 -4.53 58.46 7.20
N HIS A 1529 -3.40 57.97 6.71
CA HIS A 1529 -3.37 56.77 5.90
C HIS A 1529 -2.37 55.79 6.50
N ILE A 1530 -2.81 54.53 6.59
CA ILE A 1530 -2.17 53.50 7.38
C ILE A 1530 -1.59 52.45 6.45
N PHE A 1531 -0.46 51.87 6.83
CA PHE A 1531 0.24 50.90 6.01
C PHE A 1531 -0.49 49.56 6.07
N TYR A 1532 -0.29 48.72 5.05
CA TYR A 1532 -1.05 47.48 4.98
C TYR A 1532 -0.54 46.46 6.00
N LYS A 1533 0.75 46.50 6.28
CA LYS A 1533 1.33 45.51 7.16
C LYS A 1533 0.94 45.78 8.61
N ASP A 1534 0.79 47.06 8.97
CA ASP A 1534 0.36 47.43 10.32
C ASP A 1534 -1.04 46.94 10.62
N VAL A 1535 -1.90 46.90 9.61
CA VAL A 1535 -3.22 46.28 9.78
C VAL A 1535 -3.07 44.77 9.86
N LEU A 1536 -2.20 44.20 9.03
CA LEU A 1536 -2.09 42.74 8.97
C LEU A 1536 -1.32 42.19 10.16
N GLU A 1537 -0.32 42.92 10.67
CA GLU A 1537 0.38 42.48 11.88
C GLU A 1537 -0.54 42.52 13.10
N ALA A 1538 -1.36 43.55 13.21
CA ALA A 1538 -2.23 43.71 14.36
C ALA A 1538 -3.48 42.84 14.29
N LEU A 1539 -3.69 42.13 13.18
CA LEU A 1539 -4.77 41.15 13.10
C LEU A 1539 -4.28 39.72 13.31
N VAL A 1540 -3.00 39.46 13.05
CA VAL A 1540 -2.43 38.17 13.40
C VAL A 1540 -2.37 38.03 14.92
N LYS A 1541 -1.99 39.09 15.61
CA LYS A 1541 -1.96 39.10 17.07
C LYS A 1541 -3.35 38.99 17.67
N ASP A 1542 -4.39 39.37 16.93
CA ASP A 1542 -5.74 39.21 17.44
C ASP A 1542 -6.18 37.74 17.39
N VAL A 1543 -5.80 37.02 16.34
CA VAL A 1543 -6.21 35.63 16.18
C VAL A 1543 -5.58 34.76 17.24
N PHE A 1544 -4.31 35.01 17.55
CA PHE A 1544 -3.60 34.22 18.53
C PHE A 1544 -3.99 34.55 19.97
N SER A 1545 -4.52 35.76 20.22
CA SER A 1545 -4.92 36.08 21.58
C SER A 1545 -6.29 35.51 21.90
N ARG A 1546 -7.22 35.55 20.95
CA ARG A 1546 -8.58 35.06 21.19
C ARG A 1546 -8.66 33.55 21.26
N ARG A 1547 -7.68 32.83 20.70
CA ARG A 1547 -7.73 31.39 20.55
C ARG A 1547 -6.94 30.64 21.60
N GLY A 1548 -5.78 31.16 22.00
CA GLY A 1548 -4.98 30.55 23.04
C GLY A 1548 -4.65 31.51 24.16
N SER A 1549 -4.89 31.09 25.40
CA SER A 1549 -4.60 31.91 26.57
C SER A 1549 -3.14 31.81 27.02
N PRO A 1550 -2.60 30.59 27.14
CA PRO A 1550 -1.44 30.36 28.02
C PRO A 1550 -0.12 30.97 27.57
N VAL A 1551 0.33 30.69 26.35
CA VAL A 1551 1.62 31.21 25.88
C VAL A 1551 1.48 31.76 24.47
N GLU A 1552 0.25 32.09 24.08
CA GLU A 1552 -0.03 32.38 22.68
C GLU A 1552 0.20 33.83 22.31
N ALA A 1553 -0.11 34.77 23.20
CA ALA A 1553 0.08 36.18 22.89
C ALA A 1553 1.55 36.59 23.00
N GLY A 1554 2.20 36.20 24.09
CA GLY A 1554 3.55 36.66 24.36
C GLY A 1554 4.59 36.09 23.43
N ASP A 1555 4.44 34.83 23.04
CA ASP A 1555 5.40 34.23 22.11
C ASP A 1555 5.19 34.74 20.68
N VAL A 1556 3.97 35.16 20.34
CA VAL A 1556 3.72 35.72 19.02
C VAL A 1556 4.27 37.13 18.91
N GLN A 1557 4.16 37.91 19.99
CA GLN A 1557 4.66 39.29 19.96
C GLN A 1557 6.18 39.34 20.06
N ALA A 1558 6.80 38.35 20.69
CA ALA A 1558 8.25 38.29 20.83
C ALA A 1558 8.88 37.93 19.49
N PRO A 1559 8.22 37.09 18.69
CA PRO A 1559 8.80 36.72 17.39
C PRO A 1559 8.68 37.82 16.37
N ASN A 1560 7.67 38.68 16.48
CA ASN A 1560 7.53 39.81 15.57
C ASN A 1560 8.54 40.91 15.88
N VAL A 1561 9.07 40.96 17.10
CA VAL A 1561 10.12 41.94 17.41
C VAL A 1561 11.46 41.46 16.88
N ASP A 1562 11.68 40.14 16.83
CA ASP A 1562 12.94 39.61 16.36
C ASP A 1562 13.08 39.67 14.85
N GLU A 1563 11.96 39.55 14.12
CA GLU A 1563 12.00 39.59 12.67
C GLU A 1563 11.85 41.01 12.13
N ALA A 1564 11.89 42.03 12.98
CA ALA A 1564 11.83 43.41 12.54
C ALA A 1564 12.91 44.24 13.22
N SER B 1 17.02 -60.12 -22.37
CA SER B 1 17.19 -59.89 -20.94
C SER B 1 16.29 -58.77 -20.43
N ALA B 2 16.83 -58.02 -19.46
CA ALA B 2 16.20 -56.83 -18.86
C ALA B 2 14.85 -57.18 -18.23
N LYS B 3 14.93 -58.01 -17.20
CA LYS B 3 13.78 -58.32 -16.35
C LYS B 3 13.37 -57.07 -15.59
N ASP B 4 12.08 -56.99 -15.25
CA ASP B 4 11.54 -55.78 -14.61
C ASP B 4 12.10 -55.53 -13.21
N GLY B 5 12.69 -56.51 -12.56
CA GLY B 5 13.54 -56.24 -11.40
C GLY B 5 14.89 -56.88 -11.55
N ASP B 6 15.94 -56.06 -11.72
CA ASP B 6 17.29 -56.55 -11.93
C ASP B 6 18.25 -55.67 -11.15
N VAL B 7 19.36 -56.25 -10.73
CA VAL B 7 20.43 -55.51 -10.09
C VAL B 7 21.77 -55.84 -10.72
N GLU B 8 22.69 -54.89 -10.58
CA GLU B 8 24.12 -55.10 -10.79
C GLU B 8 24.81 -54.98 -9.43
N GLY B 9 26.04 -55.47 -9.36
CA GLY B 9 26.83 -55.27 -8.18
C GLY B 9 27.00 -56.53 -7.35
N PRO B 10 27.45 -56.36 -6.11
CA PRO B 10 27.76 -57.53 -5.27
C PRO B 10 26.51 -58.27 -4.82
N ALA B 11 26.75 -59.50 -4.38
CA ALA B 11 25.69 -60.41 -3.96
C ALA B 11 25.14 -59.98 -2.62
N GLY B 12 23.89 -59.54 -2.60
CA GLY B 12 23.28 -59.02 -1.41
C GLY B 12 23.49 -57.53 -1.35
N CYS B 13 22.46 -56.78 -1.72
CA CYS B 13 22.51 -55.32 -1.73
C CYS B 13 21.09 -54.82 -1.76
N LYS B 14 20.93 -53.53 -1.48
CA LYS B 14 19.62 -52.94 -1.28
C LYS B 14 19.07 -52.44 -2.61
N LYS B 15 17.81 -52.77 -2.89
CA LYS B 15 17.15 -52.31 -4.11
C LYS B 15 16.46 -50.97 -3.86
N TYR B 16 15.58 -50.58 -4.77
CA TYR B 16 14.95 -49.27 -4.76
C TYR B 16 13.95 -49.12 -3.61
N ASP B 17 13.96 -47.94 -2.97
CA ASP B 17 13.14 -47.60 -1.79
C ASP B 17 13.31 -48.58 -0.65
N VAL B 18 14.53 -49.05 -0.46
CA VAL B 18 14.90 -49.91 0.65
C VAL B 18 15.96 -49.17 1.45
N GLU B 19 15.90 -49.27 2.78
CA GLU B 19 16.73 -48.42 3.63
C GLU B 19 18.21 -48.81 3.52
N CYS B 20 19.05 -47.80 3.35
CA CYS B 20 20.48 -47.98 3.13
C CYS B 20 21.28 -47.39 4.27
N ASP B 21 22.29 -48.12 4.72
CA ASP B 21 23.26 -47.59 5.68
C ASP B 21 24.56 -47.25 4.96
N SER B 22 24.52 -46.16 4.19
CA SER B 22 25.67 -45.40 3.70
C SER B 22 26.57 -46.11 2.70
N GLY B 23 26.32 -47.38 2.46
CA GLY B 23 26.96 -48.18 1.44
C GLY B 23 25.89 -49.12 0.95
N GLU B 24 26.28 -50.37 0.71
CA GLU B 24 25.44 -51.56 0.57
C GLU B 24 24.19 -51.39 -0.31
N CYS B 25 24.26 -50.47 -1.27
CA CYS B 25 23.18 -50.17 -2.18
C CYS B 25 23.67 -50.53 -3.57
N CYS B 26 22.81 -51.16 -4.37
CA CYS B 26 23.23 -51.89 -5.55
C CYS B 26 23.77 -50.94 -6.62
N GLN B 27 24.59 -51.49 -7.51
CA GLN B 27 25.33 -50.65 -8.43
C GLN B 27 24.43 -50.05 -9.50
N LYS B 28 23.47 -50.84 -9.99
CA LYS B 28 22.67 -50.44 -11.12
C LYS B 28 21.37 -51.24 -11.07
N GLN B 29 20.27 -50.62 -11.48
CA GLN B 29 18.94 -51.17 -11.33
C GLN B 29 18.17 -50.95 -12.62
N TYR B 30 17.40 -51.94 -13.03
CA TYR B 30 16.60 -51.82 -14.23
C TYR B 30 15.17 -51.44 -13.87
N LEU B 31 14.88 -50.14 -13.83
CA LEU B 31 13.54 -49.71 -13.51
C LEU B 31 13.08 -48.58 -14.42
N TRP B 32 11.87 -48.74 -14.93
CA TRP B 32 11.24 -47.77 -15.81
C TRP B 32 11.72 -47.79 -17.27
N TYR B 33 12.34 -48.89 -17.66
CA TYR B 33 12.76 -49.10 -19.05
C TYR B 33 14.18 -48.62 -19.34
N LYS B 34 15.00 -48.43 -18.32
CA LYS B 34 16.41 -48.09 -18.48
C LYS B 34 17.19 -48.77 -17.37
N TRP B 35 18.52 -48.61 -17.41
CA TRP B 35 19.41 -48.94 -16.30
C TRP B 35 19.68 -47.67 -15.53
N ARG B 36 19.12 -47.57 -14.32
CA ARG B 36 19.46 -46.36 -13.58
C ARG B 36 20.49 -46.68 -12.51
N PRO B 37 21.44 -45.79 -12.25
CA PRO B 37 22.37 -46.00 -11.13
C PRO B 37 21.77 -45.57 -9.81
N LEU B 38 21.86 -46.44 -8.82
CA LEU B 38 21.27 -46.20 -7.52
C LEU B 38 22.27 -45.55 -6.57
N ASP B 39 21.73 -44.94 -5.52
CA ASP B 39 22.51 -44.16 -4.58
C ASP B 39 21.72 -44.11 -3.27
N CYS B 40 22.36 -43.67 -2.21
CA CYS B 40 21.74 -43.63 -0.89
C CYS B 40 21.46 -42.19 -0.54
N ARG B 41 20.19 -41.82 -0.45
CA ARG B 41 19.77 -40.46 -0.17
C ARG B 41 18.88 -40.47 1.06
N CYS B 42 18.75 -39.31 1.69
CA CYS B 42 17.92 -39.14 2.87
C CYS B 42 16.84 -38.11 2.56
N LEU B 43 15.60 -38.57 2.48
CA LEU B 43 14.49 -37.74 2.00
C LEU B 43 13.61 -37.34 3.16
N LYS B 44 13.00 -36.16 3.02
CA LYS B 44 12.30 -35.49 4.12
C LYS B 44 11.05 -36.25 4.54
N SER B 45 10.88 -36.47 5.85
CA SER B 45 9.67 -37.12 6.35
C SER B 45 9.41 -36.62 7.77
N GLY B 46 8.65 -35.55 7.88
CA GLY B 46 8.35 -34.96 9.17
C GLY B 46 9.26 -33.81 9.53
N PHE B 47 8.97 -33.19 10.67
CA PHE B 47 9.77 -32.10 11.19
C PHE B 47 11.13 -32.61 11.64
N PHE B 48 12.18 -32.22 10.92
CA PHE B 48 13.58 -32.53 11.22
C PHE B 48 13.83 -34.03 11.31
N SER B 49 13.12 -34.79 10.50
CA SER B 49 13.28 -36.23 10.43
C SER B 49 13.44 -36.59 8.97
N SER B 50 14.23 -37.63 8.69
CA SER B 50 14.41 -38.08 7.33
C SER B 50 14.78 -39.55 7.34
N LYS B 51 14.02 -40.36 6.62
CA LYS B 51 14.37 -41.76 6.46
C LYS B 51 15.25 -41.93 5.23
N CYS B 52 16.33 -42.68 5.37
CA CYS B 52 17.36 -42.77 4.34
C CYS B 52 17.19 -44.08 3.59
N VAL B 53 16.80 -43.98 2.32
CA VAL B 53 16.52 -45.14 1.48
C VAL B 53 17.27 -45.03 0.17
N CYS B 54 17.45 -46.18 -0.50
CA CYS B 54 18.09 -46.21 -1.81
C CYS B 54 17.19 -45.61 -2.86
N ARG B 55 17.70 -44.61 -3.55
CA ARG B 55 16.96 -43.91 -4.58
C ARG B 55 17.91 -43.69 -5.74
N ASP B 56 17.38 -43.70 -6.96
CA ASP B 56 18.22 -43.48 -8.12
C ASP B 56 18.73 -42.04 -8.16
N VAL B 57 19.77 -41.82 -8.95
CA VAL B 57 20.28 -40.48 -9.09
C VAL B 57 19.42 -39.74 -10.12
C1 NAG C . -6.07 -1.41 -39.41
C2 NAG C . -7.50 -0.99 -39.14
C3 NAG C . -8.46 -1.72 -40.08
C4 NAG C . -8.04 -1.57 -41.55
C5 NAG C . -6.56 -1.94 -41.69
C6 NAG C . -6.01 -1.66 -43.06
C7 NAG C . -8.04 -0.38 -36.79
C8 NAG C . -7.93 1.06 -37.18
N2 NAG C . -7.84 -1.30 -37.75
O3 NAG C . -9.77 -1.19 -39.88
O4 NAG C . -8.78 -2.51 -42.32
O5 NAG C . -5.77 -1.17 -40.76
O6 NAG C . -5.78 -0.28 -43.25
O7 NAG C . -8.32 -0.71 -35.65
C1 NAG C . -9.92 -2.03 -43.04
C2 NAG C . -10.02 -2.90 -44.29
C3 NAG C . -11.33 -2.63 -45.05
C4 NAG C . -12.52 -2.76 -44.11
C5 NAG C . -12.32 -1.81 -42.94
C6 NAG C . -13.41 -1.89 -41.91
C7 NAG C . -8.02 -3.56 -45.54
C8 NAG C . -6.91 -3.09 -46.42
N2 NAG C . -8.88 -2.63 -45.16
O3 NAG C . -11.48 -3.58 -46.09
O4 NAG C . -13.75 -2.49 -44.79
O5 NAG C . -11.11 -2.18 -42.27
O6 NAG C . -13.33 -0.77 -41.03
O7 NAG C . -8.11 -4.72 -45.17
C1 NAG D . 6.83 -45.87 -23.36
C2 NAG D . 8.32 -46.15 -23.62
C3 NAG D . 8.57 -47.60 -24.07
C4 NAG D . 7.66 -48.63 -23.37
C5 NAG D . 6.25 -48.09 -23.19
C6 NAG D . 5.38 -48.96 -22.31
C7 NAG D . 10.16 -44.97 -24.77
C8 NAG D . 10.51 -44.01 -25.87
N2 NAG D . 8.86 -45.23 -24.61
O3 NAG D . 9.93 -47.87 -23.77
O4 NAG D . 7.52 -49.86 -24.08
O5 NAG D . 6.31 -46.82 -22.54
O6 NAG D . 4.45 -48.17 -21.59
O7 NAG D . 11.02 -45.48 -24.06
C1 NAG D . 8.31 -50.14 -25.28
C2 NAG D . 8.55 -51.67 -25.38
C3 NAG D . 9.29 -52.01 -26.67
C4 NAG D . 8.64 -51.35 -27.88
C5 NAG D . 8.47 -49.86 -27.63
C6 NAG D . 7.78 -49.13 -28.76
C7 NAG D . 10.46 -51.89 -23.75
C8 NAG D . 10.90 -52.64 -22.54
N2 NAG D . 9.23 -52.21 -24.21
O3 NAG D . 9.30 -53.43 -26.86
O4 NAG D . 9.45 -51.54 -29.04
O5 NAG D . 7.65 -49.67 -26.47
O6 NAG D . 7.78 -47.72 -28.54
O7 NAG D . 11.18 -51.04 -24.28
C1 NAG E . -1.84 -32.92 -26.00
C2 NAG E . -2.65 -34.16 -25.53
C3 NAG E . -3.79 -34.50 -26.48
C4 NAG E . -4.71 -33.31 -26.60
C5 NAG E . -3.95 -32.11 -27.22
C6 NAG E . -4.25 -30.80 -26.53
C7 NAG E . -1.01 -36.18 -25.67
C8 NAG E . -0.67 -36.01 -27.13
N2 NAG E . -1.88 -35.32 -25.06
O3 NAG E . -4.49 -35.63 -25.97
O4 NAG E . -5.83 -33.62 -27.42
O5 NAG E . -2.53 -32.30 -27.19
O6 NAG E . -4.37 -30.95 -25.12
O7 NAG E . -0.50 -37.09 -25.03
C1 NAG F . -18.12 -20.35 -38.55
C2 NAG F . -19.65 -20.54 -38.58
C3 NAG F . -20.02 -22.01 -38.78
C4 NAG F . -19.33 -22.56 -40.03
C5 NAG F . -17.82 -22.37 -39.91
C6 NAG F . -17.07 -22.83 -41.14
C7 NAG F . -20.09 -20.26 -36.12
C8 NAG F . -20.92 -19.47 -35.14
N2 NAG F . -20.31 -19.97 -37.41
O3 NAG F . -21.43 -22.11 -38.93
O4 NAG F . -19.62 -23.94 -40.17
O5 NAG F . -17.52 -20.98 -39.73
O6 NAG F . -17.51 -24.12 -41.54
O7 NAG F . -19.30 -21.11 -35.75
C1 NAG G . -23.59 -15.68 -41.24
C2 NAG G . -24.53 -16.86 -41.60
C3 NAG G . -25.40 -17.20 -40.39
C4 NAG G . -24.56 -17.41 -39.15
C5 NAG G . -23.62 -16.23 -38.93
C6 NAG G . -22.66 -16.42 -37.78
C7 NAG G . -25.67 -17.39 -43.75
C8 NAG G . -25.01 -18.74 -43.70
N2 NAG G . -25.40 -16.55 -42.74
O3 NAG G . -26.15 -18.38 -40.65
O4 NAG G . -25.42 -17.55 -38.01
O5 NAG G . -22.82 -16.02 -40.10
O6 NAG G . -21.39 -15.86 -38.12
O7 NAG G . -26.41 -17.06 -44.67
NA NA H . -7.44 -9.73 -8.30
#